data_6PJJ
#
_entry.id   6PJJ
#
_cell.length_a   241.812
_cell.length_b   241.812
_cell.length_c   50.230
_cell.angle_alpha   90.000
_cell.angle_beta   90.000
_cell.angle_gamma   120.000
#
_symmetry.space_group_name_H-M   'P 65'
#
loop_
_entity.id
_entity.type
_entity.pdbx_description
1 polymer 'Serine/threonine-protein kinase PRP4 homolog'
2 non-polymer 4-(5-{[(3-aminophenyl)methyl]carbamoyl}thiophen-2-yl)-1-benzothiophene-2-carboxamide
3 non-polymer 1,2-ETHANEDIOL
4 non-polymer 'PHOSPHATE ION'
5 water water
#
_entity_poly.entity_id   1
_entity_poly.type   'polypeptide(L)'
_entity_poly.pdbx_seq_one_letter_code
;SMDFKENPNLRDNWTDAEGYYRVNIGEVLDKRYNVYGYTGQGVFSNVVRARDNARANQEVAVKIIRNNELMQKTGLKELE
FLKKLNDADPDDKFHCLRLLRHFYHKQHLCLVFEPLSMNLREVLKKYGKDVGLHIKAVRSYSQQLFLALKLLKRCNILHA
DIKPDNILVNESKTILKLCDFGSASHVADNDITP(PTR)LFSRFYRAPEIIIGKSYDYGIDMWSVGCTLYELYTGKILFP
GKTNNHMLKLAMDLKGKMPNKMIRKGVFKDQHFDQNLNFMYIEVDKVTEREKVTVMSTINPTKDLLADLIGCQRLPEDQR
KKVHQLKDLLDQILMLDPAKRISINQALQHAFIQE
;
_entity_poly.pdbx_strand_id   A,B,C,D
#
loop_
_chem_comp.id
_chem_comp.type
_chem_comp.name
_chem_comp.formula
EDO non-polymer 1,2-ETHANEDIOL 'C2 H6 O2'
OCJ non-polymer 4-(5-{[(3-aminophenyl)methyl]carbamoyl}thiophen-2-yl)-1-benzothiophene-2-carboxamide 'C21 H17 N3 O2 S2'
PO4 non-polymer 'PHOSPHATE ION' 'O4 P -3'
#
# COMPACT_ATOMS: atom_id res chain seq x y z
N TYR A 20 -26.45 -3.22 -17.91
CA TYR A 20 -25.41 -2.62 -18.80
C TYR A 20 -25.27 -1.11 -18.48
N TYR A 21 -24.10 -0.55 -18.81
CA TYR A 21 -23.75 0.89 -18.67
C TYR A 21 -22.96 1.31 -19.91
N ARG A 22 -23.58 2.11 -20.79
CA ARG A 22 -22.95 2.63 -22.04
C ARG A 22 -21.90 3.66 -21.64
N VAL A 23 -20.64 3.23 -21.52
CA VAL A 23 -19.48 4.10 -21.17
C VAL A 23 -19.00 4.82 -22.44
N ASN A 24 -18.64 6.10 -22.31
CA ASN A 24 -18.26 6.98 -23.44
C ASN A 24 -16.76 7.26 -23.41
N ILE A 25 -16.16 7.36 -24.61
CA ILE A 25 -14.74 7.74 -24.85
C ILE A 25 -14.52 9.15 -24.28
N GLY A 26 -13.42 9.34 -23.55
CA GLY A 26 -13.07 10.62 -22.89
C GLY A 26 -13.53 10.66 -21.45
N GLU A 27 -14.47 9.78 -21.07
CA GLU A 27 -14.99 9.69 -19.68
C GLU A 27 -13.87 9.25 -18.73
N VAL A 28 -13.91 9.70 -17.47
CA VAL A 28 -12.93 9.37 -16.41
C VAL A 28 -13.66 8.57 -15.33
N LEU A 29 -13.12 7.41 -14.96
CA LEU A 29 -13.71 6.52 -13.93
C LEU A 29 -12.79 6.53 -12.70
N ASP A 30 -13.39 6.57 -11.50
CA ASP A 30 -12.66 6.60 -10.21
C ASP A 30 -11.66 7.77 -10.17
N LYS A 31 -11.91 8.84 -10.93
CA LYS A 31 -11.14 10.11 -10.91
C LYS A 31 -9.66 9.87 -11.27
N ARG A 32 -9.37 8.90 -12.13
CA ARG A 32 -7.97 8.55 -12.52
C ARG A 32 -7.88 7.79 -13.85
N TYR A 33 -8.93 7.06 -14.25
CA TYR A 33 -8.92 6.16 -15.43
C TYR A 33 -9.56 6.88 -16.62
N ASN A 34 -8.74 7.37 -17.54
CA ASN A 34 -9.18 8.07 -18.77
C ASN A 34 -9.51 7.01 -19.82
N VAL A 35 -10.80 6.80 -20.13
CA VAL A 35 -11.25 5.78 -21.11
C VAL A 35 -11.04 6.35 -22.52
N TYR A 36 -10.19 5.72 -23.32
CA TYR A 36 -9.81 6.18 -24.67
C TYR A 36 -10.25 5.18 -25.75
N GLY A 37 -10.79 4.01 -25.39
CA GLY A 37 -11.04 2.93 -26.38
C GLY A 37 -11.93 1.79 -25.87
N TYR A 38 -12.46 1.01 -26.82
CA TYR A 38 -13.36 -0.15 -26.59
C TYR A 38 -12.59 -1.46 -26.85
N THR A 39 -13.14 -2.57 -26.36
CA THR A 39 -12.54 -3.92 -26.41
C THR A 39 -13.63 -4.96 -26.60
N ASN A 46 -18.81 -5.52 -20.53
CA ASN A 46 -18.25 -4.23 -21.01
C ASN A 46 -16.82 -4.07 -20.51
N VAL A 47 -15.82 -4.26 -21.38
CA VAL A 47 -14.37 -4.04 -21.07
C VAL A 47 -13.87 -2.86 -21.89
N VAL A 48 -13.15 -1.93 -21.25
CA VAL A 48 -12.63 -0.69 -21.90
C VAL A 48 -11.11 -0.58 -21.68
N ARG A 49 -10.44 0.14 -22.57
CA ARG A 49 -9.01 0.53 -22.47
C ARG A 49 -8.92 1.90 -21.80
N ALA A 50 -8.00 2.07 -20.86
CA ALA A 50 -7.88 3.33 -20.08
C ALA A 50 -6.43 3.59 -19.73
N ARG A 51 -6.09 4.86 -19.53
CA ARG A 51 -4.79 5.28 -18.94
C ARG A 51 -5.04 5.74 -17.50
N ASP A 52 -4.22 5.24 -16.58
CA ASP A 52 -4.30 5.59 -15.13
C ASP A 52 -3.51 6.88 -14.89
N ASN A 53 -4.21 8.02 -14.81
CA ASN A 53 -3.65 9.38 -14.57
C ASN A 53 -2.90 9.47 -13.24
N ALA A 54 -3.07 8.49 -12.34
CA ALA A 54 -2.43 8.44 -11.01
C ALA A 54 -1.19 7.55 -11.03
N ARG A 55 -0.99 6.73 -12.08
CA ARG A 55 0.17 5.80 -12.22
C ARG A 55 0.90 6.06 -13.55
N ALA A 56 1.10 7.33 -13.90
CA ALA A 56 1.89 7.78 -15.07
C ALA A 56 1.24 7.29 -16.36
N ASN A 57 -0.09 7.37 -16.44
CA ASN A 57 -0.89 6.99 -17.63
C ASN A 57 -0.55 5.54 -18.06
N GLN A 58 -0.15 4.67 -17.13
CA GLN A 58 0.06 3.23 -17.44
C GLN A 58 -1.30 2.68 -17.91
N GLU A 59 -1.30 1.83 -18.93
CA GLU A 59 -2.53 1.31 -19.54
C GLU A 59 -3.17 0.28 -18.59
N VAL A 60 -4.51 0.25 -18.55
CA VAL A 60 -5.31 -0.81 -17.88
C VAL A 60 -6.55 -1.11 -18.74
N ALA A 61 -7.11 -2.29 -18.51
CA ALA A 61 -8.45 -2.71 -18.99
C ALA A 61 -9.41 -2.69 -17.79
N VAL A 62 -10.54 -2.00 -17.93
CA VAL A 62 -11.58 -1.88 -16.86
C VAL A 62 -12.82 -2.66 -17.33
N LYS A 63 -13.16 -3.76 -16.65
CA LYS A 63 -14.42 -4.52 -16.85
C LYS A 63 -15.50 -3.87 -15.99
N ILE A 64 -16.54 -3.32 -16.62
CA ILE A 64 -17.70 -2.70 -15.92
C ILE A 64 -18.82 -3.74 -15.90
N ILE A 65 -19.13 -4.28 -14.72
CA ILE A 65 -20.08 -5.40 -14.49
C ILE A 65 -21.51 -4.82 -14.54
N ARG A 66 -22.40 -5.45 -15.31
CA ARG A 66 -23.84 -5.06 -15.43
C ARG A 66 -24.44 -4.95 -14.03
N ASN A 67 -25.36 -4.00 -13.83
CA ASN A 67 -25.95 -3.66 -12.51
C ASN A 67 -27.30 -4.36 -12.34
N ASN A 68 -27.28 -5.67 -12.09
CA ASN A 68 -28.45 -6.46 -11.62
C ASN A 68 -27.99 -7.36 -10.46
N GLU A 69 -28.91 -8.15 -9.89
CA GLU A 69 -28.66 -9.04 -8.74
C GLU A 69 -27.60 -10.09 -9.12
N LEU A 70 -27.83 -10.84 -10.21
CA LEU A 70 -27.01 -12.01 -10.63
C LEU A 70 -25.58 -11.57 -10.98
N MET A 71 -25.43 -10.53 -11.81
CA MET A 71 -24.11 -10.11 -12.35
C MET A 71 -23.24 -9.50 -11.24
N GLN A 72 -23.84 -8.73 -10.33
CA GLN A 72 -23.12 -8.16 -9.15
C GLN A 72 -22.44 -9.29 -8.37
N LYS A 73 -23.17 -10.37 -8.08
CA LYS A 73 -22.67 -11.55 -7.32
C LYS A 73 -21.62 -12.31 -8.17
N THR A 74 -21.80 -12.35 -9.50
CA THR A 74 -20.83 -12.96 -10.46
C THR A 74 -19.53 -12.13 -10.44
N GLY A 75 -19.64 -10.81 -10.58
CA GLY A 75 -18.51 -9.87 -10.42
C GLY A 75 -17.80 -10.04 -9.09
N LEU A 76 -18.54 -10.14 -7.99
CA LEU A 76 -17.94 -10.28 -6.63
C LEU A 76 -17.22 -11.62 -6.51
N LYS A 77 -17.77 -12.68 -7.12
CA LYS A 77 -17.14 -14.02 -7.14
C LYS A 77 -15.84 -13.92 -7.96
N GLU A 78 -15.89 -13.20 -9.09
CA GLU A 78 -14.72 -12.98 -9.99
C GLU A 78 -13.60 -12.27 -9.20
N LEU A 79 -13.93 -11.17 -8.52
CA LEU A 79 -13.01 -10.39 -7.64
C LEU A 79 -12.32 -11.34 -6.66
N GLU A 80 -13.11 -12.18 -5.98
CA GLU A 80 -12.66 -13.06 -4.88
C GLU A 80 -11.72 -14.13 -5.45
N PHE A 81 -12.12 -14.79 -6.54
CA PHE A 81 -11.35 -15.90 -7.17
C PHE A 81 -10.04 -15.36 -7.72
N LEU A 82 -10.02 -14.13 -8.27
CA LEU A 82 -8.80 -13.50 -8.85
C LEU A 82 -7.86 -13.04 -7.74
N LYS A 83 -8.36 -12.47 -6.63
CA LYS A 83 -7.53 -12.12 -5.44
C LYS A 83 -6.75 -13.37 -5.02
N LYS A 84 -7.45 -14.46 -4.72
CA LYS A 84 -6.84 -15.74 -4.26
C LYS A 84 -5.78 -16.21 -5.26
N LEU A 85 -6.15 -16.28 -6.55
CA LEU A 85 -5.24 -16.79 -7.62
C LEU A 85 -4.00 -15.90 -7.69
N ASN A 86 -4.20 -14.58 -7.76
CA ASN A 86 -3.13 -13.56 -7.87
C ASN A 86 -2.20 -13.68 -6.65
N ASP A 87 -2.77 -13.85 -5.45
CA ASP A 87 -2.02 -13.91 -4.17
C ASP A 87 -1.21 -15.20 -4.10
N ALA A 88 -1.71 -16.31 -4.67
CA ALA A 88 -1.05 -17.62 -4.67
C ALA A 88 0.12 -17.60 -5.66
N ASP A 89 0.13 -16.65 -6.59
CA ASP A 89 1.14 -16.57 -7.67
C ASP A 89 1.66 -15.12 -7.75
N PRO A 90 2.35 -14.63 -6.69
CA PRO A 90 2.76 -13.22 -6.62
C PRO A 90 3.79 -12.82 -7.69
N ASP A 91 4.53 -13.77 -8.28
CA ASP A 91 5.55 -13.52 -9.33
C ASP A 91 4.92 -13.69 -10.72
N ASP A 92 3.62 -13.99 -10.78
CA ASP A 92 2.80 -14.07 -12.01
C ASP A 92 3.47 -15.04 -13.00
N LYS A 93 3.56 -16.31 -12.61
CA LYS A 93 4.22 -17.38 -13.40
C LYS A 93 3.19 -18.38 -13.94
N PHE A 94 1.95 -18.37 -13.43
CA PHE A 94 0.95 -19.45 -13.69
C PHE A 94 -0.24 -18.94 -14.52
N HIS A 95 -0.05 -17.83 -15.25
CA HIS A 95 -0.84 -17.42 -16.45
C HIS A 95 -2.34 -17.25 -16.16
N CYS A 96 -2.70 -16.63 -15.04
CA CYS A 96 -4.06 -16.06 -14.86
C CYS A 96 -3.98 -14.53 -14.94
N LEU A 97 -5.08 -13.91 -15.33
CA LEU A 97 -5.21 -12.44 -15.49
C LEU A 97 -4.91 -11.75 -14.15
N ARG A 98 -4.09 -10.70 -14.17
CA ARG A 98 -3.76 -9.91 -12.96
C ARG A 98 -4.87 -8.89 -12.72
N LEU A 99 -5.59 -9.01 -11.61
CA LEU A 99 -6.53 -7.97 -11.10
C LEU A 99 -5.72 -6.95 -10.29
N LEU A 100 -5.63 -5.70 -10.75
CA LEU A 100 -4.77 -4.67 -10.11
C LEU A 100 -5.51 -4.10 -8.91
N ARG A 101 -6.78 -3.75 -9.09
CA ARG A 101 -7.68 -3.25 -8.02
C ARG A 101 -9.10 -3.21 -8.58
N HIS A 102 -10.03 -2.66 -7.81
CA HIS A 102 -11.47 -2.52 -8.18
C HIS A 102 -12.02 -1.25 -7.55
N PHE A 103 -13.19 -0.81 -8.01
CA PHE A 103 -13.90 0.39 -7.50
C PHE A 103 -15.35 0.30 -7.99
N TYR A 104 -16.21 1.13 -7.42
CA TYR A 104 -17.62 1.31 -7.85
C TYR A 104 -17.75 2.64 -8.59
N HIS A 105 -18.52 2.63 -9.68
CA HIS A 105 -18.90 3.79 -10.50
C HIS A 105 -20.41 3.69 -10.77
N LYS A 106 -21.21 4.50 -10.06
CA LYS A 106 -22.69 4.50 -10.12
C LYS A 106 -23.22 3.08 -9.83
N GLN A 107 -22.64 2.42 -8.81
CA GLN A 107 -23.08 1.09 -8.28
C GLN A 107 -22.83 -0.03 -9.31
N HIS A 108 -21.99 0.23 -10.32
CA HIS A 108 -21.34 -0.82 -11.15
C HIS A 108 -20.01 -1.18 -10.49
N LEU A 109 -19.83 -2.44 -10.10
CA LEU A 109 -18.49 -3.00 -9.80
C LEU A 109 -17.66 -2.88 -11.09
N CYS A 110 -16.44 -2.35 -10.97
CA CYS A 110 -15.45 -2.22 -12.07
C CYS A 110 -14.16 -2.93 -11.65
N LEU A 111 -13.69 -3.90 -12.45
CA LEU A 111 -12.43 -4.62 -12.19
C LEU A 111 -11.36 -4.03 -13.11
N VAL A 112 -10.21 -3.65 -12.53
CA VAL A 112 -9.04 -3.05 -13.24
C VAL A 112 -8.03 -4.17 -13.44
N PHE A 113 -7.74 -4.49 -14.70
CA PHE A 113 -6.84 -5.61 -15.08
C PHE A 113 -5.61 -5.04 -15.78
N GLU A 114 -4.53 -5.83 -15.75
CA GLU A 114 -3.37 -5.65 -16.66
C GLU A 114 -3.91 -5.44 -18.06
N PRO A 115 -3.28 -4.56 -18.86
CA PRO A 115 -3.84 -4.15 -20.15
C PRO A 115 -3.59 -5.07 -21.37
N LEU A 116 -4.20 -6.26 -21.39
CA LEU A 116 -3.92 -7.32 -22.41
C LEU A 116 -4.61 -7.01 -23.74
N SER A 117 -3.96 -7.42 -24.84
CA SER A 117 -4.27 -7.01 -26.24
C SER A 117 -5.63 -7.56 -26.69
N MET A 118 -5.75 -8.88 -26.86
CA MET A 118 -6.87 -9.56 -27.53
C MET A 118 -7.05 -10.96 -26.93
N ASN A 119 -8.08 -11.70 -27.35
CA ASN A 119 -8.28 -13.11 -26.93
C ASN A 119 -7.86 -14.04 -28.07
N LEU A 120 -7.79 -15.34 -27.78
CA LEU A 120 -7.29 -16.38 -28.71
C LEU A 120 -8.30 -16.54 -29.85
N ARG A 121 -9.58 -16.22 -29.61
CA ARG A 121 -10.63 -16.27 -30.67
C ARG A 121 -10.23 -15.31 -31.79
N GLU A 122 -9.80 -14.11 -31.44
CA GLU A 122 -9.36 -13.06 -32.39
C GLU A 122 -8.03 -13.49 -33.03
N VAL A 123 -7.11 -14.04 -32.25
CA VAL A 123 -5.80 -14.55 -32.74
C VAL A 123 -6.06 -15.62 -33.81
N LEU A 124 -7.07 -16.46 -33.62
CA LEU A 124 -7.38 -17.57 -34.56
C LEU A 124 -7.86 -16.98 -35.89
N LYS A 125 -8.62 -15.88 -35.84
CA LYS A 125 -9.10 -15.12 -37.02
C LYS A 125 -7.92 -14.46 -37.74
N LYS A 126 -7.25 -13.52 -37.07
CA LYS A 126 -6.30 -12.57 -37.69
C LYS A 126 -5.04 -13.31 -38.14
N TYR A 127 -4.44 -14.14 -37.26
CA TYR A 127 -3.14 -14.82 -37.49
C TYR A 127 -3.35 -16.26 -37.96
N GLY A 128 -4.43 -16.90 -37.51
CA GLY A 128 -4.76 -18.30 -37.88
C GLY A 128 -5.45 -18.38 -39.23
N LYS A 129 -6.19 -17.34 -39.63
CA LYS A 129 -6.96 -17.29 -40.89
C LYS A 129 -7.97 -18.45 -40.89
N ASP A 130 -8.48 -18.79 -39.70
CA ASP A 130 -9.61 -19.74 -39.48
C ASP A 130 -9.12 -21.18 -39.69
N VAL A 131 -7.81 -21.39 -39.91
CA VAL A 131 -7.24 -22.74 -40.20
C VAL A 131 -6.12 -23.06 -39.21
N GLY A 132 -6.09 -22.39 -38.06
CA GLY A 132 -5.24 -22.79 -36.92
C GLY A 132 -3.89 -22.12 -36.91
N LEU A 133 -3.17 -22.30 -35.81
CA LEU A 133 -1.87 -21.65 -35.49
C LEU A 133 -0.73 -22.63 -35.75
N HIS A 134 0.49 -22.11 -35.89
CA HIS A 134 1.73 -22.91 -36.01
C HIS A 134 1.85 -23.82 -34.78
N ILE A 135 2.26 -25.08 -34.99
CA ILE A 135 2.42 -26.11 -33.93
C ILE A 135 3.39 -25.61 -32.86
N LYS A 136 4.32 -24.70 -33.19
CA LYS A 136 5.25 -24.08 -32.21
C LYS A 136 4.44 -23.24 -31.23
N ALA A 137 3.54 -22.39 -31.74
CA ALA A 137 2.64 -21.55 -30.92
C ALA A 137 1.79 -22.45 -30.02
N VAL A 138 1.15 -23.49 -30.58
CA VAL A 138 0.25 -24.41 -29.82
C VAL A 138 1.03 -25.04 -28.65
N ARG A 139 2.30 -25.38 -28.87
CA ARG A 139 3.18 -26.04 -27.87
C ARG A 139 3.41 -25.09 -26.69
N SER A 140 3.75 -23.83 -26.98
CA SER A 140 3.99 -22.75 -25.98
C SER A 140 2.69 -22.54 -25.19
N TYR A 141 1.57 -22.36 -25.90
CA TYR A 141 0.23 -22.10 -25.32
C TYR A 141 -0.20 -23.27 -24.42
N SER A 142 -0.01 -24.51 -24.88
CA SER A 142 -0.31 -25.75 -24.12
C SER A 142 0.35 -25.73 -22.74
N GLN A 143 1.65 -25.41 -22.70
CA GLN A 143 2.44 -25.36 -21.45
C GLN A 143 1.85 -24.29 -20.53
N GLN A 144 1.54 -23.12 -21.10
CA GLN A 144 1.01 -21.96 -20.34
C GLN A 144 -0.35 -22.35 -19.73
N LEU A 145 -1.24 -23.00 -20.49
CA LEU A 145 -2.59 -23.43 -20.01
C LEU A 145 -2.45 -24.46 -18.88
N PHE A 146 -1.56 -25.45 -19.02
CA PHE A 146 -1.33 -26.48 -17.98
C PHE A 146 -0.86 -25.81 -16.69
N LEU A 147 -0.02 -24.77 -16.79
CA LEU A 147 0.45 -23.98 -15.62
C LEU A 147 -0.79 -23.29 -14.99
N ALA A 148 -1.73 -22.80 -15.80
CA ALA A 148 -2.98 -22.20 -15.28
C ALA A 148 -3.76 -23.28 -14.51
N LEU A 149 -3.85 -24.50 -15.05
CA LEU A 149 -4.54 -25.64 -14.40
C LEU A 149 -3.88 -25.95 -13.05
N LYS A 150 -2.54 -26.01 -13.00
CA LYS A 150 -1.76 -26.29 -11.76
C LYS A 150 -2.12 -25.28 -10.68
N LEU A 151 -2.17 -24.00 -11.00
CA LEU A 151 -2.55 -22.94 -10.04
C LEU A 151 -4.02 -23.09 -9.61
N LEU A 152 -4.94 -23.26 -10.56
CA LEU A 152 -6.39 -23.42 -10.26
C LEU A 152 -6.56 -24.56 -9.25
N LYS A 153 -5.81 -25.66 -9.44
CA LYS A 153 -5.93 -26.87 -8.57
C LYS A 153 -5.30 -26.58 -7.21
N ARG A 154 -4.19 -25.84 -7.16
CA ARG A 154 -3.52 -25.47 -5.88
C ARG A 154 -4.54 -24.71 -5.04
N CYS A 155 -5.39 -23.89 -5.68
CA CYS A 155 -6.36 -22.97 -5.03
C CYS A 155 -7.77 -23.57 -4.94
N ASN A 156 -7.94 -24.83 -5.33
CA ASN A 156 -9.22 -25.58 -5.21
C ASN A 156 -10.33 -24.88 -6.01
N ILE A 157 -9.99 -24.38 -7.21
CA ILE A 157 -10.90 -23.59 -8.09
C ILE A 157 -11.12 -24.34 -9.41
N LEU A 158 -12.36 -24.42 -9.85
CA LEU A 158 -12.76 -24.83 -11.22
C LEU A 158 -13.09 -23.58 -12.01
N HIS A 159 -12.48 -23.40 -13.19
CA HIS A 159 -12.84 -22.29 -14.13
C HIS A 159 -14.17 -22.63 -14.80
N ALA A 160 -14.26 -23.85 -15.35
CA ALA A 160 -15.50 -24.47 -15.88
C ALA A 160 -15.91 -23.86 -17.24
N ASP A 161 -15.12 -22.94 -17.81
CA ASP A 161 -15.48 -22.27 -19.09
C ASP A 161 -14.21 -21.92 -19.86
N ILE A 162 -13.20 -22.79 -19.81
CA ILE A 162 -11.93 -22.56 -20.56
C ILE A 162 -12.26 -22.74 -22.05
N LYS A 163 -11.87 -21.76 -22.87
CA LYS A 163 -12.00 -21.79 -24.35
C LYS A 163 -11.23 -20.62 -24.93
N PRO A 164 -10.97 -20.59 -26.25
CA PRO A 164 -10.22 -19.48 -26.85
C PRO A 164 -10.74 -18.07 -26.48
N ASP A 165 -12.05 -17.92 -26.29
CA ASP A 165 -12.71 -16.61 -26.04
C ASP A 165 -12.38 -16.10 -24.64
N ASN A 166 -11.96 -16.98 -23.71
CA ASN A 166 -11.67 -16.66 -22.29
C ASN A 166 -10.16 -16.79 -22.02
N ILE A 167 -9.34 -16.77 -23.07
CA ILE A 167 -7.86 -16.76 -22.99
C ILE A 167 -7.35 -15.52 -23.72
N LEU A 168 -6.65 -14.64 -23.00
CA LEU A 168 -6.11 -13.35 -23.51
C LEU A 168 -4.63 -13.52 -23.83
N VAL A 169 -4.10 -12.66 -24.69
CA VAL A 169 -2.67 -12.66 -25.12
C VAL A 169 -2.11 -11.24 -25.01
N ASN A 170 -0.82 -11.13 -24.74
CA ASN A 170 -0.07 -9.85 -24.74
C ASN A 170 0.10 -9.41 -26.20
N GLU A 171 0.64 -8.19 -26.40
CA GLU A 171 0.79 -7.52 -27.72
C GLU A 171 1.60 -8.41 -28.68
N SER A 172 2.60 -9.14 -28.17
CA SER A 172 3.51 -10.00 -28.98
C SER A 172 2.92 -11.42 -29.16
N LYS A 173 1.86 -11.76 -28.43
CA LYS A 173 1.12 -13.06 -28.51
C LYS A 173 2.00 -14.22 -28.02
N THR A 174 2.97 -13.94 -27.15
CA THR A 174 3.91 -14.95 -26.57
C THR A 174 3.40 -15.41 -25.20
N ILE A 175 2.50 -14.65 -24.56
CA ILE A 175 2.01 -14.89 -23.17
C ILE A 175 0.48 -14.89 -23.18
N LEU A 176 -0.14 -16.01 -22.78
CA LEU A 176 -1.62 -16.07 -22.64
C LEU A 176 -1.98 -15.97 -21.17
N LYS A 177 -3.14 -15.36 -20.89
CA LYS A 177 -3.76 -15.31 -19.52
C LYS A 177 -5.16 -15.91 -19.59
N LEU A 178 -5.48 -16.75 -18.61
CA LEU A 178 -6.85 -17.25 -18.39
C LEU A 178 -7.67 -16.13 -17.76
N CYS A 179 -8.80 -15.77 -18.36
CA CYS A 179 -9.70 -14.70 -17.88
C CYS A 179 -11.14 -15.22 -17.73
N ASP A 180 -12.01 -14.34 -17.24
CA ASP A 180 -13.47 -14.57 -17.03
C ASP A 180 -13.66 -15.68 -16.01
N PHE A 181 -13.57 -15.33 -14.72
CA PHE A 181 -13.79 -16.23 -13.57
C PHE A 181 -15.22 -16.04 -13.03
N GLY A 182 -16.13 -15.53 -13.87
CA GLY A 182 -17.57 -15.38 -13.55
C GLY A 182 -18.26 -16.73 -13.50
N SER A 183 -17.72 -17.72 -14.22
CA SER A 183 -18.26 -19.11 -14.34
C SER A 183 -17.74 -20.00 -13.20
N ALA A 184 -16.78 -19.53 -12.40
CA ALA A 184 -15.90 -20.39 -11.56
C ALA A 184 -16.59 -20.78 -10.24
N SER A 185 -16.04 -21.79 -9.58
CA SER A 185 -16.58 -22.38 -8.34
C SER A 185 -15.47 -23.09 -7.60
N HIS A 186 -15.64 -23.28 -6.28
CA HIS A 186 -14.77 -24.13 -5.44
C HIS A 186 -15.04 -25.60 -5.83
N VAL A 187 -14.00 -26.43 -5.82
CA VAL A 187 -14.07 -27.85 -6.25
C VAL A 187 -15.28 -28.54 -5.60
N ALA A 188 -15.63 -28.16 -4.36
CA ALA A 188 -16.58 -28.87 -3.48
C ALA A 188 -18.05 -28.57 -3.83
N ASP A 189 -18.30 -27.54 -4.64
CA ASP A 189 -19.65 -26.90 -4.77
C ASP A 189 -20.64 -27.86 -5.46
N ASN A 190 -20.24 -28.49 -6.57
CA ASN A 190 -21.05 -29.47 -7.33
C ASN A 190 -22.39 -28.82 -7.75
N ASP A 191 -22.35 -27.54 -8.14
CA ASP A 191 -23.54 -26.72 -8.52
C ASP A 191 -23.63 -26.59 -10.05
N ILE A 192 -22.64 -27.10 -10.80
CA ILE A 192 -22.59 -27.01 -12.30
C ILE A 192 -23.61 -27.99 -12.90
N THR A 193 -24.75 -27.47 -13.36
CA THR A 193 -25.81 -28.25 -14.07
C THR A 193 -25.40 -28.34 -15.54
N PRO A 194 -25.96 -29.28 -16.32
CA PRO A 194 -25.42 -29.58 -17.66
C PRO A 194 -25.79 -28.60 -18.78
N PTR A 195 -26.46 -27.48 -18.45
CA PTR A 195 -26.75 -26.45 -19.44
C PTR A 195 -25.97 -25.18 -19.13
O PTR A 195 -26.14 -24.16 -19.83
CB PTR A 195 -28.26 -26.19 -19.50
CG PTR A 195 -29.06 -27.25 -20.22
CD1 PTR A 195 -28.81 -27.55 -21.55
CD2 PTR A 195 -30.06 -27.96 -19.58
CE1 PTR A 195 -29.53 -28.50 -22.24
CE2 PTR A 195 -30.80 -28.93 -20.23
CZ PTR A 195 -30.53 -29.20 -21.56
OH PTR A 195 -31.32 -30.17 -22.20
P PTR A 195 -30.94 -31.05 -23.45
O1P PTR A 195 -31.02 -30.22 -24.71
O2P PTR A 195 -31.94 -32.17 -23.45
O3P PTR A 195 -29.54 -31.58 -23.28
N LEU A 196 -25.10 -25.21 -18.11
CA LEU A 196 -24.23 -24.10 -17.82
C LEU A 196 -23.02 -24.12 -18.77
N PHE A 197 -22.55 -22.94 -19.15
CA PHE A 197 -21.27 -22.68 -19.86
C PHE A 197 -21.41 -23.09 -21.34
N SER A 198 -20.29 -23.40 -21.98
CA SER A 198 -20.14 -23.56 -23.45
C SER A 198 -20.18 -25.05 -23.80
N ARG A 199 -21.20 -25.47 -24.56
CA ARG A 199 -21.50 -26.87 -24.92
C ARG A 199 -20.25 -27.55 -25.50
N PHE A 200 -19.59 -26.95 -26.48
CA PHE A 200 -18.49 -27.58 -27.27
C PHE A 200 -17.31 -27.98 -26.36
N TYR A 201 -17.19 -27.39 -25.17
CA TYR A 201 -16.03 -27.55 -24.26
C TYR A 201 -16.46 -28.29 -22.98
N ARG A 202 -17.70 -28.78 -22.96
CA ARG A 202 -18.35 -29.41 -21.79
C ARG A 202 -17.84 -30.84 -21.65
N ALA A 203 -17.33 -31.18 -20.47
CA ALA A 203 -16.78 -32.53 -20.16
C ALA A 203 -17.93 -33.51 -20.01
N PRO A 204 -17.73 -34.79 -20.41
CA PRO A 204 -18.80 -35.78 -20.34
C PRO A 204 -19.35 -36.01 -18.91
N GLU A 205 -18.52 -35.90 -17.87
CA GLU A 205 -18.99 -36.07 -16.46
C GLU A 205 -20.05 -35.01 -16.11
N ILE A 206 -19.91 -33.77 -16.61
CA ILE A 206 -20.90 -32.69 -16.35
C ILE A 206 -22.22 -33.06 -17.03
N ILE A 207 -22.14 -33.59 -18.25
CA ILE A 207 -23.33 -33.91 -19.09
C ILE A 207 -24.13 -35.04 -18.42
N ILE A 208 -23.51 -36.13 -17.98
CA ILE A 208 -24.24 -37.26 -17.34
C ILE A 208 -24.59 -36.94 -15.88
N GLY A 209 -24.14 -35.82 -15.32
CA GLY A 209 -24.49 -35.38 -13.94
C GLY A 209 -23.72 -36.16 -12.89
N LYS A 210 -22.51 -36.62 -13.23
CA LYS A 210 -21.55 -37.23 -12.29
C LYS A 210 -20.89 -36.11 -11.46
N SER A 211 -20.46 -36.42 -10.23
CA SER A 211 -19.58 -35.54 -9.43
C SER A 211 -18.29 -35.33 -10.24
N TYR A 212 -17.73 -34.13 -10.17
CA TYR A 212 -16.65 -33.68 -11.08
C TYR A 212 -15.64 -32.87 -10.26
N ASP A 213 -14.49 -32.57 -10.87
CA ASP A 213 -13.33 -31.92 -10.22
C ASP A 213 -12.50 -31.20 -11.30
N TYR A 214 -11.20 -31.00 -11.06
CA TYR A 214 -10.23 -30.29 -11.94
C TYR A 214 -10.23 -30.92 -13.35
N GLY A 215 -10.69 -32.17 -13.47
CA GLY A 215 -10.79 -32.94 -14.72
C GLY A 215 -11.57 -32.21 -15.82
N ILE A 216 -12.54 -31.36 -15.46
CA ILE A 216 -13.42 -30.66 -16.45
C ILE A 216 -12.60 -29.56 -17.15
N ASP A 217 -11.70 -28.91 -16.41
CA ASP A 217 -10.80 -27.88 -16.98
C ASP A 217 -9.74 -28.54 -17.85
N MET A 218 -9.21 -29.72 -17.45
CA MET A 218 -8.28 -30.52 -18.29
C MET A 218 -8.99 -30.85 -19.62
N TRP A 219 -10.24 -31.31 -19.55
CA TRP A 219 -11.04 -31.63 -20.76
C TRP A 219 -11.14 -30.39 -21.65
N SER A 220 -11.51 -29.23 -21.09
CA SER A 220 -11.73 -27.99 -21.87
C SER A 220 -10.41 -27.60 -22.55
N VAL A 221 -9.29 -27.75 -21.85
CA VAL A 221 -7.94 -27.45 -22.43
C VAL A 221 -7.70 -28.41 -23.60
N GLY A 222 -7.91 -29.72 -23.40
CA GLY A 222 -7.88 -30.70 -24.51
C GLY A 222 -8.58 -30.16 -25.75
N CYS A 223 -9.86 -29.78 -25.60
CA CYS A 223 -10.75 -29.26 -26.67
C CYS A 223 -10.15 -28.00 -27.30
N THR A 224 -9.54 -27.14 -26.49
CA THR A 224 -8.95 -25.85 -26.93
C THR A 224 -7.73 -26.15 -27.79
N LEU A 225 -6.86 -27.07 -27.36
CA LEU A 225 -5.57 -27.31 -28.02
C LEU A 225 -5.83 -27.71 -29.47
N TYR A 226 -6.74 -28.67 -29.68
CA TYR A 226 -7.17 -29.15 -31.02
C TYR A 226 -7.62 -27.95 -31.87
N GLU A 227 -8.49 -27.10 -31.31
CA GLU A 227 -9.04 -25.88 -31.98
C GLU A 227 -7.89 -24.91 -32.30
N LEU A 228 -6.91 -24.77 -31.40
CA LEU A 228 -5.74 -23.87 -31.61
C LEU A 228 -4.91 -24.36 -32.80
N TYR A 229 -4.77 -25.67 -33.02
CA TYR A 229 -3.95 -26.19 -34.16
C TYR A 229 -4.77 -26.25 -35.46
N THR A 230 -6.01 -26.74 -35.42
CA THR A 230 -6.86 -26.96 -36.63
C THR A 230 -7.70 -25.73 -36.99
N GLY A 231 -8.02 -24.90 -36.00
CA GLY A 231 -8.97 -23.77 -36.16
C GLY A 231 -10.42 -24.20 -36.00
N LYS A 232 -10.69 -25.50 -35.81
CA LYS A 232 -12.06 -26.08 -35.82
C LYS A 232 -12.45 -26.59 -34.43
N ILE A 233 -13.75 -26.60 -34.13
CA ILE A 233 -14.31 -27.18 -32.87
C ILE A 233 -14.04 -28.69 -32.90
N LEU A 234 -13.55 -29.27 -31.80
CA LEU A 234 -13.30 -30.73 -31.70
C LEU A 234 -14.63 -31.50 -31.67
N PHE A 235 -15.59 -31.03 -30.88
CA PHE A 235 -16.90 -31.71 -30.65
C PHE A 235 -18.02 -30.70 -30.87
N PRO A 236 -18.36 -30.42 -32.14
CA PRO A 236 -19.40 -29.45 -32.47
C PRO A 236 -20.80 -30.06 -32.37
N GLY A 237 -21.17 -30.52 -31.18
CA GLY A 237 -22.46 -31.17 -30.91
C GLY A 237 -23.58 -30.15 -30.81
N LYS A 238 -24.73 -30.41 -31.43
CA LYS A 238 -25.94 -29.55 -31.42
C LYS A 238 -26.61 -29.58 -30.04
N THR A 239 -26.41 -30.67 -29.28
CA THR A 239 -27.07 -30.93 -27.98
C THR A 239 -26.10 -31.67 -27.06
N ASN A 240 -26.45 -31.79 -25.77
CA ASN A 240 -25.67 -32.59 -24.79
C ASN A 240 -25.60 -34.04 -25.25
N ASN A 241 -26.72 -34.63 -25.68
CA ASN A 241 -26.77 -36.02 -26.21
C ASN A 241 -25.74 -36.18 -27.35
N HIS A 242 -25.69 -35.24 -28.31
CA HIS A 242 -24.77 -35.25 -29.47
C HIS A 242 -23.32 -35.07 -28.99
N MET A 243 -23.08 -34.24 -27.97
CA MET A 243 -21.73 -34.08 -27.38
C MET A 243 -21.21 -35.46 -26.90
N LEU A 244 -22.04 -36.23 -26.20
CA LEU A 244 -21.68 -37.57 -25.67
C LEU A 244 -21.35 -38.47 -26.86
N LYS A 245 -22.19 -38.46 -27.90
CA LYS A 245 -22.02 -39.30 -29.11
C LYS A 245 -20.66 -38.97 -29.74
N LEU A 246 -20.37 -37.70 -29.96
CA LEU A 246 -19.11 -37.24 -30.61
C LEU A 246 -17.91 -37.70 -29.78
N ALA A 247 -17.96 -37.54 -28.45
CA ALA A 247 -16.89 -38.02 -27.53
C ALA A 247 -16.72 -39.55 -27.65
N MET A 248 -17.82 -40.29 -27.76
CA MET A 248 -17.77 -41.77 -27.84
C MET A 248 -17.38 -42.21 -29.27
N ASP A 249 -17.60 -41.36 -30.28
CA ASP A 249 -17.03 -41.53 -31.64
C ASP A 249 -15.49 -41.61 -31.57
N LEU A 250 -14.87 -40.95 -30.59
CA LEU A 250 -13.39 -40.97 -30.42
C LEU A 250 -12.97 -42.17 -29.55
N LYS A 251 -13.65 -42.43 -28.44
CA LYS A 251 -13.16 -43.33 -27.35
C LYS A 251 -14.04 -44.58 -27.16
N GLY A 252 -15.12 -44.74 -27.92
CA GLY A 252 -16.10 -45.83 -27.74
C GLY A 252 -17.08 -45.52 -26.61
N LYS A 253 -18.06 -46.39 -26.39
CA LYS A 253 -19.10 -46.19 -25.36
C LYS A 253 -18.43 -45.87 -24.03
N MET A 254 -19.01 -44.93 -23.29
CA MET A 254 -18.62 -44.52 -21.92
C MET A 254 -18.66 -45.77 -21.02
N PRO A 255 -17.66 -45.98 -20.14
CA PRO A 255 -17.64 -47.18 -19.29
C PRO A 255 -18.89 -47.24 -18.40
N ASN A 256 -19.45 -48.44 -18.21
CA ASN A 256 -20.70 -48.72 -17.46
C ASN A 256 -20.62 -48.13 -16.05
N LYS A 257 -19.49 -48.29 -15.38
CA LYS A 257 -19.24 -47.80 -14.00
C LYS A 257 -19.38 -46.28 -13.96
N MET A 258 -19.01 -45.59 -15.04
CA MET A 258 -19.09 -44.11 -15.11
C MET A 258 -20.54 -43.68 -15.33
N ILE A 259 -21.28 -44.39 -16.20
CA ILE A 259 -22.69 -44.09 -16.56
C ILE A 259 -23.54 -44.14 -15.29
N ARG A 260 -23.46 -45.24 -14.53
CA ARG A 260 -24.27 -45.52 -13.30
C ARG A 260 -24.13 -44.38 -12.29
N LYS A 261 -23.00 -43.69 -12.25
CA LYS A 261 -22.72 -42.62 -11.24
C LYS A 261 -23.35 -41.30 -11.68
N GLY A 262 -23.94 -41.24 -12.89
CA GLY A 262 -24.52 -40.03 -13.48
C GLY A 262 -25.96 -39.83 -13.06
N VAL A 263 -26.27 -38.71 -12.42
CA VAL A 263 -27.63 -38.38 -11.93
C VAL A 263 -28.58 -38.30 -13.13
N PHE A 264 -28.11 -37.82 -14.29
CA PHE A 264 -28.90 -37.67 -15.54
C PHE A 264 -28.63 -38.81 -16.52
N LYS A 265 -28.13 -39.96 -16.07
CA LYS A 265 -27.80 -41.11 -16.96
C LYS A 265 -29.03 -41.51 -17.79
N ASP A 266 -30.25 -41.41 -17.23
CA ASP A 266 -31.53 -41.85 -17.87
C ASP A 266 -31.91 -40.95 -19.05
N GLN A 267 -31.29 -39.78 -19.22
CA GLN A 267 -31.60 -38.88 -20.37
C GLN A 267 -30.82 -39.34 -21.61
N HIS A 268 -29.79 -40.18 -21.45
CA HIS A 268 -28.82 -40.53 -22.53
C HIS A 268 -28.65 -42.03 -22.70
N PHE A 269 -28.97 -42.85 -21.68
CA PHE A 269 -28.80 -44.33 -21.69
C PHE A 269 -30.04 -45.02 -21.14
N ASP A 270 -30.35 -46.21 -21.66
CA ASP A 270 -31.50 -47.05 -21.20
C ASP A 270 -31.07 -47.90 -20.00
N GLN A 271 -31.98 -48.71 -19.46
CA GLN A 271 -31.75 -49.61 -18.28
C GLN A 271 -30.66 -50.63 -18.62
N ASN A 272 -30.48 -50.98 -19.91
CA ASN A 272 -29.45 -51.93 -20.40
C ASN A 272 -28.09 -51.22 -20.61
N LEU A 273 -27.98 -49.93 -20.28
CA LEU A 273 -26.78 -49.08 -20.52
C LEU A 273 -26.46 -48.98 -22.01
N ASN A 274 -27.44 -49.20 -22.89
CA ASN A 274 -27.33 -48.80 -24.31
C ASN A 274 -27.39 -47.27 -24.35
N PHE A 275 -26.69 -46.68 -25.30
CA PHE A 275 -26.75 -45.23 -25.58
C PHE A 275 -27.99 -44.97 -26.45
N MET A 276 -28.74 -43.94 -26.09
CA MET A 276 -29.92 -43.45 -26.85
C MET A 276 -29.46 -42.23 -27.65
N TYR A 277 -29.26 -42.39 -28.96
CA TYR A 277 -28.84 -41.30 -29.88
C TYR A 277 -30.09 -40.54 -30.31
N ILE A 278 -30.26 -39.33 -29.78
CA ILE A 278 -31.44 -38.45 -29.98
C ILE A 278 -31.10 -37.47 -31.12
N GLU A 279 -31.79 -37.61 -32.25
CA GLU A 279 -31.64 -36.74 -33.44
C GLU A 279 -32.87 -35.85 -33.59
N VAL A 280 -32.66 -34.56 -33.88
CA VAL A 280 -33.74 -33.54 -34.10
C VAL A 280 -33.61 -32.99 -35.52
N ARG A 286 -38.89 -32.53 -33.47
CA ARG A 286 -39.27 -33.89 -33.95
C ARG A 286 -38.14 -34.87 -33.61
N GLU A 287 -38.10 -35.37 -32.37
CA GLU A 287 -37.03 -36.26 -31.83
C GLU A 287 -37.21 -37.68 -32.38
N LYS A 288 -36.15 -38.24 -32.98
CA LYS A 288 -36.04 -39.69 -33.26
C LYS A 288 -34.85 -40.26 -32.44
N VAL A 289 -34.97 -41.52 -32.02
CA VAL A 289 -34.01 -42.17 -31.08
C VAL A 289 -33.54 -43.47 -31.71
N THR A 290 -32.22 -43.65 -31.78
CA THR A 290 -31.55 -44.93 -32.14
C THR A 290 -30.86 -45.46 -30.88
N VAL A 291 -31.27 -46.63 -30.39
CA VAL A 291 -30.61 -47.27 -29.22
C VAL A 291 -29.46 -48.15 -29.74
N MET A 292 -28.26 -47.94 -29.17
CA MET A 292 -26.96 -48.50 -29.63
C MET A 292 -26.28 -49.26 -28.49
N SER A 293 -26.00 -50.55 -28.69
CA SER A 293 -25.27 -51.43 -27.73
C SER A 293 -23.84 -50.91 -27.53
N THR A 294 -23.19 -50.49 -28.62
CA THR A 294 -21.81 -49.94 -28.63
C THR A 294 -21.75 -48.70 -29.53
N ILE A 295 -20.66 -47.94 -29.44
CA ILE A 295 -20.25 -46.95 -30.47
C ILE A 295 -18.86 -47.36 -30.93
N ASN A 296 -18.69 -47.62 -32.24
CA ASN A 296 -17.40 -47.93 -32.88
C ASN A 296 -16.58 -46.64 -32.95
N PRO A 297 -15.35 -46.59 -32.37
CA PRO A 297 -14.47 -45.43 -32.52
C PRO A 297 -14.15 -45.18 -34.01
N THR A 298 -14.52 -44.00 -34.52
CA THR A 298 -14.38 -43.60 -35.94
C THR A 298 -13.58 -42.30 -36.08
N LYS A 299 -13.44 -41.52 -35.02
CA LYS A 299 -12.78 -40.19 -35.07
C LYS A 299 -11.27 -40.43 -35.23
N ASP A 300 -10.73 -40.02 -36.38
CA ASP A 300 -9.29 -40.11 -36.73
C ASP A 300 -8.63 -38.77 -36.36
N LEU A 301 -8.11 -38.67 -35.13
CA LEU A 301 -7.58 -37.40 -34.55
C LEU A 301 -6.30 -36.98 -35.27
N LEU A 302 -5.42 -37.94 -35.60
CA LEU A 302 -4.14 -37.68 -36.33
C LEU A 302 -4.46 -37.09 -37.71
N ALA A 303 -5.31 -37.77 -38.48
CA ALA A 303 -5.75 -37.32 -39.82
C ALA A 303 -6.28 -35.89 -39.74
N ASP A 304 -7.12 -35.59 -38.74
CA ASP A 304 -7.76 -34.26 -38.53
C ASP A 304 -6.69 -33.20 -38.20
N LEU A 305 -5.71 -33.52 -37.37
CA LEU A 305 -4.62 -32.56 -37.01
C LEU A 305 -3.74 -32.33 -38.26
N ILE A 306 -3.26 -33.40 -38.88
CA ILE A 306 -2.42 -33.34 -40.12
C ILE A 306 -3.16 -32.55 -41.20
N GLY A 307 -4.37 -33.00 -41.57
CA GLY A 307 -5.22 -32.34 -42.58
C GLY A 307 -4.66 -32.51 -43.99
N CYS A 308 -4.74 -31.46 -44.81
CA CYS A 308 -4.22 -31.41 -46.21
C CYS A 308 -2.68 -31.39 -46.20
N GLN A 309 -2.07 -30.98 -45.09
CA GLN A 309 -0.64 -30.57 -44.96
C GLN A 309 0.33 -31.72 -45.28
N ARG A 310 1.42 -31.40 -46.01
CA ARG A 310 2.70 -32.16 -46.03
C ARG A 310 3.72 -31.37 -45.17
N LEU A 311 4.22 -31.96 -44.08
CA LEU A 311 4.97 -31.25 -43.02
C LEU A 311 6.42 -31.77 -42.93
N PRO A 312 7.39 -30.89 -42.56
CA PRO A 312 8.74 -31.33 -42.22
C PRO A 312 8.79 -32.31 -41.04
N GLU A 313 9.62 -33.36 -41.13
CA GLU A 313 9.77 -34.41 -40.08
C GLU A 313 9.80 -33.75 -38.70
N ASP A 314 10.49 -32.61 -38.61
CA ASP A 314 10.50 -31.66 -37.45
C ASP A 314 9.11 -31.56 -36.82
N GLN A 315 8.13 -31.09 -37.60
CA GLN A 315 6.78 -30.66 -37.12
C GLN A 315 5.80 -31.85 -37.11
N ARG A 316 5.90 -32.75 -38.10
CA ARG A 316 5.11 -34.01 -38.18
C ARG A 316 5.19 -34.73 -36.82
N LYS A 317 6.37 -34.74 -36.21
CA LYS A 317 6.65 -35.41 -34.91
C LYS A 317 5.89 -34.68 -33.79
N LYS A 318 5.92 -33.33 -33.80
CA LYS A 318 5.23 -32.50 -32.78
C LYS A 318 3.72 -32.72 -32.89
N VAL A 319 3.20 -32.86 -34.11
CA VAL A 319 1.75 -33.11 -34.36
C VAL A 319 1.38 -34.50 -33.83
N HIS A 320 2.21 -35.51 -34.10
CA HIS A 320 2.05 -36.90 -33.55
C HIS A 320 2.06 -36.87 -32.02
N GLN A 321 2.79 -35.94 -31.41
CA GLN A 321 2.93 -35.86 -29.93
C GLN A 321 1.69 -35.15 -29.35
N LEU A 322 1.22 -34.09 -30.01
CA LEU A 322 -0.05 -33.38 -29.70
C LEU A 322 -1.20 -34.38 -29.69
N LYS A 323 -1.33 -35.17 -30.77
CA LYS A 323 -2.35 -36.24 -30.91
C LYS A 323 -2.28 -37.17 -29.69
N ASP A 324 -1.09 -37.68 -29.37
CA ASP A 324 -0.88 -38.57 -28.19
C ASP A 324 -1.34 -37.84 -26.92
N LEU A 325 -0.95 -36.57 -26.76
CA LEU A 325 -1.34 -35.73 -25.59
C LEU A 325 -2.86 -35.62 -25.55
N LEU A 326 -3.48 -35.32 -26.70
CA LEU A 326 -4.96 -35.19 -26.79
C LEU A 326 -5.61 -36.52 -26.40
N ASP A 327 -5.01 -37.65 -26.77
CA ASP A 327 -5.54 -39.01 -26.43
C ASP A 327 -5.60 -39.17 -24.91
N GLN A 328 -4.59 -38.68 -24.19
CA GLN A 328 -4.45 -38.88 -22.72
C GLN A 328 -5.37 -37.89 -21.97
N ILE A 329 -5.60 -36.70 -22.53
CA ILE A 329 -6.54 -35.68 -21.97
C ILE A 329 -7.99 -36.18 -22.13
N LEU A 330 -8.37 -36.66 -23.31
CA LEU A 330 -9.79 -36.89 -23.70
C LEU A 330 -10.28 -38.30 -23.33
N MET A 331 -9.70 -38.93 -22.30
CA MET A 331 -10.30 -40.15 -21.69
C MET A 331 -11.66 -39.76 -21.10
N LEU A 332 -12.71 -40.53 -21.40
CA LEU A 332 -14.10 -40.21 -20.98
C LEU A 332 -14.20 -40.25 -19.45
N ASP A 333 -13.40 -41.10 -18.81
CA ASP A 333 -13.35 -41.27 -17.33
C ASP A 333 -12.39 -40.23 -16.77
N PRO A 334 -12.85 -39.26 -15.95
CA PRO A 334 -11.98 -38.23 -15.38
C PRO A 334 -10.73 -38.81 -14.69
N ALA A 335 -10.92 -39.91 -13.95
CA ALA A 335 -9.88 -40.62 -13.16
C ALA A 335 -8.79 -41.20 -14.07
N LYS A 336 -9.10 -41.49 -15.34
CA LYS A 336 -8.14 -42.06 -16.32
C LYS A 336 -7.41 -40.95 -17.09
N ARG A 337 -7.69 -39.66 -16.82
CA ARG A 337 -7.09 -38.55 -17.61
C ARG A 337 -5.65 -38.28 -17.14
N ILE A 338 -4.79 -37.88 -18.09
CA ILE A 338 -3.43 -37.35 -17.78
C ILE A 338 -3.58 -36.35 -16.62
N SER A 339 -2.61 -36.35 -15.71
CA SER A 339 -2.50 -35.38 -14.60
C SER A 339 -1.85 -34.11 -15.16
N ILE A 340 -1.94 -33.00 -14.43
CA ILE A 340 -1.36 -31.70 -14.86
C ILE A 340 0.17 -31.85 -14.98
N ASN A 341 0.82 -32.50 -14.00
CA ASN A 341 2.30 -32.70 -13.99
C ASN A 341 2.71 -33.61 -15.15
N GLN A 342 1.93 -34.64 -15.46
CA GLN A 342 2.18 -35.55 -16.61
C GLN A 342 2.07 -34.76 -17.92
N ALA A 343 1.06 -33.90 -18.05
CA ALA A 343 0.83 -33.00 -19.23
C ALA A 343 2.03 -32.08 -19.43
N LEU A 344 2.51 -31.42 -18.37
CA LEU A 344 3.68 -30.48 -18.41
C LEU A 344 4.95 -31.25 -18.80
N GLN A 345 5.10 -32.49 -18.32
CA GLN A 345 6.29 -33.36 -18.55
C GLN A 345 6.06 -34.22 -19.80
N HIS A 346 5.03 -33.92 -20.60
CA HIS A 346 4.68 -34.71 -21.81
C HIS A 346 5.61 -34.33 -22.95
N ALA A 347 6.05 -35.33 -23.72
CA ALA A 347 6.92 -35.21 -24.91
C ALA A 347 6.51 -34.01 -25.78
N PHE A 348 5.21 -33.69 -25.87
CA PHE A 348 4.72 -32.62 -26.77
C PHE A 348 5.38 -31.29 -26.38
N ILE A 349 5.55 -31.07 -25.08
CA ILE A 349 6.10 -29.80 -24.50
C ILE A 349 7.62 -29.93 -24.36
N GLN A 350 8.12 -31.06 -23.84
CA GLN A 350 9.53 -31.21 -23.37
C GLN A 350 10.51 -31.42 -24.53
N GLU A 351 10.13 -32.15 -25.59
CA GLU A 351 11.00 -32.40 -26.78
C GLU A 351 11.00 -31.13 -27.67
N TYR B 20 -15.19 -9.96 16.69
CA TYR B 20 -14.82 -9.21 15.45
C TYR B 20 -15.71 -9.67 14.28
N TYR B 21 -16.04 -8.74 13.39
CA TYR B 21 -16.90 -8.96 12.20
C TYR B 21 -16.05 -8.95 10.92
N ARG B 22 -16.02 -10.08 10.21
CA ARG B 22 -15.32 -10.25 8.90
C ARG B 22 -16.29 -9.84 7.80
N VAL B 23 -16.26 -8.56 7.41
CA VAL B 23 -17.19 -7.93 6.43
C VAL B 23 -16.64 -8.12 5.02
N ASN B 24 -17.53 -8.35 4.04
CA ASN B 24 -17.17 -8.76 2.66
C ASN B 24 -17.42 -7.60 1.69
N ILE B 25 -16.51 -7.42 0.72
CA ILE B 25 -16.71 -6.47 -0.43
C ILE B 25 -18.13 -6.73 -0.97
N GLY B 26 -18.89 -5.67 -1.22
CA GLY B 26 -20.23 -5.73 -1.84
C GLY B 26 -21.35 -5.91 -0.82
N GLU B 27 -21.05 -6.31 0.42
CA GLU B 27 -22.06 -6.38 1.52
C GLU B 27 -22.64 -4.99 1.74
N VAL B 28 -23.94 -4.92 1.99
CA VAL B 28 -24.71 -3.66 2.21
C VAL B 28 -25.00 -3.55 3.72
N LEU B 29 -24.57 -2.45 4.35
CA LEU B 29 -24.80 -2.19 5.79
C LEU B 29 -25.94 -1.18 5.94
N ASP B 30 -26.85 -1.43 6.88
CA ASP B 30 -27.95 -0.50 7.25
C ASP B 30 -28.74 -0.13 6.00
N LYS B 31 -28.82 -1.05 5.02
CA LYS B 31 -29.65 -0.93 3.78
C LYS B 31 -29.22 0.27 2.92
N ARG B 32 -27.95 0.70 2.97
CA ARG B 32 -27.51 1.92 2.23
C ARG B 32 -25.99 1.97 2.00
N TYR B 33 -25.16 1.31 2.83
CA TYR B 33 -23.69 1.43 2.78
C TYR B 33 -23.10 0.25 2.00
N ASN B 34 -22.73 0.50 0.74
CA ASN B 34 -22.10 -0.50 -0.14
C ASN B 34 -20.61 -0.54 0.23
N VAL B 35 -20.19 -1.60 0.91
CA VAL B 35 -18.77 -1.81 1.36
C VAL B 35 -17.92 -2.19 0.15
N TYR B 36 -16.84 -1.46 -0.10
CA TYR B 36 -16.00 -1.64 -1.31
C TYR B 36 -14.52 -1.77 -0.94
N GLY B 37 -14.15 -1.55 0.32
CA GLY B 37 -12.72 -1.55 0.72
C GLY B 37 -12.52 -1.67 2.21
N TYR B 38 -11.27 -1.89 2.61
CA TYR B 38 -10.78 -1.96 4.01
C TYR B 38 -9.75 -0.86 4.22
N THR B 39 -9.63 -0.34 5.45
CA THR B 39 -8.69 0.73 5.86
C THR B 39 -7.81 0.20 7.01
N GLY B 40 -8.44 -0.21 8.11
CA GLY B 40 -7.77 -0.62 9.36
C GLY B 40 -8.29 -1.94 9.91
N GLN B 41 -7.38 -2.84 10.28
CA GLN B 41 -7.66 -4.18 10.88
C GLN B 41 -7.79 -4.01 12.40
N PHE B 44 -7.79 -4.36 16.62
CA PHE B 44 -8.36 -3.40 17.61
C PHE B 44 -9.81 -3.10 17.23
N SER B 45 -10.06 -2.85 15.95
CA SER B 45 -11.40 -2.62 15.34
C SER B 45 -11.29 -2.62 13.81
N ASN B 46 -12.37 -2.94 13.07
CA ASN B 46 -12.35 -2.90 11.58
C ASN B 46 -13.07 -1.63 11.08
N VAL B 47 -12.31 -0.79 10.36
CA VAL B 47 -12.81 0.36 9.57
C VAL B 47 -12.88 -0.08 8.11
N VAL B 48 -14.05 0.06 7.48
CA VAL B 48 -14.29 -0.26 6.03
C VAL B 48 -14.64 1.03 5.29
N ARG B 49 -14.32 1.08 4.00
CA ARG B 49 -14.75 2.14 3.06
C ARG B 49 -16.06 1.70 2.41
N ALA B 50 -17.06 2.58 2.39
CA ALA B 50 -18.37 2.29 1.76
C ALA B 50 -18.87 3.53 1.01
N ARG B 51 -19.84 3.32 0.14
CA ARG B 51 -20.57 4.37 -0.61
C ARG B 51 -22.01 4.36 -0.12
N ASP B 52 -22.57 5.55 0.06
CA ASP B 52 -23.94 5.76 0.59
C ASP B 52 -24.89 5.75 -0.62
N ASN B 53 -25.57 4.62 -0.85
CA ASN B 53 -26.60 4.48 -1.91
C ASN B 53 -27.66 5.58 -1.74
N ALA B 54 -28.01 5.90 -0.49
CA ALA B 54 -29.11 6.84 -0.13
C ALA B 54 -28.66 8.30 -0.27
N ARG B 55 -27.39 8.57 -0.61
CA ARG B 55 -26.84 9.95 -0.65
C ARG B 55 -25.79 10.08 -1.77
N ALA B 56 -26.14 9.68 -2.99
CA ALA B 56 -25.38 9.94 -4.25
C ALA B 56 -24.08 9.12 -4.30
N ASN B 57 -24.02 7.97 -3.62
CA ASN B 57 -22.83 7.09 -3.55
C ASN B 57 -21.64 7.83 -2.91
N GLN B 58 -21.90 8.79 -2.02
CA GLN B 58 -20.82 9.55 -1.32
C GLN B 58 -20.00 8.58 -0.47
N GLU B 59 -18.68 8.75 -0.51
CA GLU B 59 -17.71 7.94 0.27
C GLU B 59 -17.95 8.18 1.76
N VAL B 60 -17.97 7.09 2.54
CA VAL B 60 -17.93 7.13 4.02
C VAL B 60 -16.88 6.11 4.48
N ALA B 61 -16.39 6.30 5.70
CA ALA B 61 -15.68 5.28 6.49
C ALA B 61 -16.65 4.77 7.56
N VAL B 62 -16.68 3.45 7.81
CA VAL B 62 -17.54 2.79 8.84
C VAL B 62 -16.65 1.99 9.80
N LYS B 63 -16.60 2.37 11.08
CA LYS B 63 -15.90 1.62 12.15
C LYS B 63 -16.90 0.64 12.75
N ILE B 64 -16.66 -0.66 12.57
CA ILE B 64 -17.48 -1.77 13.15
C ILE B 64 -16.86 -2.08 14.51
N ILE B 65 -17.57 -1.79 15.61
CA ILE B 65 -17.07 -1.99 16.99
C ILE B 65 -17.14 -3.50 17.29
N ARG B 66 -16.12 -4.06 17.94
CA ARG B 66 -16.12 -5.49 18.42
C ARG B 66 -17.29 -5.66 19.41
N ASN B 67 -17.83 -6.88 19.50
CA ASN B 67 -19.19 -7.17 20.05
C ASN B 67 -19.17 -7.39 21.57
N ASN B 68 -18.01 -7.54 22.21
CA ASN B 68 -17.93 -7.91 23.65
C ASN B 68 -18.46 -6.74 24.52
N GLU B 69 -18.65 -6.97 25.82
CA GLU B 69 -19.20 -5.99 26.80
C GLU B 69 -18.27 -4.77 26.91
N LEU B 70 -16.96 -4.99 27.05
CA LEU B 70 -15.95 -3.91 27.22
C LEU B 70 -15.91 -3.02 25.97
N MET B 71 -15.89 -3.63 24.77
CA MET B 71 -15.63 -2.90 23.49
C MET B 71 -16.88 -2.12 23.08
N GLN B 72 -18.08 -2.67 23.29
CA GLN B 72 -19.35 -1.96 22.96
C GLN B 72 -19.56 -0.79 23.93
N LYS B 73 -19.14 -0.94 25.19
CA LYS B 73 -19.20 0.14 26.21
C LYS B 73 -18.22 1.26 25.82
N THR B 74 -17.04 0.88 25.34
CA THR B 74 -15.96 1.75 24.80
C THR B 74 -16.47 2.47 23.54
N GLY B 75 -17.15 1.74 22.66
CA GLY B 75 -17.80 2.28 21.45
C GLY B 75 -18.87 3.32 21.78
N LEU B 76 -19.68 3.10 22.82
CA LEU B 76 -20.77 4.05 23.20
C LEU B 76 -20.16 5.31 23.81
N LYS B 77 -19.04 5.16 24.50
CA LYS B 77 -18.28 6.27 25.09
C LYS B 77 -17.70 7.12 23.95
N GLU B 78 -17.02 6.47 22.99
CA GLU B 78 -16.51 7.11 21.75
C GLU B 78 -17.65 7.86 21.05
N LEU B 79 -18.82 7.23 20.91
CA LEU B 79 -20.02 7.83 20.24
C LEU B 79 -20.39 9.16 20.92
N GLU B 80 -20.56 9.13 22.25
CA GLU B 80 -20.86 10.30 23.13
C GLU B 80 -19.81 11.41 22.96
N PHE B 81 -18.53 11.08 23.05
CA PHE B 81 -17.42 12.07 22.99
C PHE B 81 -17.36 12.72 21.60
N LEU B 82 -17.55 11.93 20.54
CA LEU B 82 -17.50 12.45 19.16
C LEU B 82 -18.66 13.43 18.94
N LYS B 83 -19.84 13.11 19.48
CA LYS B 83 -21.05 13.98 19.39
C LYS B 83 -20.80 15.28 20.15
N LYS B 84 -20.25 15.24 21.36
CA LYS B 84 -19.95 16.47 22.13
C LYS B 84 -18.95 17.32 21.33
N LEU B 85 -17.86 16.72 20.85
CA LEU B 85 -16.77 17.46 20.15
C LEU B 85 -17.34 18.05 18.85
N ASN B 86 -18.08 17.24 18.11
CA ASN B 86 -18.70 17.61 16.81
C ASN B 86 -19.71 18.75 17.03
N ASP B 87 -20.54 18.68 18.09
CA ASP B 87 -21.56 19.72 18.42
C ASP B 87 -20.88 21.03 18.88
N ALA B 88 -19.80 20.93 19.65
CA ALA B 88 -18.98 22.08 20.11
C ALA B 88 -18.22 22.72 18.94
N ASP B 89 -18.08 22.07 17.79
CA ASP B 89 -17.32 22.59 16.61
C ASP B 89 -18.16 22.38 15.35
N PRO B 90 -19.31 23.07 15.22
CA PRO B 90 -20.22 22.82 14.09
C PRO B 90 -19.62 23.11 12.70
N ASP B 91 -18.68 24.06 12.60
CA ASP B 91 -18.06 24.50 11.32
C ASP B 91 -16.75 23.74 11.07
N ASP B 92 -16.37 22.85 11.98
CA ASP B 92 -15.27 21.87 11.80
C ASP B 92 -13.95 22.62 11.56
N LYS B 93 -13.52 23.38 12.57
CA LYS B 93 -12.30 24.22 12.57
C LYS B 93 -11.25 23.73 13.59
N PHE B 94 -11.57 22.76 14.46
CA PHE B 94 -10.71 22.34 15.61
C PHE B 94 -10.25 20.88 15.46
N HIS B 95 -10.30 20.32 14.25
CA HIS B 95 -9.49 19.17 13.79
C HIS B 95 -9.78 17.90 14.57
N CYS B 96 -11.06 17.64 14.89
CA CYS B 96 -11.50 16.29 15.35
C CYS B 96 -12.34 15.63 14.24
N LEU B 97 -12.28 14.30 14.17
CA LEU B 97 -12.96 13.45 13.17
C LEU B 97 -14.46 13.72 13.21
N ARG B 98 -15.09 13.87 12.04
CA ARG B 98 -16.57 14.09 11.91
C ARG B 98 -17.27 12.72 11.88
N LEU B 99 -18.05 12.46 12.92
CA LEU B 99 -19.05 11.37 12.98
C LEU B 99 -20.33 11.85 12.26
N LEU B 100 -20.73 11.20 11.16
CA LEU B 100 -21.94 11.60 10.41
C LEU B 100 -23.16 11.04 11.13
N ARG B 101 -23.12 9.75 11.48
CA ARG B 101 -24.24 9.04 12.12
C ARG B 101 -23.75 7.65 12.55
N HIS B 102 -24.64 6.82 13.10
CA HIS B 102 -24.31 5.46 13.61
C HIS B 102 -25.54 4.56 13.45
N PHE B 103 -25.32 3.25 13.47
CA PHE B 103 -26.40 2.24 13.34
C PHE B 103 -25.91 0.94 13.98
N TYR B 104 -26.80 -0.04 14.02
CA TYR B 104 -26.52 -1.39 14.56
C TYR B 104 -26.74 -2.39 13.41
N HIS B 105 -25.77 -3.29 13.25
CA HIS B 105 -25.75 -4.39 12.25
C HIS B 105 -25.30 -5.65 12.96
N LYS B 106 -26.19 -6.65 13.11
CA LYS B 106 -25.85 -7.95 13.72
C LYS B 106 -25.14 -7.70 15.07
N GLN B 107 -25.71 -6.86 15.93
CA GLN B 107 -25.27 -6.63 17.34
C GLN B 107 -23.94 -5.88 17.42
N HIS B 108 -23.47 -5.29 16.32
CA HIS B 108 -22.26 -4.44 16.28
C HIS B 108 -22.69 -2.98 16.11
N LEU B 109 -22.25 -2.10 17.01
CA LEU B 109 -22.37 -0.63 16.83
C LEU B 109 -21.46 -0.24 15.66
N CYS B 110 -22.00 0.51 14.69
CA CYS B 110 -21.24 1.00 13.52
C CYS B 110 -21.22 2.54 13.55
N LEU B 111 -20.03 3.12 13.62
CA LEU B 111 -19.81 4.58 13.52
C LEU B 111 -19.52 4.90 12.05
N VAL B 112 -20.36 5.75 11.45
CA VAL B 112 -20.19 6.30 10.07
C VAL B 112 -19.43 7.62 10.17
N PHE B 113 -18.27 7.71 9.50
CA PHE B 113 -17.33 8.86 9.56
C PHE B 113 -17.14 9.46 8.17
N GLU B 114 -16.79 10.74 8.14
CA GLU B 114 -16.24 11.40 6.94
C GLU B 114 -15.13 10.51 6.38
N PRO B 115 -14.98 10.45 5.03
CA PRO B 115 -14.05 9.50 4.42
C PRO B 115 -12.59 9.99 4.48
N LEU B 116 -11.87 9.64 5.55
CA LEU B 116 -10.41 9.89 5.62
C LEU B 116 -9.68 8.58 5.31
N SER B 117 -8.58 8.68 4.56
CA SER B 117 -7.88 7.57 3.87
C SER B 117 -6.79 6.94 4.76
N MET B 118 -5.91 7.77 5.33
CA MET B 118 -4.71 7.27 6.05
C MET B 118 -4.50 8.04 7.36
N ASN B 119 -3.61 7.49 8.20
CA ASN B 119 -3.19 8.07 9.49
C ASN B 119 -1.76 8.54 9.29
N LEU B 120 -1.22 9.32 10.23
CA LEU B 120 0.12 9.92 10.10
C LEU B 120 1.18 8.81 10.23
N ARG B 121 0.84 7.64 10.78
CA ARG B 121 1.77 6.49 10.78
C ARG B 121 2.06 6.12 9.32
N GLU B 122 1.03 6.00 8.49
CA GLU B 122 1.17 5.67 7.05
C GLU B 122 1.90 6.80 6.30
N VAL B 123 1.61 8.06 6.63
CA VAL B 123 2.27 9.24 5.99
C VAL B 123 3.78 9.16 6.28
N LEU B 124 4.17 8.84 7.52
CA LEU B 124 5.60 8.76 7.95
C LEU B 124 6.33 7.65 7.16
N LYS B 125 5.67 6.52 6.88
CA LYS B 125 6.23 5.44 6.02
C LYS B 125 6.31 5.93 4.57
N LYS B 126 5.17 6.32 3.99
CA LYS B 126 5.01 6.55 2.53
C LYS B 126 5.75 7.83 2.09
N TYR B 127 5.56 8.95 2.80
CA TYR B 127 6.11 10.27 2.39
C TYR B 127 7.32 10.66 3.26
N GLY B 128 7.37 10.19 4.51
CA GLY B 128 8.53 10.43 5.39
C GLY B 128 9.69 9.51 5.06
N LYS B 129 9.41 8.36 4.44
CA LYS B 129 10.42 7.30 4.18
C LYS B 129 11.22 7.06 5.46
N ASP B 130 10.51 7.04 6.59
CA ASP B 130 10.98 6.60 7.94
C ASP B 130 11.91 7.65 8.58
N VAL B 131 12.12 8.82 7.96
CA VAL B 131 13.06 9.87 8.46
C VAL B 131 12.37 11.23 8.49
N GLY B 132 11.05 11.26 8.67
CA GLY B 132 10.34 12.48 9.09
C GLY B 132 9.84 13.30 7.92
N LEU B 133 9.11 14.37 8.24
CA LEU B 133 8.42 15.23 7.26
C LEU B 133 9.07 16.62 7.27
N HIS B 134 8.75 17.43 6.27
CA HIS B 134 9.17 18.84 6.16
C HIS B 134 8.79 19.62 7.44
N ILE B 135 9.73 20.40 7.99
CA ILE B 135 9.50 21.21 9.24
C ILE B 135 8.26 22.10 9.08
N LYS B 136 7.95 22.55 7.85
CA LYS B 136 6.80 23.47 7.59
C LYS B 136 5.49 22.66 7.66
N ALA B 137 5.48 21.44 7.14
CA ALA B 137 4.35 20.49 7.30
C ALA B 137 4.16 20.24 8.79
N VAL B 138 5.26 20.01 9.53
CA VAL B 138 5.20 19.72 11.00
C VAL B 138 4.62 20.95 11.72
N ARG B 139 5.02 22.15 11.30
CA ARG B 139 4.52 23.43 11.88
C ARG B 139 3.00 23.51 11.70
N SER B 140 2.52 23.26 10.49
CA SER B 140 1.07 23.31 10.19
C SER B 140 0.34 22.23 11.02
N TYR B 141 0.90 21.00 11.11
CA TYR B 141 0.30 19.88 11.87
C TYR B 141 0.26 20.21 13.38
N SER B 142 1.31 20.85 13.88
CA SER B 142 1.42 21.26 15.30
C SER B 142 0.28 22.23 15.63
N GLN B 143 0.09 23.26 14.79
CA GLN B 143 -1.02 24.23 14.92
C GLN B 143 -2.37 23.48 14.94
N GLN B 144 -2.56 22.56 14.00
CA GLN B 144 -3.83 21.79 13.87
C GLN B 144 -4.03 20.95 15.15
N LEU B 145 -2.99 20.33 15.70
CA LEU B 145 -3.12 19.48 16.92
C LEU B 145 -3.41 20.34 18.14
N PHE B 146 -2.81 21.53 18.23
CA PHE B 146 -3.05 22.46 19.37
C PHE B 146 -4.51 22.92 19.33
N LEU B 147 -5.13 23.05 18.15
CA LEU B 147 -6.56 23.43 18.02
C LEU B 147 -7.43 22.28 18.53
N ALA B 148 -7.06 21.04 18.25
CA ALA B 148 -7.74 19.84 18.80
C ALA B 148 -7.60 19.83 20.33
N LEU B 149 -6.39 20.08 20.85
CA LEU B 149 -6.19 20.16 22.32
C LEU B 149 -7.15 21.20 22.90
N LYS B 150 -7.30 22.34 22.22
CA LYS B 150 -8.16 23.46 22.68
C LYS B 150 -9.62 23.01 22.71
N LEU B 151 -10.07 22.28 21.68
CA LEU B 151 -11.47 21.79 21.65
C LEU B 151 -11.67 20.79 22.77
N LEU B 152 -10.73 19.84 22.93
CA LEU B 152 -10.79 18.79 23.98
C LEU B 152 -10.95 19.48 25.34
N LYS B 153 -10.12 20.47 25.64
CA LYS B 153 -10.15 21.15 26.97
C LYS B 153 -11.47 21.90 27.15
N ARG B 154 -11.97 22.58 26.11
CA ARG B 154 -13.24 23.34 26.20
C ARG B 154 -14.40 22.40 26.54
N CYS B 155 -14.33 21.14 26.10
CA CYS B 155 -15.35 20.10 26.36
C CYS B 155 -14.99 19.22 27.58
N ASN B 156 -13.93 19.57 28.33
CA ASN B 156 -13.49 18.85 29.55
C ASN B 156 -13.16 17.38 29.21
N ILE B 157 -12.56 17.12 28.06
CA ILE B 157 -12.23 15.74 27.60
C ILE B 157 -10.71 15.54 27.56
N LEU B 158 -10.24 14.41 28.07
CA LEU B 158 -8.87 13.89 27.87
C LEU B 158 -8.95 12.79 26.81
N HIS B 159 -8.17 12.90 25.74
CA HIS B 159 -8.05 11.84 24.71
C HIS B 159 -7.30 10.64 25.30
N ALA B 160 -6.10 10.88 25.82
CA ALA B 160 -5.25 9.93 26.57
C ALA B 160 -4.51 8.94 25.65
N ASP B 161 -4.63 9.04 24.31
CA ASP B 161 -3.91 8.11 23.38
C ASP B 161 -3.55 8.82 22.07
N ILE B 162 -3.09 10.06 22.14
CA ILE B 162 -2.68 10.84 20.94
C ILE B 162 -1.31 10.32 20.49
N LYS B 163 -1.20 10.03 19.19
CA LYS B 163 0.01 9.47 18.54
C LYS B 163 -0.26 9.40 17.05
N PRO B 164 0.78 9.29 16.19
CA PRO B 164 0.55 9.25 14.74
C PRO B 164 -0.55 8.27 14.31
N ASP B 165 -0.78 7.19 15.05
CA ASP B 165 -1.73 6.12 14.66
C ASP B 165 -3.18 6.60 14.80
N ASN B 166 -3.43 7.60 15.67
CA ASN B 166 -4.78 8.10 16.01
C ASN B 166 -5.00 9.50 15.43
N ILE B 167 -4.19 9.89 14.45
CA ILE B 167 -4.36 11.15 13.69
C ILE B 167 -4.52 10.81 12.21
N LEU B 168 -5.64 11.20 11.62
CA LEU B 168 -6.02 10.88 10.22
C LEU B 168 -5.70 12.09 9.35
N VAL B 169 -5.54 11.91 8.04
CA VAL B 169 -5.35 13.04 7.09
C VAL B 169 -6.23 12.85 5.86
N ASN B 170 -6.57 13.96 5.20
CA ASN B 170 -7.19 13.99 3.85
C ASN B 170 -6.20 13.43 2.83
N GLU B 171 -6.66 13.18 1.60
CA GLU B 171 -5.88 12.57 0.49
C GLU B 171 -4.62 13.39 0.20
N SER B 172 -4.68 14.72 0.31
CA SER B 172 -3.56 15.67 0.04
C SER B 172 -2.60 15.76 1.24
N LYS B 173 -3.01 15.27 2.42
CA LYS B 173 -2.21 15.24 3.67
C LYS B 173 -2.03 16.66 4.22
N THR B 174 -2.93 17.59 3.90
CA THR B 174 -2.83 19.01 4.31
C THR B 174 -3.55 19.22 5.65
N ILE B 175 -4.57 18.41 5.93
CA ILE B 175 -5.48 18.58 7.09
C ILE B 175 -5.53 17.26 7.88
N LEU B 176 -5.34 17.35 9.20
CA LEU B 176 -5.35 16.16 10.08
C LEU B 176 -6.58 16.23 11.00
N LYS B 177 -7.10 15.06 11.38
CA LYS B 177 -8.23 14.90 12.33
C LYS B 177 -7.75 13.94 13.41
N LEU B 178 -7.86 14.37 14.66
CA LEU B 178 -7.68 13.51 15.84
C LEU B 178 -8.82 12.51 15.84
N CYS B 179 -8.54 11.21 15.97
CA CYS B 179 -9.58 10.15 15.98
C CYS B 179 -9.34 9.21 17.15
N ASP B 180 -10.21 8.21 17.29
CA ASP B 180 -10.17 7.12 18.30
C ASP B 180 -10.34 7.70 19.70
N PHE B 181 -11.59 7.89 20.11
CA PHE B 181 -11.99 8.38 21.45
C PHE B 181 -12.41 7.20 22.33
N GLY B 182 -11.91 6.01 22.02
CA GLY B 182 -12.07 4.78 22.81
C GLY B 182 -11.34 4.87 24.15
N SER B 183 -10.21 5.56 24.21
CA SER B 183 -9.40 5.70 25.45
C SER B 183 -9.80 6.98 26.23
N ALA B 184 -10.79 7.74 25.74
CA ALA B 184 -11.07 9.09 26.24
C ALA B 184 -11.85 9.04 27.57
N SER B 185 -11.81 10.14 28.32
CA SER B 185 -12.50 10.29 29.62
C SER B 185 -12.79 11.76 29.91
N HIS B 186 -13.77 12.01 30.78
CA HIS B 186 -14.01 13.31 31.45
C HIS B 186 -12.77 13.64 32.31
N VAL B 187 -12.40 14.91 32.38
CA VAL B 187 -11.20 15.36 33.15
C VAL B 187 -11.25 14.78 34.58
N ALA B 188 -12.45 14.54 35.14
CA ALA B 188 -12.66 14.20 36.57
C ALA B 188 -12.71 12.70 36.81
N ASP B 189 -12.76 11.88 35.75
CA ASP B 189 -12.85 10.40 35.87
C ASP B 189 -11.60 9.87 36.60
N ASN B 190 -10.44 10.51 36.38
CA ASN B 190 -9.12 10.19 36.99
C ASN B 190 -9.02 8.67 37.27
N ASP B 191 -9.26 7.85 36.24
CA ASP B 191 -9.27 6.36 36.30
C ASP B 191 -8.22 5.77 35.35
N ILE B 192 -7.30 6.60 34.83
CA ILE B 192 -6.17 6.11 33.96
C ILE B 192 -5.10 5.50 34.89
N THR B 193 -4.93 4.17 34.81
CA THR B 193 -3.87 3.39 35.50
C THR B 193 -2.65 3.34 34.57
N PRO B 194 -1.43 3.09 35.10
CA PRO B 194 -0.22 3.36 34.33
C PRO B 194 0.08 2.38 33.19
N PTR B 195 -0.76 1.33 33.02
CA PTR B 195 -0.55 0.35 31.97
C PTR B 195 -1.60 0.48 30.85
O PTR B 195 -1.61 -0.38 29.96
CB PTR B 195 -0.57 -1.06 32.56
CG PTR B 195 0.66 -1.42 33.35
CD1 PTR B 195 1.94 -1.23 32.83
CD2 PTR B 195 0.56 -1.95 34.63
CE1 PTR B 195 3.08 -1.55 33.55
CE2 PTR B 195 1.69 -2.28 35.38
CZ PTR B 195 2.94 -2.08 34.82
OH PTR B 195 4.06 -2.44 35.60
P PTR B 195 5.57 -2.24 35.19
O1P PTR B 195 5.91 -2.96 33.91
O2P PTR B 195 6.36 -2.80 36.35
O3P PTR B 195 5.81 -0.76 35.03
N LEU B 196 -2.46 1.50 30.90
CA LEU B 196 -3.44 1.80 29.82
C LEU B 196 -2.75 2.54 28.68
N PHE B 197 -3.15 2.24 27.45
CA PHE B 197 -2.82 3.02 26.23
C PHE B 197 -1.40 2.70 25.77
N SER B 198 -0.70 3.69 25.23
CA SER B 198 0.57 3.56 24.49
C SER B 198 1.74 4.08 25.33
N ARG B 199 2.62 3.18 25.76
CA ARG B 199 3.77 3.48 26.65
C ARG B 199 4.54 4.72 26.15
N PHE B 200 4.91 4.78 24.86
CA PHE B 200 5.91 5.76 24.36
C PHE B 200 5.38 7.20 24.51
N TYR B 201 4.05 7.38 24.55
CA TYR B 201 3.36 8.70 24.56
C TYR B 201 2.78 9.00 25.96
N ARG B 202 3.06 8.12 26.91
CA ARG B 202 2.52 8.16 28.30
C ARG B 202 3.28 9.22 29.12
N ALA B 203 2.55 10.17 29.70
CA ALA B 203 3.11 11.32 30.45
C ALA B 203 3.58 10.88 31.83
N PRO B 204 4.62 11.56 32.38
CA PRO B 204 5.24 11.11 33.62
C PRO B 204 4.23 11.06 34.78
N GLU B 205 3.30 12.01 34.85
CA GLU B 205 2.26 12.08 35.93
C GLU B 205 1.41 10.80 35.92
N ILE B 206 1.11 10.22 34.76
CA ILE B 206 0.34 8.95 34.70
C ILE B 206 1.19 7.83 35.30
N ILE B 207 2.49 7.82 34.99
CA ILE B 207 3.39 6.66 35.32
C ILE B 207 3.55 6.57 36.84
N ILE B 208 3.71 7.72 37.51
CA ILE B 208 3.94 7.77 38.98
C ILE B 208 2.61 7.74 39.76
N GLY B 209 1.47 7.87 39.07
CA GLY B 209 0.12 7.85 39.68
C GLY B 209 -0.20 9.14 40.41
N LYS B 210 0.22 10.28 39.87
CA LYS B 210 -0.23 11.62 40.30
C LYS B 210 -1.58 11.92 39.63
N SER B 211 -2.40 12.77 40.26
CA SER B 211 -3.61 13.37 39.64
C SER B 211 -3.15 14.09 38.37
N TYR B 212 -3.94 14.03 37.31
CA TYR B 212 -3.54 14.48 35.95
C TYR B 212 -4.71 15.13 35.25
N ASP B 213 -4.42 15.84 34.16
CA ASP B 213 -5.43 16.59 33.39
C ASP B 213 -5.04 16.65 31.91
N TYR B 214 -5.49 17.70 31.22
CA TYR B 214 -5.26 18.05 29.80
C TYR B 214 -3.76 18.02 29.49
N GLY B 215 -2.92 18.22 30.52
CA GLY B 215 -1.45 18.12 30.41
C GLY B 215 -0.99 16.83 29.76
N ILE B 216 -1.68 15.70 29.98
CA ILE B 216 -1.25 14.38 29.44
C ILE B 216 -1.35 14.41 27.90
N ASP B 217 -2.33 15.15 27.38
CA ASP B 217 -2.59 15.26 25.92
C ASP B 217 -1.55 16.21 25.32
N MET B 218 -1.17 17.26 26.06
CA MET B 218 -0.09 18.19 25.64
C MET B 218 1.22 17.39 25.54
N TRP B 219 1.51 16.56 26.53
CA TRP B 219 2.74 15.74 26.54
C TRP B 219 2.76 14.84 25.29
N SER B 220 1.68 14.07 25.05
CA SER B 220 1.59 13.12 23.90
C SER B 220 1.79 13.87 22.58
N VAL B 221 1.32 15.11 22.49
CA VAL B 221 1.48 15.92 21.24
C VAL B 221 2.96 16.28 21.09
N GLY B 222 3.61 16.73 22.17
CA GLY B 222 5.07 16.92 22.23
C GLY B 222 5.81 15.73 21.63
N CYS B 223 5.52 14.52 22.11
CA CYS B 223 6.15 13.26 21.65
C CYS B 223 5.87 13.06 20.16
N THR B 224 4.64 13.35 19.73
CA THR B 224 4.16 13.23 18.33
C THR B 224 4.96 14.19 17.42
N LEU B 225 5.12 15.44 17.83
CA LEU B 225 5.77 16.48 16.99
C LEU B 225 7.20 16.07 16.66
N TYR B 226 7.99 15.66 17.65
CA TYR B 226 9.38 15.17 17.46
C TYR B 226 9.36 14.02 16.44
N GLU B 227 8.43 13.07 16.60
CA GLU B 227 8.34 11.88 15.74
C GLU B 227 7.96 12.29 14.31
N LEU B 228 7.08 13.28 14.14
CA LEU B 228 6.68 13.76 12.79
C LEU B 228 7.89 14.36 12.08
N TYR B 229 8.77 15.06 12.79
CA TYR B 229 9.95 15.69 12.15
C TYR B 229 11.07 14.67 11.91
N THR B 230 11.37 13.78 12.85
CA THR B 230 12.57 12.89 12.83
C THR B 230 12.22 11.51 12.28
N GLY B 231 10.96 11.09 12.37
CA GLY B 231 10.53 9.72 12.05
C GLY B 231 10.72 8.75 13.21
N LYS B 232 11.29 9.20 14.34
CA LYS B 232 11.70 8.31 15.46
C LYS B 232 10.86 8.63 16.70
N ILE B 233 10.61 7.60 17.53
CA ILE B 233 9.96 7.74 18.87
C ILE B 233 10.85 8.65 19.72
N LEU B 234 10.27 9.62 20.44
CA LEU B 234 11.05 10.47 21.38
C LEU B 234 11.52 9.63 22.57
N PHE B 235 10.62 8.91 23.24
CA PHE B 235 10.92 8.15 24.49
C PHE B 235 10.59 6.68 24.28
N PRO B 236 11.50 5.92 23.63
CA PRO B 236 11.26 4.49 23.36
C PRO B 236 11.62 3.61 24.56
N GLY B 237 10.92 3.78 25.69
CA GLY B 237 11.15 3.00 26.92
C GLY B 237 10.55 1.60 26.82
N LYS B 238 11.29 0.58 27.25
CA LYS B 238 10.82 -0.83 27.27
C LYS B 238 9.77 -0.99 28.37
N THR B 239 9.78 -0.10 29.36
CA THR B 239 8.94 -0.16 30.58
C THR B 239 8.60 1.27 31.04
N ASN B 240 7.69 1.37 32.00
CA ASN B 240 7.32 2.69 32.59
C ASN B 240 8.55 3.27 33.27
N ASN B 241 9.29 2.43 34.01
CA ASN B 241 10.54 2.84 34.67
C ASN B 241 11.50 3.45 33.65
N HIS B 242 11.69 2.80 32.50
CA HIS B 242 12.60 3.29 31.42
C HIS B 242 12.04 4.61 30.85
N MET B 243 10.71 4.73 30.72
CA MET B 243 10.05 5.97 30.21
C MET B 243 10.46 7.12 31.12
N LEU B 244 10.45 6.92 32.44
CA LEU B 244 10.80 7.99 33.41
C LEU B 244 12.28 8.34 33.23
N LYS B 245 13.15 7.34 33.12
CA LYS B 245 14.60 7.53 32.89
C LYS B 245 14.82 8.41 31.65
N LEU B 246 14.19 8.06 30.54
CA LEU B 246 14.34 8.80 29.25
C LEU B 246 13.83 10.23 29.38
N ALA B 247 12.72 10.48 30.08
CA ALA B 247 12.21 11.85 30.29
C ALA B 247 13.23 12.62 31.13
N MET B 248 13.83 11.98 32.13
CA MET B 248 14.77 12.65 33.07
C MET B 248 16.14 12.80 32.40
N ASP B 249 16.48 11.95 31.43
CA ASP B 249 17.66 12.15 30.54
C ASP B 249 17.55 13.48 29.80
N LEU B 250 16.35 13.98 29.54
CA LEU B 250 16.11 15.30 28.90
C LEU B 250 16.06 16.41 29.95
N LYS B 251 15.28 16.24 31.04
CA LYS B 251 14.90 17.33 31.96
C LYS B 251 15.62 17.24 33.32
N GLY B 252 16.39 16.17 33.58
CA GLY B 252 16.96 15.89 34.91
C GLY B 252 15.92 15.27 35.82
N LYS B 253 16.28 14.92 37.06
CA LYS B 253 15.40 14.14 37.96
C LYS B 253 14.08 14.91 38.15
N MET B 254 12.97 14.17 38.22
CA MET B 254 11.62 14.70 38.51
C MET B 254 11.67 15.47 39.83
N PRO B 255 11.02 16.65 39.95
CA PRO B 255 11.00 17.38 41.22
C PRO B 255 10.40 16.56 42.38
N ASN B 256 11.03 16.64 43.55
CA ASN B 256 10.64 15.99 44.83
C ASN B 256 9.16 16.22 45.12
N LYS B 257 8.67 17.46 45.01
CA LYS B 257 7.25 17.83 45.27
C LYS B 257 6.36 17.01 44.34
N MET B 258 6.81 16.72 43.12
CA MET B 258 6.01 15.94 42.13
C MET B 258 6.03 14.45 42.50
N ILE B 259 7.20 13.89 42.85
CA ILE B 259 7.34 12.45 43.23
C ILE B 259 6.40 12.16 44.40
N ARG B 260 6.40 13.03 45.43
CA ARG B 260 5.62 12.83 46.68
C ARG B 260 4.12 12.71 46.40
N LYS B 261 3.63 13.24 45.27
CA LYS B 261 2.16 13.28 44.98
C LYS B 261 1.70 12.04 44.21
N GLY B 262 2.58 11.07 43.93
CA GLY B 262 2.29 9.90 43.10
C GLY B 262 2.08 8.64 43.94
N VAL B 263 0.95 7.94 43.76
CA VAL B 263 0.62 6.72 44.53
C VAL B 263 1.58 5.58 44.12
N PHE B 264 2.33 5.72 43.01
CA PHE B 264 3.27 4.68 42.51
C PHE B 264 4.73 5.14 42.64
N LYS B 265 5.00 6.25 43.35
CA LYS B 265 6.38 6.73 43.67
C LYS B 265 7.29 5.58 44.13
N ASP B 266 6.80 4.64 44.97
CA ASP B 266 7.60 3.57 45.63
C ASP B 266 8.08 2.53 44.62
N GLN B 267 7.45 2.46 43.44
CA GLN B 267 7.86 1.53 42.36
C GLN B 267 9.07 2.09 41.62
N HIS B 268 9.27 3.42 41.65
CA HIS B 268 10.24 4.16 40.81
C HIS B 268 11.31 4.89 41.63
N PHE B 269 11.01 5.29 42.87
CA PHE B 269 11.90 6.08 43.75
C PHE B 269 12.03 5.41 45.12
N ASP B 270 13.17 5.58 45.78
CA ASP B 270 13.37 5.09 47.17
C ASP B 270 12.94 6.19 48.16
N GLN B 271 12.97 5.86 49.46
CA GLN B 271 12.55 6.75 50.58
C GLN B 271 13.33 8.07 50.54
N ASN B 272 14.56 8.06 50.03
CA ASN B 272 15.45 9.27 49.87
C ASN B 272 15.09 10.04 48.58
N LEU B 273 14.13 9.54 47.79
CA LEU B 273 13.69 10.09 46.48
C LEU B 273 14.83 10.01 45.47
N ASN B 274 15.75 9.06 45.65
CA ASN B 274 16.66 8.61 44.58
C ASN B 274 15.79 7.89 43.54
N PHE B 275 16.13 7.98 42.26
CA PHE B 275 15.48 7.19 41.20
C PHE B 275 16.07 5.78 41.24
N MET B 276 15.22 4.77 41.07
CA MET B 276 15.61 3.34 40.92
C MET B 276 15.54 2.98 39.44
N TYR B 277 16.66 3.01 38.74
CA TYR B 277 16.76 2.57 37.32
C TYR B 277 16.69 1.04 37.31
N ILE B 278 15.57 0.50 36.84
CA ILE B 278 15.26 -0.95 36.85
C ILE B 278 15.51 -1.49 35.42
N GLU B 279 16.44 -2.41 35.29
CA GLU B 279 16.81 -3.05 33.99
C GLU B 279 16.47 -4.55 34.08
N VAL B 280 15.50 -4.98 33.28
CA VAL B 280 14.91 -6.35 33.32
C VAL B 280 15.66 -7.25 32.32
N GLU B 285 14.05 -13.20 33.53
CA GLU B 285 13.30 -11.97 33.97
C GLU B 285 14.00 -11.34 35.18
N ARG B 286 15.34 -11.38 35.22
CA ARG B 286 16.17 -10.93 36.38
C ARG B 286 16.28 -9.40 36.36
N GLU B 287 15.78 -8.73 37.40
CA GLU B 287 15.90 -7.26 37.59
C GLU B 287 17.30 -6.92 38.11
N LYS B 288 17.96 -5.94 37.47
CA LYS B 288 19.11 -5.17 38.03
C LYS B 288 18.60 -3.77 38.39
N VAL B 289 19.03 -3.22 39.52
CA VAL B 289 18.60 -1.86 39.96
C VAL B 289 19.85 -1.01 40.20
N THR B 290 19.87 0.19 39.65
CA THR B 290 20.89 1.24 39.91
C THR B 290 20.20 2.43 40.58
N VAL B 291 20.57 2.76 41.80
CA VAL B 291 19.98 3.90 42.54
C VAL B 291 20.77 5.17 42.20
N MET B 292 20.05 6.25 41.87
CA MET B 292 20.60 7.51 41.30
C MET B 292 20.07 8.72 42.07
N SER B 293 20.98 9.56 42.56
CA SER B 293 20.71 10.82 43.30
C SER B 293 20.21 11.88 42.31
N THR B 294 20.77 11.86 41.10
CA THR B 294 20.46 12.82 40.01
C THR B 294 20.40 12.05 38.69
N ILE B 295 19.79 12.64 37.68
CA ILE B 295 19.99 12.23 36.26
C ILE B 295 20.56 13.45 35.55
N ASN B 296 21.73 13.25 34.93
CA ASN B 296 22.44 14.28 34.14
C ASN B 296 21.64 14.46 32.84
N PRO B 297 21.15 15.68 32.54
CA PRO B 297 20.56 15.97 31.23
C PRO B 297 21.56 15.73 30.10
N THR B 298 21.34 14.66 29.33
CA THR B 298 22.23 14.19 28.24
C THR B 298 21.52 14.29 26.90
N LYS B 299 20.19 14.20 26.88
CA LYS B 299 19.36 14.17 25.66
C LYS B 299 19.44 15.56 25.00
N ASP B 300 19.93 15.59 23.76
CA ASP B 300 20.17 16.83 22.98
C ASP B 300 19.13 16.91 21.86
N LEU B 301 17.97 17.51 22.15
CA LEU B 301 16.85 17.62 21.18
C LEU B 301 17.32 18.29 19.89
N LEU B 302 18.13 19.34 19.98
CA LEU B 302 18.50 20.14 18.77
C LEU B 302 19.32 19.26 17.83
N ALA B 303 20.31 18.55 18.37
CA ALA B 303 21.18 17.65 17.58
C ALA B 303 20.32 16.54 16.96
N ASP B 304 19.36 15.99 17.72
CA ASP B 304 18.45 14.93 17.24
C ASP B 304 17.54 15.45 16.12
N LEU B 305 17.00 16.67 16.26
CA LEU B 305 16.03 17.26 15.28
C LEU B 305 16.78 17.58 13.98
N ILE B 306 17.86 18.36 14.07
CA ILE B 306 18.73 18.71 12.91
C ILE B 306 19.25 17.42 12.27
N GLY B 307 19.82 16.50 13.07
CA GLY B 307 20.39 15.23 12.58
C GLY B 307 21.57 15.46 11.66
N CYS B 308 21.63 14.75 10.53
CA CYS B 308 22.69 14.87 9.50
C CYS B 308 22.37 16.07 8.58
N GLN B 309 21.10 16.48 8.50
CA GLN B 309 20.56 17.47 7.53
C GLN B 309 21.40 18.75 7.53
N ARG B 310 21.63 19.33 6.35
CA ARG B 310 22.08 20.73 6.14
C ARG B 310 20.90 21.49 5.49
N LEU B 311 20.23 22.34 6.27
CA LEU B 311 18.92 22.93 5.93
C LEU B 311 19.14 24.36 5.44
N PRO B 312 18.30 24.85 4.50
CA PRO B 312 18.21 26.28 4.23
C PRO B 312 17.83 27.04 5.50
N GLU B 313 18.26 28.30 5.61
CA GLU B 313 18.12 29.16 6.82
C GLU B 313 16.67 29.19 7.34
N ASP B 314 15.66 29.22 6.47
CA ASP B 314 14.24 29.35 6.91
C ASP B 314 13.88 28.08 7.72
N GLN B 315 14.26 26.91 7.21
CA GLN B 315 13.98 25.59 7.85
C GLN B 315 14.78 25.44 9.15
N ARG B 316 16.06 25.83 9.15
CA ARG B 316 16.95 25.74 10.34
C ARG B 316 16.35 26.57 11.47
N LYS B 317 15.86 27.77 11.18
CA LYS B 317 15.19 28.64 12.17
C LYS B 317 13.97 27.92 12.76
N LYS B 318 13.12 27.35 11.90
CA LYS B 318 11.87 26.67 12.35
C LYS B 318 12.21 25.47 13.24
N VAL B 319 13.28 24.74 12.93
CA VAL B 319 13.72 23.58 13.75
C VAL B 319 14.12 24.08 15.14
N HIS B 320 14.92 25.14 15.23
CA HIS B 320 15.33 25.77 16.51
C HIS B 320 14.09 26.13 17.31
N GLN B 321 13.06 26.66 16.63
CA GLN B 321 11.78 27.07 17.26
C GLN B 321 10.99 25.82 17.68
N LEU B 322 11.00 24.76 16.87
CA LEU B 322 10.36 23.50 17.29
C LEU B 322 11.02 23.01 18.59
N LYS B 323 12.34 23.14 18.68
CA LYS B 323 13.13 22.65 19.83
C LYS B 323 12.72 23.42 21.09
N ASP B 324 12.64 24.75 21.02
CA ASP B 324 12.20 25.61 22.15
C ASP B 324 10.78 25.20 22.58
N LEU B 325 9.89 24.91 21.62
CA LEU B 325 8.48 24.54 21.91
C LEU B 325 8.47 23.20 22.66
N LEU B 326 9.22 22.22 22.15
CA LEU B 326 9.36 20.90 22.80
C LEU B 326 9.91 21.06 24.22
N ASP B 327 10.89 21.96 24.44
CA ASP B 327 11.45 22.22 25.80
C ASP B 327 10.32 22.68 26.73
N GLN B 328 9.38 23.48 26.24
CA GLN B 328 8.27 24.05 27.06
C GLN B 328 7.15 23.01 27.20
N ILE B 329 6.97 22.10 26.23
CA ILE B 329 5.93 21.03 26.30
C ILE B 329 6.37 19.92 27.28
N LEU B 330 7.65 19.56 27.26
CA LEU B 330 8.15 18.31 27.91
C LEU B 330 8.67 18.61 29.32
N MET B 331 8.14 19.63 29.98
CA MET B 331 8.32 19.85 31.44
C MET B 331 7.71 18.65 32.19
N LEU B 332 8.45 18.05 33.12
CA LEU B 332 7.98 16.81 33.81
C LEU B 332 6.80 17.15 34.72
N ASP B 333 6.80 18.35 35.31
CA ASP B 333 5.70 18.87 36.13
C ASP B 333 4.65 19.46 35.20
N PRO B 334 3.43 18.88 35.17
CA PRO B 334 2.35 19.39 34.31
C PRO B 334 1.99 20.86 34.59
N ALA B 335 2.14 21.31 35.84
CA ALA B 335 1.87 22.70 36.28
C ALA B 335 2.85 23.68 35.61
N LYS B 336 4.04 23.21 35.21
CA LYS B 336 5.11 24.04 34.59
C LYS B 336 5.00 24.00 33.06
N ARG B 337 4.08 23.21 32.54
CA ARG B 337 4.00 22.87 31.10
C ARG B 337 3.31 24.03 30.36
N ILE B 338 3.77 24.37 29.17
CA ILE B 338 3.11 25.38 28.28
C ILE B 338 1.61 25.05 28.19
N SER B 339 0.78 26.09 28.23
CA SER B 339 -0.68 26.04 27.99
C SER B 339 -0.94 25.90 26.49
N ILE B 340 -2.17 25.56 26.12
CA ILE B 340 -2.62 25.48 24.70
C ILE B 340 -2.46 26.86 24.05
N ASN B 341 -2.97 27.92 24.67
CA ASN B 341 -2.86 29.32 24.14
C ASN B 341 -1.39 29.74 23.97
N GLN B 342 -0.53 29.43 24.94
CA GLN B 342 0.92 29.77 24.86
C GLN B 342 1.55 29.01 23.68
N ALA B 343 1.18 27.74 23.48
CA ALA B 343 1.64 26.90 22.36
C ALA B 343 1.31 27.57 21.01
N LEU B 344 0.06 27.99 20.82
CA LEU B 344 -0.42 28.68 19.59
C LEU B 344 0.30 30.03 19.40
N GLN B 345 0.71 30.69 20.49
CA GLN B 345 1.35 32.03 20.42
C GLN B 345 2.88 31.88 20.36
N HIS B 346 3.39 30.65 20.36
CA HIS B 346 4.85 30.35 20.33
C HIS B 346 5.43 30.71 18.96
N ALA B 347 6.69 31.17 18.94
CA ALA B 347 7.44 31.57 17.73
C ALA B 347 7.38 30.48 16.63
N PHE B 348 7.40 29.20 17.00
CA PHE B 348 7.28 28.09 16.03
C PHE B 348 5.98 28.26 15.24
N ILE B 349 4.88 28.52 15.95
CA ILE B 349 3.52 28.58 15.35
C ILE B 349 3.31 29.95 14.68
N GLN B 350 3.67 31.06 15.34
CA GLN B 350 3.34 32.44 14.89
C GLN B 350 4.28 32.89 13.75
N GLU B 351 5.60 32.74 13.90
CA GLU B 351 6.60 33.44 13.05
C GLU B 351 6.73 32.78 11.67
N GLY C 19 -6.75 54.70 8.37
CA GLY C 19 -5.45 55.18 8.93
C GLY C 19 -4.26 54.55 8.22
N TYR C 20 -3.91 55.07 7.03
CA TYR C 20 -2.76 54.63 6.21
C TYR C 20 -1.45 54.92 6.97
N TYR C 21 -0.33 54.45 6.43
CA TYR C 21 1.04 54.77 6.92
C TYR C 21 1.78 55.60 5.86
N ARG C 22 2.32 56.76 6.27
CA ARG C 22 3.14 57.66 5.43
C ARG C 22 4.52 57.01 5.22
N VAL C 23 4.74 56.43 4.04
CA VAL C 23 6.00 55.71 3.69
C VAL C 23 7.04 56.74 3.23
N ASN C 24 8.31 56.52 3.58
CA ASN C 24 9.46 57.38 3.18
C ASN C 24 10.53 56.50 2.53
N ILE C 25 11.01 56.87 1.34
CA ILE C 25 12.17 56.20 0.68
C ILE C 25 13.38 56.42 1.59
N GLY C 26 14.31 55.45 1.67
CA GLY C 26 15.51 55.54 2.52
C GLY C 26 15.24 55.13 3.97
N GLU C 27 14.02 55.35 4.46
CA GLU C 27 13.54 54.86 5.79
C GLU C 27 13.87 53.37 5.95
N VAL C 28 14.10 52.93 7.20
CA VAL C 28 14.47 51.53 7.54
C VAL C 28 13.38 50.91 8.41
N LEU C 29 12.83 49.77 7.99
CA LEU C 29 11.77 49.02 8.74
C LEU C 29 12.40 47.81 9.42
N ASP C 30 12.06 47.59 10.70
CA ASP C 30 12.48 46.44 11.54
C ASP C 30 14.02 46.39 11.61
N LYS C 31 14.68 47.55 11.62
CA LYS C 31 16.15 47.71 11.77
C LYS C 31 16.90 46.86 10.72
N ARG C 32 16.32 46.62 9.54
CA ARG C 32 16.93 45.72 8.51
C ARG C 32 16.46 46.02 7.08
N TYR C 33 15.22 46.52 6.89
CA TYR C 33 14.61 46.70 5.54
C TYR C 33 14.82 48.13 5.05
N ASN C 34 15.72 48.32 4.08
CA ASN C 34 15.99 49.60 3.37
C ASN C 34 14.91 49.85 2.32
N VAL C 35 13.94 50.71 2.61
CA VAL C 35 12.80 51.03 1.69
C VAL C 35 13.32 51.92 0.56
N TYR C 36 13.37 51.39 -0.67
CA TYR C 36 14.00 52.05 -1.84
C TYR C 36 12.97 52.42 -2.92
N GLY C 37 11.77 51.81 -2.95
CA GLY C 37 10.78 52.05 -4.02
C GLY C 37 9.35 51.78 -3.58
N TYR C 38 8.37 52.24 -4.37
CA TYR C 38 6.93 51.89 -4.27
C TYR C 38 6.58 50.86 -5.36
N THR C 39 5.54 50.07 -5.12
CA THR C 39 5.00 49.04 -6.06
C THR C 39 3.51 49.29 -6.27
N GLY C 40 2.73 49.20 -5.19
CA GLY C 40 1.27 49.47 -5.14
C GLY C 40 0.86 50.09 -3.82
N GLN C 41 -0.17 50.94 -3.82
CA GLN C 41 -0.65 51.68 -2.61
C GLN C 41 -2.10 52.14 -2.84
N GLY C 42 -3.08 51.43 -2.24
CA GLY C 42 -4.52 51.65 -2.44
C GLY C 42 -5.37 50.92 -1.40
N SER C 45 -3.94 49.13 0.77
CA SER C 45 -2.75 49.14 1.67
C SER C 45 -1.49 49.49 0.87
N ASN C 46 -0.34 49.61 1.55
CA ASN C 46 0.94 50.07 0.95
C ASN C 46 1.91 48.90 0.79
N VAL C 47 2.31 48.59 -0.44
CA VAL C 47 3.43 47.67 -0.74
C VAL C 47 4.64 48.53 -1.13
N VAL C 48 5.82 48.25 -0.57
CA VAL C 48 7.09 48.93 -0.92
C VAL C 48 8.14 47.85 -1.26
N ARG C 49 9.13 48.22 -2.07
CA ARG C 49 10.35 47.40 -2.30
C ARG C 49 11.36 47.81 -1.23
N ALA C 50 12.18 46.86 -0.80
CA ALA C 50 13.25 47.09 0.20
C ALA C 50 14.37 46.07 -0.02
N ARG C 51 15.56 46.40 0.47
CA ARG C 51 16.71 45.48 0.58
C ARG C 51 16.86 45.08 2.06
N ASP C 52 17.20 43.81 2.31
CA ASP C 52 17.41 43.25 3.66
C ASP C 52 18.92 43.18 3.92
N ASN C 53 19.45 44.14 4.68
CA ASN C 53 20.91 44.23 4.96
C ASN C 53 21.33 43.16 5.98
N ALA C 54 20.37 42.52 6.66
CA ALA C 54 20.60 41.35 7.55
C ALA C 54 20.75 40.07 6.74
N ARG C 55 20.52 40.11 5.42
CA ARG C 55 20.51 38.90 4.55
C ARG C 55 20.95 39.29 3.12
N ALA C 56 22.04 40.04 3.00
CA ALA C 56 22.86 40.25 1.77
C ALA C 56 22.22 41.29 0.85
N ASN C 57 21.47 42.25 1.40
CA ASN C 57 20.72 43.29 0.63
C ASN C 57 19.73 42.64 -0.35
N GLN C 58 19.31 41.39 -0.10
CA GLN C 58 18.33 40.65 -0.93
C GLN C 58 17.02 41.45 -1.02
N GLU C 59 16.40 41.43 -2.20
CA GLU C 59 15.13 42.15 -2.49
C GLU C 59 13.97 41.47 -1.76
N VAL C 60 13.10 42.27 -1.17
CA VAL C 60 11.80 41.82 -0.59
C VAL C 60 10.74 42.87 -0.93
N ALA C 61 9.48 42.47 -0.88
CA ALA C 61 8.32 43.37 -0.95
C ALA C 61 7.72 43.41 0.46
N VAL C 62 7.37 44.59 0.96
CA VAL C 62 6.76 44.74 2.30
C VAL C 62 5.37 45.36 2.12
N LYS C 63 4.34 44.60 2.47
CA LYS C 63 2.93 45.05 2.53
C LYS C 63 2.71 45.61 3.92
N ILE C 64 2.37 46.89 4.03
CA ILE C 64 2.15 47.60 5.32
C ILE C 64 0.64 47.79 5.46
N ILE C 65 0.06 47.18 6.49
CA ILE C 65 -1.41 47.02 6.68
C ILE C 65 -1.92 48.26 7.41
N ARG C 66 -3.05 48.82 6.97
CA ARG C 66 -3.69 50.03 7.57
C ARG C 66 -4.02 49.72 9.04
N ASN C 67 -3.84 50.70 9.93
CA ASN C 67 -3.80 50.53 11.41
C ASN C 67 -5.21 50.61 12.05
N ASN C 68 -6.28 50.73 11.26
CA ASN C 68 -7.68 50.78 11.77
C ASN C 68 -8.07 49.37 12.24
N GLU C 69 -9.32 49.19 12.69
CA GLU C 69 -9.82 47.95 13.34
C GLU C 69 -10.16 46.90 12.27
N LEU C 70 -10.78 47.31 11.15
CA LEU C 70 -11.22 46.41 10.04
C LEU C 70 -9.98 45.71 9.43
N MET C 71 -8.99 46.51 9.00
CA MET C 71 -7.81 46.05 8.23
C MET C 71 -6.81 45.32 9.15
N GLN C 72 -6.78 45.65 10.45
CA GLN C 72 -5.94 44.94 11.47
C GLN C 72 -6.33 43.46 11.49
N LYS C 73 -7.62 43.18 11.75
CA LYS C 73 -8.24 41.83 11.71
C LYS C 73 -8.02 41.19 10.33
N THR C 74 -8.23 41.94 9.24
CA THR C 74 -8.12 41.50 7.82
C THR C 74 -6.68 41.09 7.52
N GLY C 75 -5.70 41.86 8.02
CA GLY C 75 -4.26 41.58 7.91
C GLY C 75 -3.86 40.34 8.69
N LEU C 76 -4.48 40.10 9.85
CA LEU C 76 -4.19 38.90 10.70
C LEU C 76 -4.72 37.66 9.99
N LYS C 77 -5.91 37.75 9.40
CA LYS C 77 -6.53 36.66 8.60
C LYS C 77 -5.61 36.36 7.40
N GLU C 78 -5.26 37.40 6.64
CA GLU C 78 -4.32 37.27 5.50
C GLU C 78 -3.09 36.50 5.97
N LEU C 79 -2.54 36.90 7.13
CA LEU C 79 -1.30 36.36 7.73
C LEU C 79 -1.49 34.86 7.95
N GLU C 80 -2.57 34.47 8.62
CA GLU C 80 -2.89 33.04 8.94
C GLU C 80 -3.05 32.24 7.64
N PHE C 81 -3.76 32.75 6.63
CA PHE C 81 -4.02 32.03 5.36
C PHE C 81 -2.70 31.78 4.60
N LEU C 82 -1.83 32.78 4.52
CA LEU C 82 -0.52 32.68 3.82
C LEU C 82 0.34 31.61 4.49
N LYS C 83 0.40 31.58 5.82
CA LYS C 83 1.18 30.57 6.58
C LYS C 83 0.65 29.18 6.26
N LYS C 84 -0.67 28.99 6.27
CA LYS C 84 -1.31 27.68 5.95
C LYS C 84 -0.98 27.27 4.52
N LEU C 85 -1.16 28.17 3.55
CA LEU C 85 -0.93 27.84 2.12
C LEU C 85 0.55 27.56 1.91
N ASN C 86 1.41 28.40 2.51
CA ASN C 86 2.89 28.26 2.43
C ASN C 86 3.29 26.91 3.05
N ASP C 87 2.71 26.54 4.20
CA ASP C 87 3.07 25.29 4.92
C ASP C 87 2.64 24.07 4.10
N ALA C 88 1.46 24.13 3.47
CA ALA C 88 0.85 23.03 2.70
C ALA C 88 1.61 22.83 1.37
N ASP C 89 2.51 23.76 1.01
CA ASP C 89 3.29 23.71 -0.25
C ASP C 89 4.74 24.11 0.00
N PRO C 90 5.53 23.28 0.73
CA PRO C 90 6.87 23.68 1.15
C PRO C 90 7.86 23.94 0.01
N ASP C 91 7.69 23.29 -1.15
CA ASP C 91 8.61 23.42 -2.32
C ASP C 91 8.08 24.43 -3.34
N ASP C 92 6.94 25.09 -3.06
CA ASP C 92 6.43 26.26 -3.82
C ASP C 92 6.10 25.83 -5.26
N LYS C 93 5.22 24.83 -5.40
CA LYS C 93 4.81 24.24 -6.69
C LYS C 93 3.39 24.67 -7.08
N PHE C 94 2.62 25.26 -6.15
CA PHE C 94 1.16 25.46 -6.34
C PHE C 94 0.80 26.96 -6.36
N HIS C 95 1.77 27.82 -6.63
CA HIS C 95 1.57 29.18 -7.21
C HIS C 95 0.78 30.10 -6.27
N CYS C 96 1.08 30.10 -4.97
CA CYS C 96 0.65 31.20 -4.06
C CYS C 96 1.87 32.01 -3.58
N LEU C 97 1.67 33.31 -3.36
CA LEU C 97 2.70 34.27 -2.90
C LEU C 97 3.37 33.69 -1.64
N ARG C 98 4.70 33.78 -1.56
CA ARG C 98 5.51 33.29 -0.40
C ARG C 98 5.66 34.43 0.61
N LEU C 99 5.05 34.25 1.78
CA LEU C 99 5.29 35.10 2.98
C LEU C 99 6.60 34.65 3.64
N LEU C 100 7.64 35.48 3.61
CA LEU C 100 8.95 35.16 4.23
C LEU C 100 8.81 35.25 5.75
N ARG C 101 8.23 36.34 6.24
CA ARG C 101 8.00 36.61 7.69
C ARG C 101 7.17 37.89 7.80
N HIS C 102 6.83 38.28 9.02
CA HIS C 102 6.09 39.53 9.34
C HIS C 102 6.74 40.21 10.54
N PHE C 103 6.29 41.43 10.85
CA PHE C 103 6.77 42.24 12.01
C PHE C 103 5.78 43.40 12.20
N TYR C 104 5.90 44.09 13.32
CA TYR C 104 5.09 45.29 13.62
C TYR C 104 6.01 46.50 13.55
N HIS C 105 5.53 47.58 12.93
CA HIS C 105 6.23 48.88 12.78
C HIS C 105 5.23 49.99 13.07
N LYS C 106 5.46 50.76 14.13
CA LYS C 106 4.54 51.82 14.63
C LYS C 106 3.10 51.27 14.58
N GLN C 107 2.89 50.08 15.14
CA GLN C 107 1.58 49.41 15.34
C GLN C 107 0.90 49.06 13.99
N HIS C 108 1.68 49.01 12.90
CA HIS C 108 1.21 48.54 11.56
C HIS C 108 1.80 47.15 11.31
N LEU C 109 0.93 46.14 11.11
CA LEU C 109 1.35 44.78 10.64
C LEU C 109 2.02 44.94 9.27
N CYS C 110 3.21 44.35 9.12
CA CYS C 110 4.02 44.36 7.89
C CYS C 110 4.27 42.91 7.44
N LEU C 111 3.80 42.56 6.26
CA LEU C 111 4.06 41.24 5.64
C LEU C 111 5.24 41.40 4.71
N VAL C 112 6.28 40.58 4.91
CA VAL C 112 7.51 40.52 4.07
C VAL C 112 7.33 39.38 3.05
N PHE C 113 7.36 39.71 1.76
CA PHE C 113 7.08 38.81 0.62
C PHE C 113 8.32 38.65 -0.23
N GLU C 114 8.47 37.48 -0.86
CA GLU C 114 9.38 37.31 -2.02
C GLU C 114 9.19 38.51 -2.95
N PRO C 115 10.26 39.04 -3.57
CA PRO C 115 10.18 40.30 -4.31
C PRO C 115 9.57 40.20 -5.73
N LEU C 116 8.26 39.99 -5.80
CA LEU C 116 7.49 40.20 -7.06
C LEU C 116 7.12 41.68 -7.09
N SER C 117 7.09 42.31 -8.28
CA SER C 117 6.79 43.75 -8.41
C SER C 117 5.90 44.06 -9.62
N MET C 118 5.21 43.07 -10.18
CA MET C 118 4.25 43.25 -11.30
C MET C 118 3.03 42.34 -11.09
N ASN C 119 1.81 42.85 -11.34
CA ASN C 119 0.59 42.00 -11.38
C ASN C 119 0.15 41.80 -12.84
N LEU C 120 -0.76 40.88 -13.09
CA LEU C 120 -1.21 40.49 -14.45
C LEU C 120 -1.99 41.64 -15.08
N ARG C 121 -2.52 42.55 -14.27
CA ARG C 121 -3.18 43.77 -14.79
C ARG C 121 -2.14 44.57 -15.58
N GLU C 122 -0.95 44.76 -15.00
CA GLU C 122 0.18 45.51 -15.62
C GLU C 122 0.68 44.74 -16.85
N VAL C 123 0.78 43.42 -16.78
CA VAL C 123 1.25 42.58 -17.92
C VAL C 123 0.28 42.75 -19.11
N LEU C 124 -1.03 42.74 -18.86
CA LEU C 124 -2.04 42.91 -19.94
C LEU C 124 -1.85 44.28 -20.63
N LYS C 125 -1.44 45.31 -19.89
CA LYS C 125 -1.11 46.66 -20.43
C LYS C 125 0.20 46.58 -21.23
N LYS C 126 1.32 46.33 -20.57
CA LYS C 126 2.69 46.44 -21.13
C LYS C 126 2.90 45.43 -22.26
N TYR C 127 2.54 44.15 -22.05
CA TYR C 127 2.87 43.04 -22.99
C TYR C 127 1.65 42.65 -23.84
N GLY C 128 0.44 42.79 -23.30
CA GLY C 128 -0.80 42.48 -24.05
C GLY C 128 -1.23 43.63 -24.93
N LYS C 129 -0.82 44.85 -24.60
CA LYS C 129 -1.22 46.12 -25.29
C LYS C 129 -2.75 46.19 -25.37
N ASP C 130 -3.43 45.72 -24.32
CA ASP C 130 -4.88 45.87 -24.07
C ASP C 130 -5.69 44.90 -24.94
N VAL C 131 -5.04 44.06 -25.75
CA VAL C 131 -5.74 43.06 -26.63
C VAL C 131 -5.30 41.63 -26.28
N GLY C 132 -4.69 41.44 -25.10
CA GLY C 132 -4.51 40.10 -24.51
C GLY C 132 -3.18 39.46 -24.89
N LEU C 133 -2.93 38.26 -24.37
CA LEU C 133 -1.61 37.60 -24.40
C LEU C 133 -1.64 36.48 -25.43
N HIS C 134 -0.46 36.02 -25.82
CA HIS C 134 -0.26 34.82 -26.69
C HIS C 134 -0.98 33.64 -26.04
N ILE C 135 -1.74 32.86 -26.84
CA ILE C 135 -2.56 31.70 -26.37
C ILE C 135 -1.67 30.71 -25.60
N LYS C 136 -0.39 30.58 -25.95
CA LYS C 136 0.52 29.61 -25.30
C LYS C 136 0.83 30.09 -23.88
N ALA C 137 0.97 31.41 -23.68
CA ALA C 137 1.18 32.05 -22.35
C ALA C 137 -0.08 31.89 -21.51
N VAL C 138 -1.27 32.04 -22.10
CA VAL C 138 -2.57 31.86 -21.40
C VAL C 138 -2.65 30.41 -20.91
N ARG C 139 -2.24 29.44 -21.75
CA ARG C 139 -2.25 27.99 -21.42
C ARG C 139 -1.38 27.76 -20.17
N SER C 140 -0.19 28.32 -20.15
CA SER C 140 0.73 28.17 -18.99
C SER C 140 0.10 28.79 -17.73
N TYR C 141 -0.42 30.01 -17.86
CA TYR C 141 -1.05 30.79 -16.75
C TYR C 141 -2.28 30.04 -16.23
N SER C 142 -3.04 29.44 -17.14
CA SER C 142 -4.22 28.60 -16.81
C SER C 142 -3.77 27.41 -15.96
N GLN C 143 -2.74 26.66 -16.38
CA GLN C 143 -2.24 25.50 -15.58
C GLN C 143 -1.83 26.02 -14.20
N GLN C 144 -1.10 27.13 -14.17
CA GLN C 144 -0.57 27.68 -12.91
C GLN C 144 -1.75 28.10 -12.01
N LEU C 145 -2.82 28.69 -12.55
CA LEU C 145 -3.97 29.16 -11.72
C LEU C 145 -4.77 27.94 -11.22
N PHE C 146 -4.89 26.89 -12.03
CA PHE C 146 -5.58 25.64 -11.64
C PHE C 146 -4.83 25.00 -10.47
N LEU C 147 -3.50 25.10 -10.46
CA LEU C 147 -2.66 24.58 -9.34
C LEU C 147 -2.94 25.40 -8.08
N ALA C 148 -3.11 26.71 -8.20
CA ALA C 148 -3.48 27.57 -7.04
C ALA C 148 -4.88 27.16 -6.55
N LEU C 149 -5.84 26.95 -7.44
CA LEU C 149 -7.20 26.48 -7.04
C LEU C 149 -7.06 25.18 -6.23
N LYS C 150 -6.16 24.29 -6.65
CA LYS C 150 -5.96 22.96 -6.04
C LYS C 150 -5.47 23.15 -4.60
N LEU C 151 -4.50 24.04 -4.39
CA LEU C 151 -3.91 24.28 -3.05
C LEU C 151 -4.97 24.92 -2.17
N LEU C 152 -5.73 25.90 -2.68
CA LEU C 152 -6.81 26.57 -1.89
C LEU C 152 -7.80 25.50 -1.41
N LYS C 153 -8.23 24.61 -2.30
CA LYS C 153 -9.26 23.59 -1.95
C LYS C 153 -8.69 22.59 -0.94
N ARG C 154 -7.45 22.16 -1.13
CA ARG C 154 -6.76 21.22 -0.20
C ARG C 154 -6.75 21.79 1.21
N CYS C 155 -6.63 23.12 1.34
CA CYS C 155 -6.59 23.84 2.64
C CYS C 155 -7.98 24.37 3.02
N ASN C 156 -9.03 24.00 2.28
CA ASN C 156 -10.43 24.46 2.53
C ASN C 156 -10.50 25.99 2.60
N ILE C 157 -9.83 26.68 1.69
CA ILE C 157 -9.84 28.16 1.62
C ILE C 157 -10.55 28.61 0.34
N LEU C 158 -11.36 29.66 0.46
CA LEU C 158 -11.95 30.40 -0.69
C LEU C 158 -11.20 31.73 -0.78
N HIS C 159 -10.58 32.03 -1.92
CA HIS C 159 -9.90 33.33 -2.17
C HIS C 159 -10.98 34.40 -2.29
N ALA C 160 -11.94 34.17 -3.19
CA ALA C 160 -13.18 34.96 -3.37
C ALA C 160 -12.94 36.28 -4.11
N ASP C 161 -11.73 36.57 -4.59
CA ASP C 161 -11.44 37.84 -5.31
C ASP C 161 -10.30 37.60 -6.30
N ILE C 162 -10.33 36.47 -7.01
CA ILE C 162 -9.32 36.13 -8.04
C ILE C 162 -9.61 36.98 -9.28
N LYS C 163 -8.57 37.60 -9.83
CA LYS C 163 -8.64 38.47 -11.02
C LYS C 163 -7.23 38.91 -11.35
N PRO C 164 -6.97 39.49 -12.54
CA PRO C 164 -5.61 39.92 -12.92
C PRO C 164 -4.86 40.76 -11.88
N ASP C 165 -5.57 41.58 -11.14
CA ASP C 165 -5.02 42.58 -10.18
C ASP C 165 -4.41 41.87 -8.97
N ASN C 166 -4.88 40.64 -8.67
CA ASN C 166 -4.53 39.85 -7.47
C ASN C 166 -3.67 38.64 -7.89
N ILE C 167 -3.06 38.70 -9.08
CA ILE C 167 -2.12 37.66 -9.59
C ILE C 167 -0.81 38.36 -9.93
N LEU C 168 0.28 38.01 -9.23
CA LEU C 168 1.61 38.63 -9.39
C LEU C 168 2.42 37.78 -10.35
N VAL C 169 3.42 38.36 -11.01
CA VAL C 169 4.35 37.61 -11.91
C VAL C 169 5.80 37.97 -11.51
N ASN C 170 6.73 37.03 -11.69
CA ASN C 170 8.19 37.24 -11.65
C ASN C 170 8.60 38.22 -12.77
N GLU C 171 9.86 38.64 -12.80
CA GLU C 171 10.41 39.65 -13.76
C GLU C 171 10.28 39.15 -15.20
N SER C 172 10.48 37.85 -15.46
CA SER C 172 10.41 37.26 -16.82
C SER C 172 8.96 36.98 -17.23
N LYS C 173 8.03 37.03 -16.27
CA LYS C 173 6.57 36.86 -16.49
C LYS C 173 6.25 35.39 -16.82
N THR C 174 7.15 34.46 -16.46
CA THR C 174 6.96 33.01 -16.71
C THR C 174 6.10 32.39 -15.59
N ILE C 175 6.11 32.98 -14.38
CA ILE C 175 5.53 32.36 -13.16
C ILE C 175 4.54 33.33 -12.53
N LEU C 176 3.32 32.89 -12.25
CA LEU C 176 2.32 33.73 -11.55
C LEU C 176 2.06 33.16 -10.15
N LYS C 177 1.77 34.07 -9.23
CA LYS C 177 1.50 33.79 -7.81
C LYS C 177 0.18 34.46 -7.43
N LEU C 178 -0.77 33.69 -6.91
CA LEU C 178 -2.03 34.24 -6.34
C LEU C 178 -1.65 35.01 -5.09
N CYS C 179 -2.22 36.20 -4.90
CA CYS C 179 -1.91 37.06 -3.73
C CYS C 179 -3.20 37.69 -3.24
N ASP C 180 -3.09 38.48 -2.16
CA ASP C 180 -4.19 39.20 -1.47
C ASP C 180 -5.19 38.20 -0.90
N PHE C 181 -4.86 37.66 0.28
CA PHE C 181 -5.72 36.71 1.01
C PHE C 181 -6.52 37.46 2.08
N GLY C 182 -6.82 38.74 1.81
CA GLY C 182 -7.60 39.65 2.68
C GLY C 182 -9.09 39.49 2.49
N SER C 183 -9.54 39.05 1.32
CA SER C 183 -10.97 38.79 1.03
C SER C 183 -11.32 37.32 1.39
N ALA C 184 -10.34 36.54 1.84
CA ALA C 184 -10.38 35.06 1.91
C ALA C 184 -11.20 34.57 3.11
N SER C 185 -11.74 33.36 3.01
CA SER C 185 -12.57 32.74 4.06
C SER C 185 -12.39 31.23 4.07
N HIS C 186 -12.65 30.60 5.21
CA HIS C 186 -12.85 29.13 5.34
C HIS C 186 -14.11 28.80 4.53
N VAL C 187 -14.18 27.61 3.95
CA VAL C 187 -15.31 27.18 3.07
C VAL C 187 -16.64 27.21 3.83
N ALA C 188 -16.60 27.10 5.16
CA ALA C 188 -17.80 26.91 6.04
C ALA C 188 -18.39 28.26 6.46
N ASP C 189 -17.63 29.35 6.31
CA ASP C 189 -17.98 30.69 6.86
C ASP C 189 -19.30 31.18 6.26
N ASN C 190 -19.59 30.85 4.99
CA ASN C 190 -20.88 31.12 4.29
C ASN C 190 -21.36 32.56 4.55
N ASP C 191 -20.45 33.54 4.43
CA ASP C 191 -20.64 34.95 4.88
C ASP C 191 -20.44 35.95 3.73
N ILE C 192 -20.13 35.47 2.51
CA ILE C 192 -19.86 36.33 1.32
C ILE C 192 -21.20 36.83 0.78
N THR C 193 -21.51 38.11 0.99
CA THR C 193 -22.76 38.76 0.52
C THR C 193 -22.52 39.23 -0.93
N PRO C 194 -23.58 39.57 -1.69
CA PRO C 194 -23.45 39.77 -3.12
C PRO C 194 -22.88 41.12 -3.55
N PTR C 195 -22.41 41.95 -2.59
CA PTR C 195 -21.81 43.23 -2.92
C PTR C 195 -20.36 43.32 -2.43
O PTR C 195 -19.78 44.41 -2.45
CB PTR C 195 -22.64 44.37 -2.32
CG PTR C 195 -23.97 44.60 -3.01
CD1 PTR C 195 -24.03 45.23 -4.24
CD2 PTR C 195 -25.17 44.20 -2.43
CE1 PTR C 195 -25.23 45.46 -4.89
CE2 PTR C 195 -26.38 44.42 -3.06
CZ PTR C 195 -26.41 45.06 -4.29
OH PTR C 195 -27.67 45.27 -4.89
P PTR C 195 -27.95 45.70 -6.40
O1P PTR C 195 -27.12 46.90 -6.81
O2P PTR C 195 -29.43 46.04 -6.43
O3P PTR C 195 -27.66 44.55 -7.29
N LEU C 196 -19.77 42.18 -2.02
CA LEU C 196 -18.55 42.21 -1.23
C LEU C 196 -17.27 42.38 -2.08
N PHE C 197 -17.12 41.67 -3.20
CA PHE C 197 -15.79 41.61 -3.88
C PHE C 197 -15.82 42.42 -5.19
N SER C 198 -15.37 41.84 -6.30
CA SER C 198 -15.24 42.46 -7.65
C SER C 198 -16.36 41.93 -8.56
N ARG C 199 -17.30 42.81 -8.92
CA ARG C 199 -18.59 42.47 -9.58
C ARG C 199 -18.34 41.65 -10.84
N PHE C 200 -17.31 41.97 -11.63
CA PHE C 200 -17.07 41.35 -12.97
C PHE C 200 -16.78 39.85 -12.81
N TYR C 201 -16.23 39.44 -11.67
CA TYR C 201 -15.63 38.09 -11.44
C TYR C 201 -16.50 37.29 -10.46
N ARG C 202 -17.64 37.87 -10.09
CA ARG C 202 -18.55 37.38 -9.02
C ARG C 202 -19.45 36.29 -9.61
N ALA C 203 -19.48 35.11 -8.99
CA ALA C 203 -20.18 33.93 -9.54
C ALA C 203 -21.68 34.09 -9.33
N PRO C 204 -22.52 33.49 -10.20
CA PRO C 204 -23.97 33.65 -10.08
C PRO C 204 -24.53 33.16 -8.72
N GLU C 205 -23.96 32.10 -8.14
CA GLU C 205 -24.46 31.55 -6.85
C GLU C 205 -24.31 32.62 -5.75
N ILE C 206 -23.26 33.43 -5.82
CA ILE C 206 -23.04 34.52 -4.82
C ILE C 206 -24.15 35.57 -5.00
N ILE C 207 -24.45 35.90 -6.25
CA ILE C 207 -25.42 36.97 -6.60
C ILE C 207 -26.83 36.59 -6.14
N ILE C 208 -27.26 35.35 -6.37
CA ILE C 208 -28.66 34.91 -6.05
C ILE C 208 -28.74 34.49 -4.58
N GLY C 209 -27.62 34.41 -3.86
CA GLY C 209 -27.57 34.15 -2.41
C GLY C 209 -27.71 32.66 -2.10
N LYS C 210 -27.18 31.82 -2.99
CA LYS C 210 -27.11 30.36 -2.82
C LYS C 210 -25.90 30.00 -1.95
N SER C 211 -25.96 28.88 -1.25
CA SER C 211 -24.80 28.28 -0.56
C SER C 211 -23.73 28.05 -1.63
N TYR C 212 -22.48 28.40 -1.34
CA TYR C 212 -21.37 28.42 -2.32
C TYR C 212 -20.15 27.71 -1.75
N ASP C 213 -19.19 27.37 -2.61
CA ASP C 213 -17.90 26.75 -2.20
C ASP C 213 -16.82 27.16 -3.19
N TYR C 214 -15.81 26.32 -3.35
CA TYR C 214 -14.61 26.46 -4.22
C TYR C 214 -15.02 26.85 -5.64
N GLY C 215 -16.20 26.40 -6.06
CA GLY C 215 -16.88 26.78 -7.31
C GLY C 215 -16.72 28.25 -7.64
N ILE C 216 -16.71 29.13 -6.64
CA ILE C 216 -16.71 30.61 -6.89
C ILE C 216 -15.35 31.01 -7.46
N ASP C 217 -14.28 30.36 -6.97
CA ASP C 217 -12.89 30.63 -7.39
C ASP C 217 -12.71 30.08 -8.81
N MET C 218 -13.30 28.93 -9.11
CA MET C 218 -13.21 28.32 -10.46
C MET C 218 -13.86 29.28 -11.48
N TRP C 219 -15.04 29.81 -11.15
CA TRP C 219 -15.78 30.85 -11.94
C TRP C 219 -14.89 32.07 -12.21
N SER C 220 -14.28 32.67 -11.18
CA SER C 220 -13.40 33.87 -11.32
C SER C 220 -12.24 33.56 -12.28
N VAL C 221 -11.65 32.37 -12.16
CA VAL C 221 -10.50 31.96 -13.00
C VAL C 221 -10.97 31.92 -14.46
N GLY C 222 -12.12 31.29 -14.74
CA GLY C 222 -12.70 31.26 -16.10
C GLY C 222 -12.79 32.67 -16.68
N CYS C 223 -13.36 33.60 -15.91
CA CYS C 223 -13.50 35.05 -16.25
C CYS C 223 -12.10 35.65 -16.53
N THR C 224 -11.10 35.26 -15.76
CA THR C 224 -9.71 35.75 -15.88
C THR C 224 -9.08 35.18 -17.16
N LEU C 225 -9.28 33.89 -17.46
CA LEU C 225 -8.62 33.23 -18.61
C LEU C 225 -9.11 33.89 -19.90
N TYR C 226 -10.41 34.12 -20.03
CA TYR C 226 -10.99 34.87 -21.18
C TYR C 226 -10.27 36.20 -21.34
N GLU C 227 -10.15 36.94 -20.24
CA GLU C 227 -9.60 38.32 -20.20
C GLU C 227 -8.09 38.24 -20.50
N LEU C 228 -7.41 37.18 -20.08
CA LEU C 228 -5.96 37.01 -20.40
C LEU C 228 -5.77 36.86 -21.92
N TYR C 229 -6.71 36.23 -22.62
CA TYR C 229 -6.57 36.03 -24.09
C TYR C 229 -7.07 37.25 -24.89
N THR C 230 -8.21 37.86 -24.52
CA THR C 230 -8.87 38.94 -25.30
C THR C 230 -8.41 40.32 -24.84
N GLY C 231 -7.96 40.43 -23.59
CA GLY C 231 -7.67 41.70 -22.91
C GLY C 231 -8.94 42.34 -22.37
N LYS C 232 -10.10 41.70 -22.52
CA LYS C 232 -11.43 42.32 -22.26
C LYS C 232 -12.13 41.57 -21.13
N ILE C 233 -12.94 42.28 -20.34
CA ILE C 233 -13.80 41.70 -19.29
C ILE C 233 -14.83 40.78 -19.97
N LEU C 234 -14.95 39.53 -19.50
CA LEU C 234 -15.96 38.56 -20.00
C LEU C 234 -17.39 39.09 -19.73
N PHE C 235 -17.73 39.47 -18.51
CA PHE C 235 -19.11 39.88 -18.13
C PHE C 235 -19.06 41.27 -17.50
N PRO C 236 -19.03 42.35 -18.32
CA PRO C 236 -18.95 43.71 -17.78
C PRO C 236 -20.31 44.27 -17.34
N GLY C 237 -21.00 43.55 -16.45
CA GLY C 237 -22.31 43.95 -15.92
C GLY C 237 -22.20 45.18 -15.03
N LYS C 238 -23.11 46.14 -15.21
CA LYS C 238 -23.15 47.39 -14.42
C LYS C 238 -23.69 47.10 -13.03
N THR C 239 -24.35 45.95 -12.85
CA THR C 239 -25.07 45.57 -11.61
C THR C 239 -25.08 44.04 -11.50
N ASN C 240 -25.57 43.51 -10.39
CA ASN C 240 -25.66 42.05 -10.15
C ASN C 240 -26.66 41.45 -11.14
N ASN C 241 -27.75 42.17 -11.40
CA ASN C 241 -28.81 41.78 -12.35
C ASN C 241 -28.23 41.68 -13.76
N HIS C 242 -27.42 42.67 -14.17
CA HIS C 242 -26.73 42.69 -15.49
C HIS C 242 -25.74 41.52 -15.56
N MET C 243 -25.02 41.26 -14.47
CA MET C 243 -24.08 40.11 -14.38
C MET C 243 -24.85 38.82 -14.69
N LEU C 244 -26.01 38.59 -14.07
CA LEU C 244 -26.79 37.35 -14.30
C LEU C 244 -27.30 37.29 -15.74
N LYS C 245 -27.78 38.40 -16.29
CA LYS C 245 -28.24 38.47 -17.71
C LYS C 245 -27.07 38.08 -18.63
N LEU C 246 -25.90 38.68 -18.44
CA LEU C 246 -24.73 38.40 -19.32
C LEU C 246 -24.34 36.92 -19.21
N ALA C 247 -24.38 36.34 -18.00
CA ALA C 247 -24.08 34.91 -17.75
C ALA C 247 -25.10 34.04 -18.49
N MET C 248 -26.38 34.45 -18.51
CA MET C 248 -27.48 33.72 -19.16
C MET C 248 -27.52 33.95 -20.67
N ASP C 249 -26.98 35.05 -21.18
CA ASP C 249 -26.71 35.28 -22.63
C ASP C 249 -25.74 34.21 -23.16
N LEU C 250 -24.89 33.62 -22.31
CA LEU C 250 -23.99 32.50 -22.70
C LEU C 250 -24.71 31.14 -22.53
N LYS C 251 -25.37 30.91 -21.40
CA LYS C 251 -25.77 29.54 -20.98
C LYS C 251 -27.29 29.32 -21.02
N GLY C 252 -28.08 30.37 -21.24
CA GLY C 252 -29.54 30.34 -21.05
C GLY C 252 -29.94 30.53 -19.59
N LYS C 253 -31.24 30.56 -19.31
CA LYS C 253 -31.80 30.86 -17.97
C LYS C 253 -31.17 29.91 -16.96
N MET C 254 -30.74 30.45 -15.81
CA MET C 254 -30.31 29.67 -14.64
C MET C 254 -31.32 28.56 -14.42
N PRO C 255 -30.92 27.31 -14.10
CA PRO C 255 -31.88 26.26 -13.76
C PRO C 255 -32.76 26.63 -12.55
N ASN C 256 -34.04 26.25 -12.63
CA ASN C 256 -35.09 26.48 -11.60
C ASN C 256 -34.61 26.01 -10.23
N LYS C 257 -34.10 24.78 -10.14
CA LYS C 257 -33.65 24.15 -8.86
C LYS C 257 -32.58 25.06 -8.24
N MET C 258 -31.82 25.77 -9.07
CA MET C 258 -30.75 26.68 -8.59
C MET C 258 -31.37 28.00 -8.13
N ILE C 259 -32.31 28.59 -8.89
CA ILE C 259 -33.00 29.87 -8.53
C ILE C 259 -33.65 29.72 -7.14
N ARG C 260 -34.35 28.59 -6.91
CA ARG C 260 -35.15 28.35 -5.69
C ARG C 260 -34.23 28.26 -4.46
N LYS C 261 -32.95 27.93 -4.63
CA LYS C 261 -31.98 27.77 -3.51
C LYS C 261 -31.38 29.13 -3.13
N GLY C 262 -31.75 30.21 -3.83
CA GLY C 262 -31.17 31.55 -3.64
C GLY C 262 -31.97 32.40 -2.66
N VAL C 263 -31.33 32.92 -1.62
CA VAL C 263 -31.93 33.78 -0.57
C VAL C 263 -32.39 35.09 -1.23
N PHE C 264 -31.71 35.52 -2.30
CA PHE C 264 -31.95 36.79 -3.01
C PHE C 264 -32.65 36.54 -4.35
N LYS C 265 -33.26 35.35 -4.55
CA LYS C 265 -33.95 34.97 -5.81
C LYS C 265 -35.02 36.00 -6.20
N ASP C 266 -35.71 36.60 -5.21
CA ASP C 266 -36.84 37.56 -5.42
C ASP C 266 -36.33 38.89 -5.97
N GLN C 267 -35.03 39.17 -5.89
CA GLN C 267 -34.47 40.44 -6.43
C GLN C 267 -34.27 40.30 -7.95
N HIS C 268 -34.25 39.08 -8.50
CA HIS C 268 -33.88 38.82 -9.91
C HIS C 268 -34.92 37.98 -10.67
N PHE C 269 -35.78 37.23 -9.99
CA PHE C 269 -36.75 36.28 -10.60
C PHE C 269 -38.12 36.45 -9.93
N ASP C 270 -39.20 36.28 -10.70
CA ASP C 270 -40.59 36.43 -10.20
C ASP C 270 -41.05 35.06 -9.69
N GLN C 271 -42.27 34.98 -9.16
CA GLN C 271 -42.83 33.74 -8.56
C GLN C 271 -42.91 32.64 -9.63
N ASN C 272 -42.97 33.01 -10.93
CA ASN C 272 -43.02 32.06 -12.07
C ASN C 272 -41.59 31.64 -12.48
N LEU C 273 -40.55 32.19 -11.83
CA LEU C 273 -39.10 31.92 -12.09
C LEU C 273 -38.69 32.51 -13.44
N ASN C 274 -39.50 33.42 -13.98
CA ASN C 274 -39.11 34.28 -15.11
C ASN C 274 -37.98 35.15 -14.57
N PHE C 275 -37.05 35.53 -15.45
CA PHE C 275 -36.00 36.53 -15.17
C PHE C 275 -36.58 37.94 -15.30
N MET C 276 -36.21 38.82 -14.38
CA MET C 276 -36.55 40.27 -14.40
C MET C 276 -35.31 41.06 -14.80
N TYR C 277 -35.22 41.44 -16.06
CA TYR C 277 -34.09 42.23 -16.60
C TYR C 277 -34.33 43.70 -16.24
N ILE C 278 -33.50 44.24 -15.34
CA ILE C 278 -33.60 45.62 -14.80
C ILE C 278 -32.63 46.50 -15.60
N GLU C 279 -33.16 47.40 -16.42
CA GLU C 279 -32.39 48.42 -17.18
C GLU C 279 -32.55 49.77 -16.44
N VAL C 280 -31.43 50.34 -16.00
CA VAL C 280 -31.35 51.62 -15.22
C VAL C 280 -30.29 52.53 -15.87
N ARG C 286 -34.02 55.85 -13.25
CA ARG C 286 -35.31 55.38 -13.85
C ARG C 286 -35.21 53.87 -14.16
N GLU C 287 -35.81 53.02 -13.32
CA GLU C 287 -35.79 51.54 -13.48
C GLU C 287 -36.88 51.12 -14.49
N LYS C 288 -36.46 50.34 -15.48
CA LYS C 288 -37.27 49.71 -16.55
C LYS C 288 -37.09 48.20 -16.37
N VAL C 289 -38.15 47.39 -16.47
CA VAL C 289 -38.07 45.93 -16.18
C VAL C 289 -38.73 45.15 -17.33
N THR C 290 -38.02 44.17 -17.86
CA THR C 290 -38.50 43.22 -18.90
C THR C 290 -38.53 41.82 -18.30
N VAL C 291 -39.70 41.21 -18.20
CA VAL C 291 -39.90 39.87 -17.60
C VAL C 291 -39.78 38.85 -18.74
N MET C 292 -38.80 37.94 -18.62
CA MET C 292 -38.40 36.96 -19.67
C MET C 292 -38.56 35.53 -19.15
N SER C 293 -39.29 34.71 -19.90
CA SER C 293 -39.50 33.27 -19.61
C SER C 293 -38.21 32.49 -19.91
N THR C 294 -37.45 32.96 -20.91
CA THR C 294 -36.14 32.39 -21.32
C THR C 294 -35.16 33.52 -21.67
N ILE C 295 -33.89 33.15 -21.82
CA ILE C 295 -32.84 33.99 -22.46
C ILE C 295 -32.20 33.14 -23.56
N ASN C 296 -32.18 33.62 -24.79
CA ASN C 296 -31.49 32.94 -25.92
C ASN C 296 -29.98 32.98 -25.68
N PRO C 297 -29.28 31.85 -25.68
CA PRO C 297 -27.81 31.88 -25.75
C PRO C 297 -27.42 32.63 -27.04
N THR C 298 -26.82 33.81 -26.90
CA THR C 298 -26.34 34.68 -28.02
C THR C 298 -24.82 34.95 -27.92
N LYS C 299 -24.21 34.75 -26.75
CA LYS C 299 -22.76 35.02 -26.54
C LYS C 299 -21.97 34.01 -27.36
N ASP C 300 -21.17 34.48 -28.32
CA ASP C 300 -20.33 33.65 -29.23
C ASP C 300 -18.89 33.70 -28.74
N LEU C 301 -18.56 32.79 -27.82
CA LEU C 301 -17.26 32.74 -27.09
C LEU C 301 -16.15 32.55 -28.14
N LEU C 302 -16.35 31.62 -29.07
CA LEU C 302 -15.33 31.29 -30.10
C LEU C 302 -14.98 32.55 -30.88
N ALA C 303 -16.00 33.25 -31.41
CA ALA C 303 -15.85 34.46 -32.25
C ALA C 303 -15.12 35.54 -31.48
N ASP C 304 -15.40 35.66 -30.18
CA ASP C 304 -14.81 36.71 -29.31
C ASP C 304 -13.35 36.33 -29.01
N LEU C 305 -13.02 35.04 -28.84
CA LEU C 305 -11.62 34.63 -28.59
C LEU C 305 -10.79 34.85 -29.86
N ILE C 306 -11.24 34.31 -30.98
CA ILE C 306 -10.55 34.46 -32.29
C ILE C 306 -10.56 35.94 -32.64
N GLY C 307 -11.75 36.54 -32.79
CA GLY C 307 -11.96 37.99 -32.97
C GLY C 307 -11.21 38.56 -34.16
N CYS C 308 -11.54 38.10 -35.37
CA CYS C 308 -10.96 38.58 -36.67
C CYS C 308 -9.44 38.75 -36.53
N GLN C 309 -8.70 37.64 -36.40
CA GLN C 309 -7.25 37.60 -36.08
C GLN C 309 -6.49 36.80 -37.17
N ARG C 310 -6.90 35.55 -37.42
CA ARG C 310 -6.19 34.60 -38.33
C ARG C 310 -4.85 34.20 -37.69
N LEU C 311 -4.81 32.99 -37.13
CA LEU C 311 -3.66 32.46 -36.35
C LEU C 311 -3.11 31.24 -37.08
N PRO C 312 -1.80 30.93 -36.93
CA PRO C 312 -1.28 29.64 -37.36
C PRO C 312 -2.13 28.51 -36.74
N GLU C 313 -2.20 27.37 -37.42
CA GLU C 313 -3.00 26.16 -37.03
C GLU C 313 -2.82 25.84 -35.53
N ASP C 314 -1.59 25.75 -35.02
CA ASP C 314 -1.31 25.24 -33.64
C ASP C 314 -2.04 26.14 -32.63
N GLN C 315 -1.93 27.46 -32.80
CA GLN C 315 -2.59 28.48 -31.95
C GLN C 315 -4.11 28.36 -32.10
N ARG C 316 -4.61 28.22 -33.33
CA ARG C 316 -6.06 28.11 -33.64
C ARG C 316 -6.65 26.94 -32.84
N LYS C 317 -6.01 25.78 -32.87
CA LYS C 317 -6.43 24.57 -32.12
C LYS C 317 -6.49 24.89 -30.61
N LYS C 318 -5.50 25.57 -30.04
CA LYS C 318 -5.47 25.90 -28.59
C LYS C 318 -6.64 26.83 -28.24
N VAL C 319 -6.97 27.79 -29.11
CA VAL C 319 -8.07 28.77 -28.85
C VAL C 319 -9.40 28.01 -28.76
N HIS C 320 -9.66 27.08 -29.69
CA HIS C 320 -10.85 26.19 -29.67
C HIS C 320 -10.91 25.43 -28.34
N GLN C 321 -9.76 24.96 -27.87
CA GLN C 321 -9.66 24.19 -26.61
C GLN C 321 -9.91 25.12 -25.43
N LEU C 322 -9.39 26.35 -25.47
CA LEU C 322 -9.71 27.36 -24.44
C LEU C 322 -11.22 27.52 -24.38
N LYS C 323 -11.85 27.70 -25.54
CA LYS C 323 -13.32 27.87 -25.68
C LYS C 323 -14.01 26.68 -25.00
N ASP C 324 -13.61 25.44 -25.30
CA ASP C 324 -14.30 24.25 -24.75
C ASP C 324 -14.15 24.26 -23.22
N LEU C 325 -13.01 24.68 -22.69
CA LEU C 325 -12.72 24.72 -21.23
C LEU C 325 -13.58 25.79 -20.55
N LEU C 326 -13.72 26.97 -21.17
CA LEU C 326 -14.58 28.07 -20.65
C LEU C 326 -16.03 27.57 -20.59
N ASP C 327 -16.47 26.81 -21.59
CA ASP C 327 -17.85 26.26 -21.62
C ASP C 327 -18.06 25.40 -20.37
N GLN C 328 -17.06 24.62 -19.98
CA GLN C 328 -17.16 23.67 -18.83
C GLN C 328 -17.00 24.43 -17.51
N ILE C 329 -16.23 25.52 -17.47
CA ILE C 329 -16.01 26.34 -16.24
C ILE C 329 -17.26 27.19 -15.97
N LEU C 330 -17.87 27.77 -17.01
CA LEU C 330 -18.90 28.83 -16.87
C LEU C 330 -20.30 28.22 -16.82
N MET C 331 -20.45 26.98 -16.35
CA MET C 331 -21.78 26.36 -16.04
C MET C 331 -22.38 27.16 -14.88
N LEU C 332 -23.64 27.55 -14.98
CA LEU C 332 -24.29 28.43 -13.96
C LEU C 332 -24.44 27.66 -12.65
N ASP C 333 -24.77 26.36 -12.72
CA ASP C 333 -24.86 25.48 -11.53
C ASP C 333 -23.44 25.08 -11.13
N PRO C 334 -22.95 25.48 -9.93
CA PRO C 334 -21.62 25.10 -9.47
C PRO C 334 -21.41 23.58 -9.47
N ALA C 335 -22.47 22.80 -9.20
CA ALA C 335 -22.42 21.32 -9.11
C ALA C 335 -22.22 20.72 -10.51
N LYS C 336 -22.38 21.51 -11.58
CA LYS C 336 -22.15 21.07 -12.98
C LYS C 336 -20.78 21.53 -13.48
N ARG C 337 -20.05 22.36 -12.73
CA ARG C 337 -18.78 22.98 -13.24
C ARG C 337 -17.67 21.93 -13.23
N ILE C 338 -16.82 21.94 -14.24
CA ILE C 338 -15.55 21.17 -14.26
C ILE C 338 -14.87 21.31 -12.90
N SER C 339 -14.40 20.19 -12.35
CA SER C 339 -13.51 20.12 -11.16
C SER C 339 -12.12 20.67 -11.53
N ILE C 340 -11.31 20.93 -10.52
CA ILE C 340 -9.91 21.39 -10.70
C ILE C 340 -9.12 20.27 -11.41
N ASN C 341 -9.30 19.02 -10.99
CA ASN C 341 -8.61 17.86 -11.60
C ASN C 341 -9.05 17.70 -13.07
N GLN C 342 -10.34 17.81 -13.37
CA GLN C 342 -10.82 17.71 -14.77
C GLN C 342 -10.22 18.88 -15.59
N ALA C 343 -10.08 20.07 -14.99
CA ALA C 343 -9.49 21.27 -15.65
C ALA C 343 -8.02 21.00 -16.02
N LEU C 344 -7.26 20.41 -15.11
CA LEU C 344 -5.82 20.10 -15.32
C LEU C 344 -5.67 19.00 -16.36
N GLN C 345 -6.67 18.13 -16.52
CA GLN C 345 -6.67 17.03 -17.52
C GLN C 345 -7.32 17.51 -18.83
N HIS C 346 -7.76 18.77 -18.92
CA HIS C 346 -8.46 19.27 -20.12
C HIS C 346 -7.45 19.31 -21.27
N ALA C 347 -7.93 19.04 -22.48
CA ALA C 347 -7.19 19.13 -23.76
C ALA C 347 -6.41 20.48 -23.85
N PHE C 348 -6.99 21.60 -23.42
CA PHE C 348 -6.30 22.91 -23.40
C PHE C 348 -5.00 22.81 -22.59
N ILE C 349 -5.07 22.23 -21.40
CA ILE C 349 -3.89 22.11 -20.48
C ILE C 349 -2.95 21.02 -20.99
N GLN C 350 -3.50 19.86 -21.40
CA GLN C 350 -2.74 18.60 -21.58
C GLN C 350 -2.05 18.52 -22.95
N GLU C 351 -2.75 18.87 -24.05
CA GLU C 351 -2.36 18.50 -25.44
C GLU C 351 -1.34 19.49 -26.01
N VAL D 23 46.91 -31.26 25.40
CA VAL D 23 46.72 -31.51 23.93
C VAL D 23 48.07 -31.36 23.22
N ASN D 24 48.77 -32.47 22.97
CA ASN D 24 50.16 -32.48 22.42
C ASN D 24 50.27 -33.54 21.32
N ILE D 25 51.07 -33.26 20.28
CA ILE D 25 51.31 -34.16 19.12
C ILE D 25 52.24 -35.30 19.56
N GLY D 26 51.98 -36.52 19.09
CA GLY D 26 52.75 -37.74 19.43
C GLY D 26 52.11 -38.52 20.56
N GLU D 27 51.37 -37.83 21.43
CA GLU D 27 50.60 -38.39 22.58
C GLU D 27 49.68 -39.51 22.08
N VAL D 28 49.30 -40.43 22.97
CA VAL D 28 48.38 -41.57 22.66
C VAL D 28 47.18 -41.49 23.60
N LEU D 29 45.96 -41.63 23.04
CA LEU D 29 44.68 -41.63 23.79
C LEU D 29 44.09 -43.04 23.77
N ASP D 30 43.55 -43.51 24.91
CA ASP D 30 42.83 -44.81 25.06
C ASP D 30 43.73 -45.99 24.66
N LYS D 31 45.06 -45.86 24.78
CA LYS D 31 46.06 -46.91 24.49
C LYS D 31 45.90 -47.44 23.06
N ARG D 32 45.63 -46.58 22.07
CA ARG D 32 45.37 -47.00 20.67
C ARG D 32 45.46 -45.82 19.68
N TYR D 33 44.97 -44.63 20.03
CA TYR D 33 44.84 -43.47 19.10
C TYR D 33 46.13 -42.62 19.14
N ASN D 34 46.99 -42.78 18.13
CA ASN D 34 48.23 -41.98 17.99
C ASN D 34 47.88 -40.66 17.30
N VAL D 35 47.86 -39.56 18.07
CA VAL D 35 47.52 -38.18 17.62
C VAL D 35 48.70 -37.63 16.79
N TYR D 36 48.45 -37.29 15.51
CA TYR D 36 49.48 -36.80 14.56
C TYR D 36 49.12 -35.42 13.98
N GLY D 37 48.01 -34.78 14.39
CA GLY D 37 47.53 -33.53 13.77
C GLY D 37 46.47 -32.80 14.57
N TYR D 38 46.40 -31.48 14.44
CA TYR D 38 45.32 -30.61 14.97
C TYR D 38 44.30 -30.37 13.84
N THR D 39 43.08 -29.92 14.18
CA THR D 39 42.01 -29.55 13.23
C THR D 39 41.40 -28.20 13.63
N GLY D 40 40.86 -28.09 14.85
CA GLY D 40 40.36 -26.83 15.43
C GLY D 40 38.89 -26.91 15.83
N SER D 45 35.81 -26.31 21.40
CA SER D 45 36.52 -27.50 21.94
C SER D 45 37.63 -27.95 20.97
N ASN D 46 38.41 -28.96 21.36
CA ASN D 46 39.59 -29.47 20.61
C ASN D 46 39.20 -30.68 19.79
N VAL D 47 39.62 -30.71 18.51
CA VAL D 47 39.46 -31.88 17.60
C VAL D 47 40.83 -32.23 17.03
N VAL D 48 41.30 -33.46 17.25
CA VAL D 48 42.63 -33.94 16.73
C VAL D 48 42.40 -35.05 15.71
N ARG D 49 43.35 -35.21 14.79
CA ARG D 49 43.48 -36.37 13.86
C ARG D 49 44.42 -37.39 14.50
N ALA D 50 44.01 -38.67 14.54
CA ALA D 50 44.78 -39.77 15.17
C ALA D 50 44.63 -41.03 14.32
N ARG D 51 45.62 -41.93 14.40
CA ARG D 51 45.54 -43.29 13.82
C ARG D 51 45.24 -44.27 14.96
N ASP D 52 44.26 -45.15 14.75
CA ASP D 52 43.86 -46.22 15.69
C ASP D 52 44.82 -47.41 15.53
N ASN D 53 45.71 -47.62 16.51
CA ASN D 53 46.72 -48.71 16.51
C ASN D 53 46.02 -50.07 16.50
N ALA D 54 44.79 -50.14 17.05
CA ALA D 54 43.96 -51.37 17.14
C ALA D 54 43.17 -51.62 15.85
N ARG D 55 43.37 -50.82 14.78
CA ARG D 55 42.65 -50.95 13.48
C ARG D 55 43.57 -50.59 12.31
N ALA D 56 44.75 -51.19 12.25
CA ALA D 56 45.72 -51.06 11.13
C ALA D 56 46.02 -49.57 10.87
N ASN D 57 45.94 -48.74 11.91
CA ASN D 57 46.21 -47.28 11.85
C ASN D 57 45.26 -46.61 10.86
N GLN D 58 43.96 -46.91 10.95
CA GLN D 58 42.89 -46.18 10.21
C GLN D 58 42.74 -44.78 10.83
N GLU D 59 42.58 -43.76 9.98
CA GLU D 59 42.34 -42.35 10.40
C GLU D 59 41.03 -42.29 11.20
N VAL D 60 41.06 -41.65 12.37
CA VAL D 60 39.86 -41.17 13.12
C VAL D 60 40.04 -39.67 13.41
N ALA D 61 38.94 -39.01 13.77
CA ALA D 61 38.93 -37.70 14.46
C ALA D 61 38.44 -37.92 15.89
N VAL D 62 39.10 -37.31 16.87
CA VAL D 62 38.70 -37.39 18.30
C VAL D 62 38.34 -35.97 18.76
N LYS D 63 37.12 -35.79 19.27
CA LYS D 63 36.65 -34.54 19.90
C LYS D 63 36.79 -34.69 21.42
N ILE D 64 37.70 -33.93 22.03
CA ILE D 64 37.94 -33.87 23.50
C ILE D 64 37.14 -32.67 24.05
N ILE D 65 36.17 -32.93 24.92
CA ILE D 65 35.22 -31.90 25.47
C ILE D 65 35.75 -31.42 26.82
N ARG D 66 35.65 -30.11 27.08
CA ARG D 66 36.22 -29.42 28.28
C ARG D 66 35.63 -30.05 29.56
N ASN D 67 36.44 -30.13 30.63
CA ASN D 67 36.12 -30.85 31.90
C ASN D 67 35.10 -30.06 32.73
N ASN D 68 34.83 -28.80 32.40
CA ASN D 68 33.96 -27.87 33.17
C ASN D 68 32.51 -28.39 33.17
N GLU D 69 31.67 -27.84 34.06
CA GLU D 69 30.34 -28.36 34.46
C GLU D 69 29.39 -28.40 33.25
N LEU D 70 29.22 -27.27 32.56
CA LEU D 70 28.24 -27.09 31.46
C LEU D 70 28.60 -27.98 30.26
N MET D 71 29.87 -27.98 29.85
CA MET D 71 30.36 -28.63 28.60
C MET D 71 30.30 -30.16 28.72
N GLN D 72 30.49 -30.72 29.92
CA GLN D 72 30.42 -32.19 30.18
C GLN D 72 28.99 -32.69 29.93
N LYS D 73 27.99 -32.03 30.52
CA LYS D 73 26.54 -32.36 30.37
C LYS D 73 26.11 -32.15 28.90
N THR D 74 26.78 -31.25 28.17
CA THR D 74 26.58 -30.97 26.71
C THR D 74 27.22 -32.09 25.88
N GLY D 75 28.35 -32.63 26.36
CA GLY D 75 29.00 -33.84 25.82
C GLY D 75 28.09 -35.04 25.95
N LEU D 76 27.55 -35.25 27.16
CA LEU D 76 26.57 -36.34 27.48
C LEU D 76 25.43 -36.30 26.46
N LYS D 77 24.87 -35.11 26.20
CA LYS D 77 23.75 -34.87 25.25
C LYS D 77 24.20 -35.18 23.82
N GLU D 78 25.33 -34.63 23.37
CA GLU D 78 25.82 -34.80 21.98
C GLU D 78 26.05 -36.30 21.69
N LEU D 79 26.63 -37.02 22.66
CA LEU D 79 26.86 -38.48 22.62
C LEU D 79 25.53 -39.22 22.38
N GLU D 80 24.49 -38.87 23.16
CA GLU D 80 23.15 -39.51 23.16
C GLU D 80 22.45 -39.24 21.81
N PHE D 81 22.59 -38.02 21.28
CA PHE D 81 21.89 -37.57 20.04
C PHE D 81 22.54 -38.24 18.83
N LEU D 82 23.88 -38.32 18.81
CA LEU D 82 24.63 -38.98 17.70
C LEU D 82 24.27 -40.46 17.68
N LYS D 83 24.42 -41.15 18.83
CA LYS D 83 24.02 -42.57 19.05
C LYS D 83 22.60 -42.80 18.50
N LYS D 84 21.62 -41.97 18.87
CA LYS D 84 20.19 -42.15 18.46
C LYS D 84 20.05 -41.95 16.95
N LEU D 85 20.83 -41.05 16.35
CA LEU D 85 20.78 -40.71 14.90
C LEU D 85 21.53 -41.78 14.11
N ASN D 86 22.67 -42.23 14.64
CA ASN D 86 23.50 -43.34 14.09
C ASN D 86 22.66 -44.63 14.09
N ASP D 87 21.99 -44.91 15.21
CA ASP D 87 21.10 -46.09 15.40
C ASP D 87 19.91 -46.04 14.44
N ALA D 88 19.44 -44.85 14.06
CA ALA D 88 18.26 -44.63 13.18
C ALA D 88 18.68 -44.61 11.70
N ASP D 89 19.99 -44.66 11.42
CA ASP D 89 20.53 -44.74 10.04
C ASP D 89 21.73 -45.69 10.05
N PRO D 90 21.50 -47.01 9.96
CA PRO D 90 22.60 -47.98 10.02
C PRO D 90 23.42 -48.04 8.72
N ASP D 91 22.80 -47.74 7.57
CA ASP D 91 23.42 -47.82 6.22
C ASP D 91 24.16 -46.51 5.88
N ASP D 92 24.01 -45.47 6.72
CA ASP D 92 24.65 -44.13 6.60
C ASP D 92 24.29 -43.48 5.26
N LYS D 93 23.00 -43.26 5.01
CA LYS D 93 22.46 -42.68 3.76
C LYS D 93 21.94 -41.25 4.01
N PHE D 94 21.87 -40.81 5.27
CA PHE D 94 21.13 -39.57 5.67
C PHE D 94 22.07 -38.50 6.26
N HIS D 95 23.38 -38.61 6.04
CA HIS D 95 24.41 -37.52 6.06
C HIS D 95 24.52 -36.83 7.44
N CYS D 96 24.51 -37.60 8.52
CA CYS D 96 24.94 -37.13 9.86
C CYS D 96 26.31 -37.77 10.19
N LEU D 97 27.11 -37.08 11.00
CA LEU D 97 28.48 -37.50 11.40
C LEU D 97 28.39 -38.85 12.13
N ARG D 98 29.27 -39.79 11.77
CA ARG D 98 29.32 -41.13 12.41
C ARG D 98 30.19 -41.08 13.67
N LEU D 99 29.56 -41.27 14.82
CA LEU D 99 30.27 -41.56 16.11
C LEU D 99 30.69 -43.04 16.12
N LEU D 100 32.00 -43.31 16.22
CA LEU D 100 32.58 -44.67 16.19
C LEU D 100 32.46 -45.27 17.60
N ARG D 101 32.93 -44.54 18.61
CA ARG D 101 32.82 -44.90 20.05
C ARG D 101 33.26 -43.69 20.89
N HIS D 102 33.20 -43.82 22.22
CA HIS D 102 33.65 -42.78 23.19
C HIS D 102 34.51 -43.42 24.28
N PHE D 103 35.20 -42.60 25.07
CA PHE D 103 36.06 -43.01 26.20
C PHE D 103 36.42 -41.78 27.03
N TYR D 104 37.07 -42.00 28.18
CA TYR D 104 37.54 -40.95 29.12
C TYR D 104 39.07 -41.00 29.23
N HIS D 105 39.72 -39.83 29.12
CA HIS D 105 41.18 -39.65 29.27
C HIS D 105 41.45 -38.45 30.20
N LYS D 106 41.70 -38.72 31.50
CA LYS D 106 42.06 -37.70 32.53
C LYS D 106 40.91 -36.72 32.74
N GLN D 107 39.71 -37.24 33.07
CA GLN D 107 38.51 -36.47 33.48
C GLN D 107 37.92 -35.66 32.31
N HIS D 108 38.23 -36.03 31.06
CA HIS D 108 37.82 -35.35 29.81
C HIS D 108 37.12 -36.36 28.87
N LEU D 109 35.86 -36.12 28.51
CA LEU D 109 35.06 -36.99 27.60
C LEU D 109 35.59 -36.86 26.17
N CYS D 110 35.83 -37.97 25.49
CA CYS D 110 36.43 -38.03 24.13
C CYS D 110 35.52 -38.84 23.19
N LEU D 111 34.96 -38.17 22.18
CA LEU D 111 34.08 -38.77 21.14
C LEU D 111 34.94 -39.08 19.91
N VAL D 112 35.04 -40.36 19.54
CA VAL D 112 35.80 -40.83 18.35
C VAL D 112 34.84 -40.82 17.16
N PHE D 113 35.27 -40.23 16.04
CA PHE D 113 34.45 -39.95 14.83
C PHE D 113 35.16 -40.44 13.57
N GLU D 114 34.39 -40.78 12.55
CA GLU D 114 34.92 -40.98 11.17
C GLU D 114 35.84 -39.82 10.85
N PRO D 115 36.96 -40.05 10.14
CA PRO D 115 37.89 -38.97 9.82
C PRO D 115 37.25 -38.11 8.71
N LEU D 116 37.40 -36.79 8.77
CA LEU D 116 36.83 -35.87 7.75
C LEU D 116 37.74 -34.65 7.59
N SER D 117 37.86 -34.18 6.35
CA SER D 117 38.84 -33.14 5.91
C SER D 117 38.65 -31.85 6.70
N MET D 118 37.48 -31.22 6.53
CA MET D 118 37.27 -29.78 6.80
C MET D 118 35.76 -29.49 6.80
N ASN D 119 35.38 -28.26 7.14
CA ASN D 119 33.96 -27.81 7.18
C ASN D 119 33.68 -26.98 5.92
N LEU D 120 32.42 -26.66 5.67
CA LEU D 120 32.01 -25.89 4.45
C LEU D 120 32.43 -24.42 4.59
N ARG D 121 32.73 -23.96 5.81
CA ARG D 121 33.29 -22.61 6.01
C ARG D 121 34.66 -22.58 5.33
N GLU D 122 35.47 -23.62 5.55
CA GLU D 122 36.83 -23.72 4.94
C GLU D 122 36.71 -23.88 3.42
N VAL D 123 35.75 -24.68 2.95
CA VAL D 123 35.54 -24.95 1.49
C VAL D 123 35.16 -23.64 0.80
N LEU D 124 34.29 -22.83 1.42
CA LEU D 124 33.86 -21.51 0.88
C LEU D 124 35.09 -20.59 0.72
N LYS D 125 36.03 -20.62 1.65
CA LYS D 125 37.31 -19.84 1.54
C LYS D 125 38.14 -20.39 0.37
N LYS D 126 38.63 -21.62 0.51
CA LYS D 126 39.66 -22.21 -0.37
C LYS D 126 39.12 -22.41 -1.80
N TYR D 127 37.91 -22.96 -1.96
CA TYR D 127 37.35 -23.36 -3.29
C TYR D 127 36.39 -22.28 -3.81
N GLY D 128 35.59 -21.67 -2.91
CA GLY D 128 34.67 -20.59 -3.29
C GLY D 128 35.38 -19.25 -3.49
N LYS D 129 36.56 -19.07 -2.89
CA LYS D 129 37.31 -17.79 -2.88
C LYS D 129 36.37 -16.67 -2.42
N ASP D 130 35.53 -16.95 -1.42
CA ASP D 130 34.64 -15.98 -0.74
C ASP D 130 33.55 -15.45 -1.68
N VAL D 131 33.35 -16.04 -2.87
CA VAL D 131 32.28 -15.62 -3.83
C VAL D 131 31.39 -16.83 -4.18
N GLY D 132 31.44 -17.89 -3.36
CA GLY D 132 30.49 -19.01 -3.41
C GLY D 132 30.92 -20.13 -4.34
N LEU D 133 30.12 -21.19 -4.41
CA LEU D 133 30.44 -22.47 -5.10
C LEU D 133 29.64 -22.59 -6.40
N HIS D 134 30.05 -23.50 -7.27
CA HIS D 134 29.34 -23.88 -8.53
C HIS D 134 27.94 -24.37 -8.19
N ILE D 135 26.94 -24.01 -8.99
CA ILE D 135 25.51 -24.32 -8.72
C ILE D 135 25.29 -25.84 -8.68
N LYS D 136 26.07 -26.61 -9.45
CA LYS D 136 26.08 -28.11 -9.42
C LYS D 136 26.44 -28.59 -8.01
N ALA D 137 27.49 -28.02 -7.41
CA ALA D 137 27.94 -28.38 -6.04
C ALA D 137 26.83 -28.07 -5.02
N VAL D 138 26.18 -26.91 -5.13
CA VAL D 138 25.10 -26.47 -4.21
C VAL D 138 23.90 -27.41 -4.37
N ARG D 139 23.56 -27.79 -5.61
CA ARG D 139 22.50 -28.79 -5.89
C ARG D 139 22.78 -30.04 -5.03
N SER D 140 23.97 -30.62 -5.17
CA SER D 140 24.40 -31.87 -4.48
C SER D 140 24.37 -31.67 -2.94
N TYR D 141 24.95 -30.57 -2.47
CA TYR D 141 24.96 -30.21 -1.02
C TYR D 141 23.52 -30.02 -0.53
N SER D 142 22.67 -29.38 -1.32
CA SER D 142 21.23 -29.16 -0.97
C SER D 142 20.55 -30.49 -0.66
N GLN D 143 20.73 -31.49 -1.52
CA GLN D 143 20.06 -32.82 -1.41
C GLN D 143 20.46 -33.45 -0.08
N GLN D 144 21.77 -33.48 0.19
CA GLN D 144 22.39 -34.14 1.37
C GLN D 144 21.85 -33.47 2.64
N LEU D 145 21.77 -32.13 2.66
CA LEU D 145 21.27 -31.39 3.85
C LEU D 145 19.77 -31.68 4.04
N PHE D 146 19.00 -31.76 2.96
CA PHE D 146 17.57 -32.11 3.03
C PHE D 146 17.42 -33.53 3.58
N LEU D 147 18.31 -34.47 3.19
CA LEU D 147 18.29 -35.87 3.71
C LEU D 147 18.64 -35.85 5.21
N ALA D 148 19.49 -34.93 5.65
CA ALA D 148 19.85 -34.75 7.08
C ALA D 148 18.64 -34.30 7.88
N LEU D 149 17.85 -33.34 7.36
CA LEU D 149 16.60 -32.85 8.00
C LEU D 149 15.63 -34.03 8.17
N LYS D 150 15.43 -34.81 7.11
CA LYS D 150 14.53 -36.01 7.12
C LYS D 150 14.88 -36.88 8.33
N LEU D 151 16.16 -37.25 8.49
CA LEU D 151 16.59 -38.14 9.61
C LEU D 151 16.34 -37.42 10.94
N LEU D 152 16.60 -36.11 11.02
CA LEU D 152 16.47 -35.36 12.28
C LEU D 152 15.00 -35.39 12.71
N LYS D 153 14.10 -35.19 11.76
CA LYS D 153 12.63 -35.17 12.01
C LYS D 153 12.21 -36.55 12.53
N ARG D 154 12.59 -37.62 11.80
CA ARG D 154 12.30 -39.03 12.16
C ARG D 154 12.63 -39.25 13.64
N CYS D 155 13.79 -38.78 14.08
CA CYS D 155 14.32 -38.99 15.46
C CYS D 155 13.82 -37.89 16.42
N ASN D 156 12.85 -37.06 16.00
CA ASN D 156 12.26 -35.99 16.86
C ASN D 156 13.37 -35.06 17.36
N ILE D 157 14.36 -34.76 16.52
CA ILE D 157 15.53 -33.94 16.92
C ILE D 157 15.52 -32.63 16.14
N LEU D 158 15.73 -31.52 16.86
CA LEU D 158 16.08 -30.20 16.32
C LEU D 158 17.59 -30.01 16.48
N HIS D 159 18.32 -29.74 15.39
CA HIS D 159 19.77 -29.39 15.45
C HIS D 159 19.92 -27.97 16.03
N ALA D 160 19.31 -26.98 15.38
CA ALA D 160 19.15 -25.60 15.91
C ALA D 160 20.40 -24.74 15.65
N ASP D 161 21.45 -25.29 15.03
CA ASP D 161 22.70 -24.54 14.76
C ASP D 161 23.30 -25.01 13.43
N ILE D 162 22.46 -25.26 12.44
CA ILE D 162 22.92 -25.65 11.08
C ILE D 162 23.49 -24.39 10.42
N LYS D 163 24.69 -24.51 9.86
CA LYS D 163 25.44 -23.41 9.18
C LYS D 163 26.72 -24.01 8.61
N PRO D 164 27.39 -23.35 7.64
CA PRO D 164 28.55 -23.95 6.98
C PRO D 164 29.62 -24.49 7.95
N ASP D 165 29.75 -23.90 9.13
CA ASP D 165 30.79 -24.24 10.14
C ASP D 165 30.51 -25.62 10.75
N ASN D 166 29.24 -26.04 10.80
CA ASN D 166 28.76 -27.29 11.46
C ASN D 166 28.41 -28.34 10.40
N ILE D 167 28.94 -28.18 9.19
CA ILE D 167 28.80 -29.14 8.07
C ILE D 167 30.21 -29.52 7.60
N LEU D 168 30.59 -30.79 7.79
CA LEU D 168 31.91 -31.38 7.43
C LEU D 168 31.83 -32.01 6.04
N VAL D 169 32.96 -32.09 5.35
CA VAL D 169 33.07 -32.74 4.01
C VAL D 169 34.27 -33.69 4.01
N ASN D 170 34.26 -34.64 3.09
CA ASN D 170 35.32 -35.68 2.94
C ASN D 170 36.44 -35.08 2.09
N GLU D 171 37.56 -35.82 1.95
CA GLU D 171 38.79 -35.38 1.25
C GLU D 171 38.43 -34.84 -0.14
N SER D 172 37.44 -35.42 -0.81
CA SER D 172 37.07 -35.10 -2.23
C SER D 172 36.03 -33.97 -2.26
N LYS D 173 35.41 -33.65 -1.12
CA LYS D 173 34.54 -32.46 -0.91
C LYS D 173 33.14 -32.68 -1.54
N THR D 174 32.72 -33.92 -1.77
CA THR D 174 31.46 -34.23 -2.49
C THR D 174 30.41 -34.77 -1.52
N ILE D 175 30.83 -35.26 -0.35
CA ILE D 175 29.91 -35.81 0.69
C ILE D 175 30.03 -34.93 1.94
N LEU D 176 28.89 -34.42 2.44
CA LEU D 176 28.86 -33.58 3.66
C LEU D 176 28.20 -34.36 4.80
N LYS D 177 28.69 -34.15 6.02
CA LYS D 177 28.08 -34.70 7.25
C LYS D 177 27.77 -33.52 8.18
N LEU D 178 26.56 -33.49 8.72
CA LEU D 178 26.13 -32.49 9.74
C LEU D 178 26.76 -32.93 11.08
N CYS D 179 27.41 -32.00 11.79
CA CYS D 179 28.14 -32.27 13.06
C CYS D 179 27.74 -31.24 14.13
N ASP D 180 28.27 -31.42 15.34
CA ASP D 180 28.03 -30.55 16.52
C ASP D 180 26.56 -30.61 16.90
N PHE D 181 26.20 -31.62 17.70
CA PHE D 181 24.83 -31.84 18.23
C PHE D 181 24.79 -31.47 19.72
N GLY D 182 25.81 -30.75 20.21
CA GLY D 182 25.77 -30.07 21.52
C GLY D 182 24.73 -28.96 21.52
N SER D 183 24.29 -28.56 20.33
CA SER D 183 23.16 -27.63 20.08
C SER D 183 21.81 -28.32 20.31
N ALA D 184 21.74 -29.65 20.15
CA ALA D 184 20.51 -30.39 19.79
C ALA D 184 19.51 -30.44 20.95
N SER D 185 18.23 -30.59 20.63
CA SER D 185 17.12 -30.71 21.60
C SER D 185 16.06 -31.65 21.04
N HIS D 186 15.25 -32.26 21.90
CA HIS D 186 14.03 -33.00 21.50
CA HIS D 186 14.02 -33.00 21.52
C HIS D 186 12.96 -31.97 21.14
N VAL D 187 12.08 -32.30 20.17
CA VAL D 187 10.98 -31.42 19.68
C VAL D 187 10.24 -30.76 20.85
N ALA D 188 9.91 -31.55 21.88
CA ALA D 188 8.98 -31.20 22.98
C ALA D 188 9.54 -30.06 23.86
N ASP D 189 10.86 -29.89 23.91
CA ASP D 189 11.52 -28.82 24.71
C ASP D 189 11.27 -27.48 24.01
N THR D 193 15.62 -20.44 23.33
CA THR D 193 15.50 -18.97 23.58
C THR D 193 16.30 -18.20 22.54
N PRO D 194 16.00 -16.90 22.32
CA PRO D 194 16.51 -16.20 21.14
C PRO D 194 17.96 -15.71 21.14
N PTR D 195 18.77 -16.06 22.16
CA PTR D 195 20.18 -15.69 22.13
C PTR D 195 21.09 -16.92 22.16
O PTR D 195 22.30 -16.76 22.38
CB PTR D 195 20.55 -14.77 23.30
CG PTR D 195 19.89 -13.43 23.28
CD1 PTR D 195 20.01 -12.60 22.17
CD2 PTR D 195 19.13 -12.98 24.36
CE1 PTR D 195 19.39 -11.36 22.12
CE2 PTR D 195 18.50 -11.74 24.33
CZ PTR D 195 18.63 -10.94 23.21
OH PTR D 195 17.99 -9.70 23.23
P PTR D 195 17.93 -8.64 22.04
O1P PTR D 195 19.28 -8.47 21.38
O2P PTR D 195 16.90 -9.13 21.05
O3P PTR D 195 17.48 -7.34 22.66
N LEU D 196 20.57 -18.11 21.89
CA LEU D 196 21.29 -19.35 22.22
C LEU D 196 22.31 -19.72 21.13
N PHE D 197 21.93 -19.74 19.86
CA PHE D 197 22.77 -20.35 18.79
C PHE D 197 23.47 -19.26 17.97
N SER D 198 23.33 -19.28 16.64
CA SER D 198 23.99 -18.38 15.65
C SER D 198 22.96 -17.43 15.03
N ARG D 199 23.06 -16.14 15.37
CA ARG D 199 22.05 -15.11 15.04
C ARG D 199 21.67 -15.16 13.56
N PHE D 200 22.63 -15.22 12.64
CA PHE D 200 22.36 -15.04 11.18
C PHE D 200 21.45 -16.16 10.65
N TYR D 201 21.46 -17.35 11.28
CA TYR D 201 20.75 -18.57 10.79
C TYR D 201 19.49 -18.82 11.62
N ARG D 202 19.19 -17.92 12.56
CA ARG D 202 18.08 -18.02 13.55
C ARG D 202 16.75 -17.74 12.84
N ALA D 203 15.74 -18.59 13.06
CA ALA D 203 14.42 -18.51 12.41
C ALA D 203 13.58 -17.45 13.12
N PRO D 204 12.68 -16.75 12.40
CA PRO D 204 11.87 -15.70 13.01
C PRO D 204 11.04 -16.17 14.21
N GLU D 205 10.47 -17.38 14.15
CA GLU D 205 9.63 -17.96 15.23
C GLU D 205 10.44 -18.09 16.53
N ILE D 206 11.75 -18.36 16.43
CA ILE D 206 12.65 -18.38 17.62
C ILE D 206 12.76 -16.97 18.19
N ILE D 207 12.89 -15.97 17.31
CA ILE D 207 13.17 -14.56 17.72
C ILE D 207 11.94 -14.02 18.46
N ILE D 208 10.73 -14.24 17.94
CA ILE D 208 9.49 -13.70 18.54
C ILE D 208 9.03 -14.57 19.73
N GLY D 209 9.67 -15.72 19.98
CA GLY D 209 9.31 -16.65 21.08
C GLY D 209 8.00 -17.39 20.83
N LYS D 210 7.74 -17.76 19.57
CA LYS D 210 6.63 -18.65 19.16
C LYS D 210 7.07 -20.11 19.34
N SER D 211 6.13 -21.01 19.62
CA SER D 211 6.38 -22.47 19.61
C SER D 211 6.91 -22.86 18.21
N TYR D 212 7.98 -23.66 18.18
CA TYR D 212 8.81 -23.96 16.99
C TYR D 212 8.96 -25.48 16.87
N ASP D 213 9.16 -25.97 15.65
CA ASP D 213 9.38 -27.41 15.34
C ASP D 213 10.61 -27.52 14.42
N TYR D 214 10.53 -28.41 13.43
CA TYR D 214 11.61 -28.79 12.48
C TYR D 214 11.87 -27.66 11.48
N GLY D 215 10.92 -26.73 11.35
CA GLY D 215 10.99 -25.57 10.43
C GLY D 215 12.21 -24.68 10.67
N ILE D 216 12.67 -24.57 11.92
CA ILE D 216 13.88 -23.78 12.30
C ILE D 216 15.11 -24.37 11.59
N ASP D 217 15.23 -25.69 11.47
CA ASP D 217 16.36 -26.37 10.78
C ASP D 217 16.20 -26.16 9.27
N MET D 218 14.98 -26.20 8.76
CA MET D 218 14.68 -25.94 7.32
C MET D 218 15.02 -24.48 7.00
N TRP D 219 14.76 -23.57 7.95
CA TRP D 219 15.09 -22.13 7.76
C TRP D 219 16.62 -21.98 7.66
N SER D 220 17.35 -22.51 8.64
CA SER D 220 18.83 -22.44 8.71
C SER D 220 19.44 -23.05 7.44
N VAL D 221 18.83 -24.09 6.88
CA VAL D 221 19.31 -24.71 5.62
C VAL D 221 19.14 -23.72 4.47
N GLY D 222 17.99 -23.05 4.38
CA GLY D 222 17.73 -22.00 3.39
C GLY D 222 18.81 -20.93 3.41
N CYS D 223 19.11 -20.39 4.60
CA CYS D 223 20.17 -19.39 4.83
C CYS D 223 21.50 -19.93 4.29
N THR D 224 21.82 -21.18 4.61
CA THR D 224 23.07 -21.87 4.22
C THR D 224 23.14 -21.97 2.70
N LEU D 225 22.06 -22.40 2.03
CA LEU D 225 22.05 -22.61 0.56
C LEU D 225 22.41 -21.29 -0.16
N TYR D 226 21.83 -20.16 0.26
CA TYR D 226 22.13 -18.84 -0.35
C TYR D 226 23.61 -18.53 -0.17
N GLU D 227 24.14 -18.84 1.01
CA GLU D 227 25.54 -18.55 1.39
C GLU D 227 26.49 -19.45 0.58
N LEU D 228 26.09 -20.70 0.29
CA LEU D 228 26.93 -21.65 -0.50
C LEU D 228 27.05 -21.15 -1.94
N TYR D 229 26.04 -20.45 -2.47
CA TYR D 229 26.08 -20.02 -3.89
C TYR D 229 26.70 -18.62 -4.03
N THR D 230 26.39 -17.68 -3.14
CA THR D 230 26.85 -16.27 -3.21
C THR D 230 28.16 -16.07 -2.43
N GLY D 231 28.46 -16.93 -1.46
CA GLY D 231 29.58 -16.77 -0.50
C GLY D 231 29.23 -15.86 0.67
N LYS D 232 28.01 -15.30 0.71
CA LYS D 232 27.62 -14.18 1.61
C LYS D 232 26.46 -14.59 2.54
N ILE D 233 26.37 -13.94 3.70
CA ILE D 233 25.24 -14.14 4.67
C ILE D 233 23.95 -13.61 4.05
N LEU D 234 22.88 -14.40 4.07
CA LEU D 234 21.54 -13.99 3.57
C LEU D 234 21.01 -12.84 4.43
N PHE D 235 20.98 -13.04 5.75
CA PHE D 235 20.42 -12.08 6.73
C PHE D 235 21.49 -11.68 7.73
N PRO D 236 22.39 -10.72 7.39
CA PRO D 236 23.46 -10.29 8.29
C PRO D 236 23.02 -9.20 9.30
N GLY D 237 22.03 -9.52 10.13
CA GLY D 237 21.51 -8.61 11.16
C GLY D 237 22.40 -8.56 12.38
N LYS D 238 22.55 -7.37 12.98
CA LYS D 238 23.44 -7.10 14.14
C LYS D 238 22.76 -7.52 15.44
N THR D 239 21.44 -7.74 15.39
CA THR D 239 20.55 -8.04 16.54
C THR D 239 19.36 -8.87 16.04
N ASN D 240 18.62 -9.51 16.95
CA ASN D 240 17.39 -10.25 16.61
C ASN D 240 16.40 -9.31 15.91
N ASN D 241 16.38 -8.03 16.32
CA ASN D 241 15.46 -7.03 15.75
C ASN D 241 15.81 -6.82 14.27
N HIS D 242 17.10 -6.69 13.96
CA HIS D 242 17.61 -6.46 12.58
C HIS D 242 17.32 -7.72 11.75
N MET D 243 17.45 -8.90 12.36
CA MET D 243 17.12 -10.21 11.72
C MET D 243 15.67 -10.20 11.22
N LEU D 244 14.70 -9.80 12.06
CA LEU D 244 13.26 -9.79 11.66
C LEU D 244 13.06 -8.80 10.51
N LYS D 245 13.65 -7.60 10.64
CA LYS D 245 13.62 -6.52 9.61
C LYS D 245 14.10 -7.09 8.27
N LEU D 246 15.25 -7.79 8.26
CA LEU D 246 15.83 -8.31 7.00
C LEU D 246 14.92 -9.42 6.44
N ALA D 247 14.39 -10.31 7.28
CA ALA D 247 13.47 -11.38 6.83
C ALA D 247 12.22 -10.74 6.20
N MET D 248 11.77 -9.63 6.78
CA MET D 248 10.58 -8.88 6.30
C MET D 248 10.94 -8.02 5.08
N ASP D 249 12.19 -7.60 4.91
CA ASP D 249 12.66 -6.96 3.64
C ASP D 249 12.43 -7.92 2.47
N LEU D 250 12.48 -9.24 2.71
CA LEU D 250 12.22 -10.27 1.67
C LEU D 250 10.72 -10.55 1.56
N LYS D 251 10.02 -10.79 2.67
CA LYS D 251 8.65 -11.37 2.65
C LYS D 251 7.58 -10.34 3.05
N GLY D 252 7.96 -9.12 3.43
CA GLY D 252 7.05 -8.11 3.96
C GLY D 252 6.66 -8.41 5.40
N LYS D 253 5.82 -7.60 6.02
CA LYS D 253 5.56 -7.69 7.48
C LYS D 253 5.12 -9.12 7.82
N MET D 254 5.60 -9.62 8.96
CA MET D 254 5.17 -10.89 9.58
C MET D 254 3.65 -10.87 9.73
N PRO D 255 2.92 -11.96 9.45
CA PRO D 255 1.46 -11.98 9.62
C PRO D 255 1.07 -11.77 11.08
N ASN D 256 0.05 -10.95 11.32
CA ASN D 256 -0.51 -10.62 12.65
C ASN D 256 -0.77 -11.91 13.44
N LYS D 257 -1.34 -12.94 12.80
CA LYS D 257 -1.70 -14.22 13.47
C LYS D 257 -0.44 -14.83 14.09
N MET D 258 0.71 -14.67 13.41
CA MET D 258 2.01 -15.23 13.85
C MET D 258 2.59 -14.36 14.97
N ILE D 259 2.63 -13.04 14.78
CA ILE D 259 3.19 -12.09 15.78
C ILE D 259 2.54 -12.40 17.13
N ARG D 260 1.20 -12.56 17.13
CA ARG D 260 0.35 -12.67 18.35
C ARG D 260 0.76 -13.90 19.16
N LYS D 261 1.23 -14.98 18.52
CA LYS D 261 1.59 -16.25 19.20
C LYS D 261 3.00 -16.17 19.82
N GLY D 262 3.67 -15.02 19.71
CA GLY D 262 5.05 -14.81 20.17
C GLY D 262 5.11 -14.23 21.56
N VAL D 263 5.87 -14.87 22.45
CA VAL D 263 6.06 -14.49 23.89
C VAL D 263 6.88 -13.18 23.96
N PHE D 264 7.72 -12.91 22.96
CA PHE D 264 8.58 -11.68 22.89
C PHE D 264 8.10 -10.72 21.81
N LYS D 265 6.82 -10.77 21.41
CA LYS D 265 6.24 -9.85 20.40
C LYS D 265 6.43 -8.39 20.85
N ASP D 266 6.24 -8.09 22.15
CA ASP D 266 6.31 -6.72 22.72
C ASP D 266 7.72 -6.12 22.52
N GLN D 267 8.74 -6.93 22.30
CA GLN D 267 10.12 -6.41 22.14
C GLN D 267 10.33 -5.92 20.70
N HIS D 268 9.44 -6.29 19.76
CA HIS D 268 9.62 -6.05 18.30
C HIS D 268 8.42 -5.34 17.66
N PHE D 269 7.21 -5.54 18.18
CA PHE D 269 5.94 -4.99 17.64
C PHE D 269 5.19 -4.24 18.74
N ASP D 270 4.49 -3.15 18.39
CA ASP D 270 3.71 -2.35 19.37
C ASP D 270 2.31 -2.98 19.46
N GLN D 271 1.39 -2.31 20.18
CA GLN D 271 0.02 -2.84 20.45
C GLN D 271 -0.79 -2.83 19.15
N ASN D 272 -0.49 -1.88 18.24
CA ASN D 272 -1.08 -1.77 16.87
C ASN D 272 -0.42 -2.77 15.92
N LEU D 273 0.53 -3.60 16.41
CA LEU D 273 1.30 -4.60 15.62
C LEU D 273 2.12 -3.92 14.51
N ASN D 274 2.42 -2.63 14.68
CA ASN D 274 3.52 -1.95 13.94
C ASN D 274 4.83 -2.62 14.34
N PHE D 275 5.74 -2.78 13.38
CA PHE D 275 7.13 -3.18 13.66
C PHE D 275 7.87 -1.98 14.27
N MET D 276 8.61 -2.24 15.35
CA MET D 276 9.56 -1.29 15.97
C MET D 276 10.98 -1.63 15.49
N TYR D 277 11.52 -0.84 14.56
CA TYR D 277 12.89 -1.02 14.02
C TYR D 277 13.86 -0.32 14.98
N ILE D 278 14.65 -1.09 15.72
CA ILE D 278 15.54 -0.61 16.80
C ILE D 278 16.96 -0.53 16.22
N GLU D 279 17.55 0.68 16.19
CA GLU D 279 18.97 0.87 15.80
C GLU D 279 19.80 1.24 17.04
N VAL D 280 20.91 0.53 17.25
CA VAL D 280 21.88 0.71 18.37
C VAL D 280 23.19 1.23 17.79
N ARG D 286 23.16 3.91 22.29
CA ARG D 286 21.81 4.50 22.55
C ARG D 286 20.83 4.06 21.46
N GLU D 287 19.66 3.56 21.87
CA GLU D 287 18.60 3.02 20.95
C GLU D 287 17.86 4.18 20.28
N LYS D 288 17.76 4.14 18.95
CA LYS D 288 16.80 4.94 18.14
C LYS D 288 15.73 3.95 17.63
N VAL D 289 14.45 4.29 17.78
CA VAL D 289 13.31 3.40 17.38
C VAL D 289 12.45 4.10 16.32
N THR D 290 12.17 3.39 15.22
CA THR D 290 11.25 3.82 14.12
C THR D 290 10.07 2.86 14.05
N VAL D 291 8.85 3.35 14.24
CA VAL D 291 7.62 2.53 14.20
C VAL D 291 7.09 2.53 12.76
N MET D 292 6.94 1.35 12.19
CA MET D 292 6.58 1.10 10.77
C MET D 292 5.25 0.34 10.71
N SER D 293 4.29 0.86 9.95
CA SER D 293 2.96 0.24 9.68
C SER D 293 3.15 -0.99 8.77
N THR D 294 4.10 -0.89 7.84
CA THR D 294 4.41 -1.95 6.84
C THR D 294 5.92 -1.96 6.56
N ILE D 295 6.42 -3.09 6.07
CA ILE D 295 7.75 -3.17 5.39
C ILE D 295 7.48 -3.62 3.94
N ASN D 296 7.82 -2.74 2.99
CA ASN D 296 7.74 -3.03 1.54
C ASN D 296 8.80 -4.10 1.23
N PRO D 297 8.45 -5.24 0.60
CA PRO D 297 9.46 -6.19 0.12
C PRO D 297 10.40 -5.51 -0.88
N THR D 298 11.71 -5.47 -0.60
CA THR D 298 12.75 -4.79 -1.43
C THR D 298 13.87 -5.76 -1.82
N LYS D 299 14.00 -6.90 -1.12
CA LYS D 299 15.09 -7.88 -1.33
C LYS D 299 14.86 -8.61 -2.66
N ASP D 300 15.77 -8.41 -3.62
CA ASP D 300 15.75 -9.06 -4.96
C ASP D 300 16.69 -10.27 -4.90
N LEU D 301 16.14 -11.42 -4.50
CA LEU D 301 16.88 -12.67 -4.25
C LEU D 301 17.54 -13.16 -5.54
N LEU D 302 16.81 -13.13 -6.66
CA LEU D 302 17.31 -13.56 -7.99
C LEU D 302 18.54 -12.73 -8.39
N ALA D 303 18.46 -11.40 -8.27
CA ALA D 303 19.56 -10.46 -8.63
C ALA D 303 20.79 -10.71 -7.76
N ASP D 304 20.59 -11.03 -6.47
CA ASP D 304 21.70 -11.26 -5.49
C ASP D 304 22.37 -12.61 -5.80
N LEU D 305 21.58 -13.61 -6.17
CA LEU D 305 22.08 -14.96 -6.55
C LEU D 305 22.88 -14.89 -7.85
N ILE D 306 22.33 -14.22 -8.87
CA ILE D 306 23.01 -14.08 -10.20
C ILE D 306 24.29 -13.26 -10.00
N GLY D 307 24.16 -12.03 -9.49
CA GLY D 307 25.28 -11.14 -9.14
C GLY D 307 26.09 -10.71 -10.35
N CYS D 308 25.42 -10.41 -11.47
CA CYS D 308 26.03 -10.03 -12.79
C CYS D 308 27.11 -11.04 -13.19
N GLN D 309 26.74 -12.32 -13.36
CA GLN D 309 27.67 -13.43 -13.70
C GLN D 309 27.61 -13.73 -15.20
N ARG D 310 26.49 -13.44 -15.87
CA ARG D 310 26.22 -13.79 -17.29
C ARG D 310 26.51 -15.30 -17.49
N LEU D 311 25.55 -16.15 -17.12
CA LEU D 311 25.71 -17.64 -17.06
C LEU D 311 25.22 -18.28 -18.36
N PRO D 312 25.69 -19.51 -18.69
CA PRO D 312 25.06 -20.32 -19.73
C PRO D 312 23.65 -20.76 -19.30
N GLU D 313 22.79 -21.10 -20.27
CA GLU D 313 21.33 -21.34 -20.09
C GLU D 313 21.10 -22.43 -19.01
N ASP D 314 21.91 -23.48 -18.97
CA ASP D 314 21.70 -24.66 -18.09
C ASP D 314 21.89 -24.24 -16.61
N GLN D 315 22.90 -23.42 -16.31
CA GLN D 315 23.21 -22.90 -14.95
C GLN D 315 22.17 -21.84 -14.55
N ARG D 316 21.82 -20.93 -15.48
CA ARG D 316 20.76 -19.90 -15.31
C ARG D 316 19.47 -20.56 -14.80
N LYS D 317 19.04 -21.67 -15.41
CA LYS D 317 17.80 -22.39 -15.04
C LYS D 317 17.92 -22.89 -13.59
N LYS D 318 19.04 -23.54 -13.24
CA LYS D 318 19.31 -24.08 -11.89
C LYS D 318 19.32 -22.95 -10.85
N VAL D 319 19.81 -21.76 -11.21
CA VAL D 319 19.86 -20.58 -10.29
C VAL D 319 18.41 -20.10 -10.03
N HIS D 320 17.61 -19.93 -11.09
CA HIS D 320 16.16 -19.60 -11.01
C HIS D 320 15.44 -20.60 -10.11
N GLN D 321 15.79 -21.89 -10.18
CA GLN D 321 15.15 -22.98 -9.40
C GLN D 321 15.60 -22.89 -7.93
N LEU D 322 16.85 -22.47 -7.68
CA LEU D 322 17.34 -22.20 -6.30
C LEU D 322 16.54 -21.00 -5.74
N LYS D 323 16.37 -19.94 -6.54
CA LYS D 323 15.55 -18.77 -6.15
C LYS D 323 14.18 -19.28 -5.68
N ASP D 324 13.47 -20.07 -6.51
CA ASP D 324 12.11 -20.58 -6.18
C ASP D 324 12.17 -21.43 -4.90
N LEU D 325 13.16 -22.32 -4.78
CA LEU D 325 13.32 -23.19 -3.58
C LEU D 325 13.47 -22.31 -2.34
N LEU D 326 14.33 -21.29 -2.42
CA LEU D 326 14.59 -20.35 -1.30
C LEU D 326 13.30 -19.62 -0.93
N ASP D 327 12.58 -19.08 -1.92
CA ASP D 327 11.27 -18.42 -1.72
C ASP D 327 10.33 -19.35 -0.92
N GLN D 328 10.35 -20.65 -1.21
CA GLN D 328 9.44 -21.66 -0.56
C GLN D 328 9.96 -22.03 0.84
N ILE D 329 11.27 -21.95 1.08
CA ILE D 329 11.90 -22.32 2.39
C ILE D 329 11.71 -21.17 3.38
N LEU D 330 11.85 -19.93 2.91
CA LEU D 330 11.97 -18.71 3.74
C LEU D 330 10.61 -18.04 3.95
N MET D 331 9.51 -18.80 3.93
CA MET D 331 8.18 -18.32 4.40
C MET D 331 8.32 -18.02 5.90
N LEU D 332 7.84 -16.85 6.33
CA LEU D 332 8.02 -16.38 7.73
C LEU D 332 7.27 -17.32 8.69
N ASP D 333 6.06 -17.73 8.31
CA ASP D 333 5.22 -18.71 9.05
C ASP D 333 5.80 -20.10 8.78
N PRO D 334 6.30 -20.81 9.82
CA PRO D 334 6.79 -22.19 9.64
C PRO D 334 5.82 -23.10 8.87
N ALA D 335 4.53 -23.01 9.20
CA ALA D 335 3.42 -23.85 8.67
C ALA D 335 3.32 -23.73 7.14
N LYS D 336 3.74 -22.59 6.56
CA LYS D 336 3.71 -22.32 5.10
C LYS D 336 5.01 -22.76 4.42
N ARG D 337 6.02 -23.23 5.16
CA ARG D 337 7.33 -23.59 4.56
C ARG D 337 7.21 -24.95 3.85
N ILE D 338 7.84 -25.05 2.68
CA ILE D 338 8.08 -26.33 1.96
C ILE D 338 8.47 -27.39 3.01
N SER D 339 7.90 -28.59 2.88
CA SER D 339 8.26 -29.80 3.67
C SER D 339 9.58 -30.35 3.14
N ILE D 340 10.21 -31.24 3.90
CA ILE D 340 11.49 -31.92 3.55
C ILE D 340 11.28 -32.76 2.27
N ASN D 341 10.15 -33.46 2.15
CA ASN D 341 9.88 -34.36 1.00
C ASN D 341 9.66 -33.51 -0.26
N GLN D 342 8.94 -32.40 -0.15
CA GLN D 342 8.70 -31.44 -1.26
C GLN D 342 10.03 -30.77 -1.68
N ALA D 343 10.96 -30.57 -0.73
CA ALA D 343 12.31 -30.02 -0.95
C ALA D 343 13.13 -31.01 -1.78
N LEU D 344 13.24 -32.26 -1.33
CA LEU D 344 13.93 -33.38 -2.04
C LEU D 344 13.33 -33.58 -3.45
N GLN D 345 12.03 -33.30 -3.64
CA GLN D 345 11.32 -33.50 -4.94
C GLN D 345 11.41 -32.21 -5.78
N HIS D 346 11.97 -31.13 -5.25
CA HIS D 346 11.97 -29.79 -5.89
C HIS D 346 12.77 -29.82 -7.21
N ALA D 347 12.27 -29.12 -8.23
CA ALA D 347 12.89 -28.96 -9.56
C ALA D 347 14.42 -28.81 -9.42
N PHE D 348 14.86 -27.85 -8.59
CA PHE D 348 16.30 -27.53 -8.35
C PHE D 348 17.12 -28.82 -8.15
N ILE D 349 16.64 -29.75 -7.32
CA ILE D 349 17.35 -31.02 -7.03
C ILE D 349 17.07 -32.06 -8.12
N GLN D 350 15.86 -32.12 -8.69
CA GLN D 350 15.41 -33.22 -9.60
C GLN D 350 15.72 -32.88 -11.06
N GLU D 351 15.11 -31.82 -11.62
CA GLU D 351 15.31 -31.37 -13.02
C GLU D 351 16.79 -31.04 -13.24
N1 OCJ E . -12.77 -9.96 -27.98
C1 OCJ E . -13.08 -9.48 -26.76
O1 OCJ E . -14.24 -9.35 -26.39
C2 OCJ E . -11.96 -9.09 -25.85
S1 OCJ E . -12.30 -8.89 -24.18
C3 OCJ E . -10.63 -8.65 -23.80
C4 OCJ E . -9.88 -8.77 -24.93
C5 OCJ E . -10.64 -8.83 -26.11
C6 OCJ E . -10.12 -8.35 -22.42
C7 OCJ E . -8.97 -7.59 -22.27
C8 OCJ E . -8.44 -7.30 -21.03
C9 OCJ E . -9.03 -7.75 -19.88
C10 OCJ E . -10.18 -8.53 -19.98
C11 OCJ E . -10.75 -8.84 -21.24
S2 OCJ E . -11.08 -9.23 -18.67
C12 OCJ E . -12.22 -9.96 -19.78
C13 OCJ E . -11.93 -9.67 -21.09
C14 OCJ E . -13.32 -10.78 -19.22
O2 OCJ E . -13.36 -11.01 -18.01
C15 OCJ E . -13.76 -10.21 -29.02
C16 OCJ E . -13.76 -9.15 -30.11
N2 OCJ E . -14.23 -11.24 -20.05
C17 OCJ E . -13.95 -7.81 -29.78
C18 OCJ E . -13.96 -6.82 -30.77
C19 OCJ E . -13.77 -7.20 -32.10
C20 OCJ E . -13.58 -8.53 -32.42
C21 OCJ E . -13.58 -9.51 -31.44
N3 OCJ E . -14.14 -5.50 -30.43
C1 EDO F . -2.70 -15.73 -11.10
O1 EDO F . -2.17 -15.53 -9.82
C2 EDO F . -2.03 -14.90 -12.13
O2 EDO F . -0.91 -15.52 -12.76
P PO4 G . -3.32 1.97 -6.11
O1 PO4 G . -2.79 2.06 -7.55
O2 PO4 G . -3.61 0.49 -5.79
O3 PO4 G . -2.27 2.51 -5.15
O4 PO4 G . -4.62 2.79 -5.99
P PO4 H . -6.89 1.46 -3.49
O1 PO4 H . -6.16 0.68 -4.58
O2 PO4 H . -7.13 2.90 -3.94
O3 PO4 H . -6.05 1.45 -2.22
O4 PO4 H . -8.25 0.79 -3.21
P PO4 I . -26.83 -25.77 -24.36
O1 PO4 I . -25.83 -25.35 -25.43
O2 PO4 I . -28.19 -25.14 -24.66
O3 PO4 I . -26.96 -27.29 -24.38
O4 PO4 I . -26.34 -25.31 -22.99
N1 OCJ J . -3.88 2.68 9.11
C1 OCJ J . -5.07 2.57 9.71
O1 OCJ J . -5.31 1.68 10.53
C2 OCJ J . -6.10 3.58 9.37
S1 OCJ J . -7.59 3.53 10.25
C3 OCJ J . -8.20 4.92 9.42
C4 OCJ J . -7.28 5.37 8.50
C5 OCJ J . -6.12 4.58 8.44
C6 OCJ J . -9.54 5.50 9.69
C7 OCJ J . -10.27 6.02 8.64
C8 OCJ J . -11.54 6.55 8.81
C9 OCJ J . -12.12 6.59 10.06
C10 OCJ J . -11.41 6.07 11.15
C11 OCJ J . -10.12 5.53 10.99
S2 OCJ J . -11.94 6.02 12.78
C12 OCJ J . -10.47 5.23 13.29
C13 OCJ J . -9.60 5.04 12.26
C14 OCJ J . -10.35 4.88 14.72
O2 OCJ J . -11.24 5.26 15.49
C15 OCJ J . -2.69 1.93 9.52
C16 OCJ J . -2.34 0.77 8.62
N2 OCJ J . -9.30 4.19 15.10
C17 OCJ J . -2.96 0.62 7.38
C18 OCJ J . -2.64 -0.46 6.55
C19 OCJ J . -1.69 -1.38 6.99
C20 OCJ J . -1.08 -1.24 8.21
C21 OCJ J . -1.41 -0.17 9.03
N3 OCJ J . -3.25 -0.60 5.34
P PO4 K . 3.08 -1.28 29.07
O1 PO4 K . 3.77 -1.21 27.71
O2 PO4 K . 2.81 -2.75 29.43
O3 PO4 K . 3.98 -0.65 30.12
O4 PO4 K . 1.76 -0.52 29.01
C1 EDO L . 0.70 20.68 5.96
O1 EDO L . -0.53 21.35 5.77
C2 EDO L . 1.03 19.71 4.88
O2 EDO L . 2.19 20.08 4.15
C1 EDO M . 4.37 15.97 3.86
O1 EDO M . 3.20 15.83 4.64
C2 EDO M . 4.14 15.59 2.44
O2 EDO M . 2.78 15.36 2.14
C1 EDO N . 16.79 21.36 26.30
O1 EDO N . 18.17 21.30 26.02
C2 EDO N . 16.44 21.13 27.72
O2 EDO N . 15.22 20.43 27.88
P PO4 O . -29.50 10.36 7.73
O1 PO4 O . -28.72 10.42 6.42
O2 PO4 O . -30.74 11.25 7.62
O3 PO4 O . -28.62 10.86 8.89
O4 PO4 O . -29.93 8.92 8.00
N1 OCJ P . 0.21 46.97 -9.47
C1 OCJ P . 0.20 46.71 -8.16
O1 OCJ P . -0.59 47.28 -7.39
C2 OCJ P . 1.16 45.70 -7.64
S1 OCJ P . 0.98 45.17 -6.01
C3 OCJ P . 2.24 43.99 -6.20
C4 OCJ P . 2.73 44.01 -7.48
C5 OCJ P . 2.25 45.10 -8.23
C6 OCJ P . 2.72 43.14 -5.06
C7 OCJ P . 4.04 42.78 -5.00
C8 OCJ P . 4.55 42.01 -3.96
C9 OCJ P . 3.75 41.58 -2.94
C10 OCJ P . 2.39 41.95 -2.97
C11 OCJ P . 1.87 42.74 -4.01
S2 OCJ P . 1.20 41.55 -1.79
C12 OCJ P . -0.04 42.37 -2.70
C13 OCJ P . 0.44 42.97 -3.82
C14 OCJ P . -1.43 42.36 -2.20
O2 OCJ P . -1.69 41.80 -1.13
C15 OCJ P . -0.77 47.80 -10.14
C16 OCJ P . -0.32 49.20 -10.49
N2 OCJ P . -2.35 42.95 -2.94
C17 OCJ P . 1.01 49.58 -10.33
C18 OCJ P . 1.43 50.87 -10.65
C19 OCJ P . 0.50 51.78 -11.14
C20 OCJ P . -0.82 51.41 -11.30
C21 OCJ P . -1.23 50.13 -10.99
N3 OCJ P . 2.75 51.24 -10.49
P PO4 Q . 14.75 36.04 10.03
O1 PO4 Q . 15.11 36.93 8.84
O2 PO4 Q . 13.45 35.27 9.73
O3 PO4 Q . 15.89 35.05 10.27
O4 PO4 Q . 14.55 36.91 11.26
P PO4 R . -21.37 46.24 -6.74
O1 PO4 R . -20.52 46.73 -7.90
O2 PO4 R . -22.02 47.43 -6.04
O3 PO4 R . -20.48 45.48 -5.75
O4 PO4 R . -22.44 45.30 -7.28
C1 EDO S . -22.33 27.46 -24.49
O1 EDO S . -21.27 27.78 -23.58
C2 EDO S . -21.94 27.53 -25.92
O2 EDO S . -20.58 27.85 -26.15
N1 OCJ T . 37.60 -25.89 10.95
C1 OCJ T . 37.19 -26.67 11.97
O1 OCJ T . 37.03 -26.24 13.11
C2 OCJ T . 36.94 -28.10 11.68
S1 OCJ T . 36.42 -29.11 12.98
C3 OCJ T . 36.34 -30.49 11.93
C4 OCJ T . 36.80 -30.18 10.69
C5 OCJ T . 37.07 -28.82 10.52
C6 OCJ T . 35.86 -31.82 12.39
C7 OCJ T . 36.40 -32.97 11.83
C8 OCJ T . 35.98 -34.23 12.22
C9 OCJ T . 35.03 -34.39 13.19
C10 OCJ T . 34.47 -33.25 13.79
C11 OCJ T . 34.88 -31.96 13.39
S2 OCJ T . 33.27 -33.21 15.03
C12 OCJ T . 33.23 -31.46 14.99
C13 OCJ T . 34.16 -30.94 14.14
C14 OCJ T . 32.24 -30.75 15.83
O2 OCJ T . 31.45 -31.40 16.50
C15 OCJ T . 37.65 -24.43 10.98
C16 OCJ T . 39.02 -23.85 10.73
N2 OCJ T . 32.28 -29.43 15.82
C17 OCJ T . 40.12 -24.67 10.54
C18 OCJ T . 41.39 -24.13 10.31
C19 OCJ T . 41.53 -22.75 10.27
C20 OCJ T . 40.45 -21.93 10.45
C21 OCJ T . 39.19 -22.47 10.68
N3 OCJ T . 42.48 -24.95 10.13
C1 EDO U . 24.31 -40.78 9.93
O1 EDO U . 23.71 -40.46 8.69
C2 EDO U . 23.33 -41.02 11.03
O2 EDO U . 23.57 -40.28 12.22
C1 EDO V . 26.64 -7.43 10.77
O1 EDO V . 27.21 -6.20 10.34
C2 EDO V . 27.44 -8.11 11.83
O2 EDO V . 26.66 -8.58 12.92
P PO4 W . 35.93 -51.18 18.90
O1 PO4 W . 37.24 -50.63 18.33
O2 PO4 W . 35.72 -52.61 18.39
O3 PO4 W . 36.01 -51.19 20.43
O4 PO4 W . 34.76 -50.31 18.45
C1 EDO X . 23.05 -11.63 20.11
O1 EDO X . 21.95 -11.62 19.21
C2 EDO X . 23.82 -12.89 20.09
O2 EDO X . 22.99 -14.03 19.89
#